data_3Q1G
#
_entry.id   3Q1G
#
_cell.length_a   209.660
_cell.length_b   76.770
_cell.length_c   147.830
_cell.angle_alpha   90.00
_cell.angle_beta   109.43
_cell.angle_gamma   90.00
#
_symmetry.space_group_name_H-M   'C 1 2 1'
#
loop_
_entity.id
_entity.type
_entity.pdbx_description
1 polymer 'Benzoyl-CoA oxygenase component B'
2 non-polymer 'SULFATE ION'
3 non-polymer 'CHLORIDE ION'
4 non-polymer 'FE (III) ION'
5 non-polymer 'HYDROXIDE ION'
6 water water
#
_entity_poly.entity_id   1
_entity_poly.type   'polypeptide(L)'
_entity_poly.pdbx_seq_one_letter_code
;MINYSERIPNNVNLNENKTLQRALEQWQPSFLNWWDDMGPENSSNYDVYLRTAVSVDPKGWADFGYVKMHDYRWGIFLAP
QEGEKKITFGEHKGQDVWQEVPGEYRSTLRRIIVTQGDTEPASVEQQRHLGLTAPSLYDLRNLFQVNVEEGRHLWAMVYL
LHAHFGRDGREEGEALLERRSGDEDNPRILTAFNEKTPDWLSFFMFTFITDRDGKFQLASLAESAFDPLARTCKFMLTEE
AHHLFVGESGIARVIQRTCEVMKELGTDDPAKLRAAGVIDLPTLQKYLNFHYSVTSDLYGAEISSNAATYYTNGLKGRFE
EEKIGDDHKLQNSEYEVMDVAGDKILTRHVPALSALNERLRDDWITDVQAGVDRWNRIPAKFGFDFRFTLPHKGFHRKIG
MFADVHVSPDGRLISEAEWTHQHKNWLPTESDRLYVHSLMGRCLEPGKFANWIAAPARGINNQPVNFEYVRFNWSHPQFE
K
;
_entity_poly.pdbx_strand_id   A,B,C,D
#
loop_
_chem_comp.id
_chem_comp.type
_chem_comp.name
_chem_comp.formula
CL non-polymer 'CHLORIDE ION' 'Cl -1'
FE non-polymer 'FE (III) ION' 'Fe 3'
OH non-polymer 'HYDROXIDE ION' 'H O -1'
SO4 non-polymer 'SULFATE ION' 'O4 S -2'
#
# COMPACT_ATOMS: atom_id res chain seq x y z
N SER A 5 -1.47 13.66 37.64
CA SER A 5 -1.05 13.43 36.23
C SER A 5 -1.24 14.72 35.41
N GLU A 6 -0.38 14.90 34.40
CA GLU A 6 -0.51 15.92 33.36
C GLU A 6 -0.93 15.21 32.05
N ARG A 7 -1.26 15.96 31.01
CA ARG A 7 -1.60 15.37 29.71
C ARG A 7 -0.41 14.61 29.04
N ILE A 8 0.78 15.19 29.03
CA ILE A 8 1.98 14.47 28.61
C ILE A 8 3.00 14.44 29.75
N PRO A 9 3.05 13.32 30.50
CA PRO A 9 4.02 13.17 31.57
C PRO A 9 5.43 13.30 31.03
N ASN A 10 6.32 13.91 31.81
CA ASN A 10 7.68 14.15 31.37
C ASN A 10 8.57 14.75 32.45
N ASN A 11 9.87 14.59 32.29
CA ASN A 11 10.85 15.20 33.17
C ASN A 11 11.72 16.22 32.42
N VAL A 12 11.14 16.87 31.41
CA VAL A 12 11.86 17.86 30.62
C VAL A 12 11.15 19.23 30.63
N ASN A 13 10.40 19.51 31.69
CA ASN A 13 9.71 20.80 31.87
C ASN A 13 8.97 21.21 30.60
N LEU A 14 8.27 20.24 30.02
CA LEU A 14 7.47 20.46 28.81
C LEU A 14 6.48 21.58 29.08
N ASN A 15 5.94 21.58 30.29
CA ASN A 15 5.05 22.62 30.78
C ASN A 15 5.50 24.05 30.49
N GLU A 16 6.79 24.30 30.58
CA GLU A 16 7.34 25.65 30.49
C GLU A 16 7.75 26.08 29.08
N ASN A 17 7.46 25.23 28.09
CA ASN A 17 7.56 25.60 26.68
C ASN A 17 6.21 25.38 26.04
N LYS A 18 5.38 26.42 26.03
CA LYS A 18 4.00 26.29 25.55
C LYS A 18 3.90 25.92 24.09
N THR A 19 4.74 26.52 23.24
CA THR A 19 4.73 26.22 21.80
C THR A 19 5.05 24.75 21.51
N LEU A 20 6.04 24.20 22.20
CA LEU A 20 6.42 22.81 22.05
C LEU A 20 5.33 21.88 22.61
N GLN A 21 4.84 22.20 23.80
CA GLN A 21 3.74 21.46 24.41
C GLN A 21 2.52 21.34 23.45
N ARG A 22 2.09 22.46 22.88
CA ARG A 22 0.93 22.48 21.96
C ARG A 22 1.19 21.71 20.68
N ALA A 23 2.40 21.78 20.15
CA ALA A 23 2.77 21.05 18.95
C ALA A 23 2.65 19.52 19.16
N LEU A 24 3.14 19.04 20.31
CA LEU A 24 3.01 17.62 20.68
C LEU A 24 1.59 17.20 21.03
N GLU A 25 0.81 18.12 21.58
CA GLU A 25 -0.60 17.87 21.87
C GLU A 25 -1.40 17.79 20.58
N GLN A 26 -0.93 18.49 19.57
CA GLN A 26 -1.51 18.44 18.23
C GLN A 26 -1.24 17.07 17.57
N TRP A 27 -0.10 16.48 17.89
CA TRP A 27 0.32 15.20 17.30
C TRP A 27 -0.29 14.01 18.03
N GLN A 28 -0.53 14.17 19.32
CA GLN A 28 -1.10 13.11 20.15
C GLN A 28 -2.35 12.37 19.60
N PRO A 29 -3.39 13.10 19.15
CA PRO A 29 -4.57 12.38 18.63
C PRO A 29 -4.25 11.50 17.43
N SER A 30 -3.24 11.89 16.67
CA SER A 30 -2.82 11.16 15.49
C SER A 30 -2.09 9.89 15.94
N PHE A 31 -1.25 10.02 16.95
CA PHE A 31 -0.61 8.87 17.54
C PHE A 31 -1.64 7.86 18.04
N LEU A 32 -2.66 8.37 18.74
CA LEU A 32 -3.70 7.51 19.26
C LEU A 32 -4.52 6.86 18.15
N ASN A 33 -4.72 7.57 17.04
CA ASN A 33 -5.36 6.96 15.87
C ASN A 33 -4.54 5.78 15.32
N TRP A 34 -3.23 6.00 15.20
CA TRP A 34 -2.31 4.96 14.81
C TRP A 34 -2.31 3.78 15.81
N TRP A 35 -2.34 4.05 17.10
CA TRP A 35 -2.38 2.97 18.06
C TRP A 35 -3.65 2.14 17.92
N ASP A 36 -4.79 2.79 17.76
CA ASP A 36 -6.04 2.09 17.62
C ASP A 36 -6.13 1.25 16.34
N ASP A 37 -5.49 1.70 15.25
CA ASP A 37 -5.50 0.96 13.98
C ASP A 37 -4.44 -0.10 13.88
N MET A 38 -3.22 0.21 14.33
CA MET A 38 -2.09 -0.68 14.12
C MET A 38 -1.53 -1.24 15.41
N GLY A 39 -2.10 -0.88 16.55
CA GLY A 39 -1.74 -1.52 17.82
C GLY A 39 -2.35 -2.91 17.91
N PRO A 40 -2.23 -3.54 19.08
CA PRO A 40 -2.66 -4.95 19.24
C PRO A 40 -4.12 -5.20 18.94
N GLU A 41 -4.40 -6.13 18.01
CA GLU A 41 -5.77 -6.40 17.55
C GLU A 41 -6.77 -6.60 18.70
N ASN A 42 -7.95 -6.02 18.56
CA ASN A 42 -9.11 -6.27 19.46
C ASN A 42 -8.87 -5.92 20.94
N SER A 43 -7.90 -5.08 21.21
CA SER A 43 -7.44 -4.88 22.60
C SER A 43 -8.00 -3.63 23.28
N SER A 44 -8.79 -2.84 22.57
CA SER A 44 -9.22 -1.54 23.09
C SER A 44 -9.89 -1.67 24.46
N ASN A 45 -10.59 -2.76 24.71
CA ASN A 45 -11.28 -2.91 25.98
C ASN A 45 -10.64 -3.91 26.96
N TYR A 46 -9.36 -4.24 26.77
CA TYR A 46 -8.66 -5.09 27.74
C TYR A 46 -8.02 -4.24 28.85
N ASP A 47 -8.08 -4.73 30.09
CA ASP A 47 -7.26 -4.18 31.18
C ASP A 47 -5.98 -5.01 31.27
N VAL A 48 -4.84 -4.36 31.10
CA VAL A 48 -3.54 -5.04 31.08
C VAL A 48 -2.69 -4.55 32.25
N TYR A 49 -2.07 -5.48 32.97
CA TYR A 49 -1.20 -5.15 34.08
C TYR A 49 0.14 -4.70 33.53
N LEU A 50 0.32 -3.39 33.43
CA LEU A 50 1.49 -2.81 32.79
C LEU A 50 2.35 -1.94 33.70
N ARG A 51 3.63 -1.91 33.38
CA ARG A 51 4.58 -0.96 33.93
C ARG A 51 4.46 0.38 33.18
N THR A 52 4.40 1.46 33.95
CA THR A 52 4.42 2.80 33.37
C THR A 52 5.51 3.63 34.02
N ALA A 53 6.44 4.12 33.20
CA ALA A 53 7.48 5.03 33.66
C ALA A 53 6.86 6.37 34.03
N VAL A 54 7.11 6.82 35.25
CA VAL A 54 6.67 8.14 35.68
C VAL A 54 7.84 9.10 35.94
N SER A 55 9.06 8.55 35.97
CA SER A 55 10.28 9.29 36.34
C SER A 55 11.55 8.49 35.91
N VAL A 56 12.70 8.84 36.48
CA VAL A 56 13.97 8.21 36.11
C VAL A 56 14.83 7.75 37.28
N ASP A 57 14.47 8.09 38.52
CA ASP A 57 15.29 7.66 39.68
C ASP A 57 15.55 6.16 39.49
N PRO A 58 16.84 5.73 39.56
CA PRO A 58 17.15 4.29 39.46
C PRO A 58 16.60 3.42 40.60
N LYS A 59 16.15 4.04 41.70
CA LYS A 59 15.62 3.32 42.87
C LYS A 59 14.15 2.90 42.73
N GLY A 60 13.44 3.54 41.80
CA GLY A 60 12.02 3.29 41.57
C GLY A 60 11.53 4.35 40.58
N TRP A 61 11.05 3.91 39.43
CA TRP A 61 10.85 4.82 38.29
C TRP A 61 9.64 4.45 37.45
N ALA A 62 8.85 3.51 37.97
CA ALA A 62 7.82 2.84 37.20
C ALA A 62 6.72 2.29 38.10
N ASP A 63 5.49 2.72 37.80
CA ASP A 63 4.27 2.24 38.44
C ASP A 63 3.86 0.95 37.76
N PHE A 64 3.26 0.05 38.52
CA PHE A 64 2.54 -1.09 37.99
C PHE A 64 1.07 -0.97 38.31
N GLY A 65 0.23 -1.37 37.36
CA GLY A 65 -1.20 -1.32 37.51
C GLY A 65 -1.92 -1.71 36.23
N TYR A 66 -3.21 -1.98 36.36
CA TYR A 66 -4.05 -2.26 35.22
C TYR A 66 -4.35 -0.95 34.51
N VAL A 67 -4.30 -0.99 33.17
CA VAL A 67 -4.76 0.11 32.36
C VAL A 67 -5.20 -0.40 31.00
N LYS A 68 -6.22 0.25 30.43
CA LYS A 68 -6.56 0.04 29.03
C LYS A 68 -5.50 0.74 28.21
N MET A 69 -4.97 0.05 27.20
CA MET A 69 -3.79 0.53 26.49
C MET A 69 -3.99 1.84 25.72
N HIS A 70 -5.22 2.13 25.29
CA HIS A 70 -5.51 3.41 24.64
C HIS A 70 -5.21 4.57 25.59
N ASP A 71 -5.37 4.32 26.90
CA ASP A 71 -5.15 5.31 27.95
C ASP A 71 -3.77 5.25 28.58
N TYR A 72 -2.84 4.50 27.99
CA TYR A 72 -1.50 4.40 28.55
C TYR A 72 -0.85 5.78 28.63
N ARG A 73 -0.15 6.04 29.73
CA ARG A 73 0.51 7.33 29.97
C ARG A 73 1.87 7.42 29.27
N TRP A 74 1.84 7.48 27.95
CA TRP A 74 3.05 7.69 27.18
C TRP A 74 3.66 9.04 27.56
N GLY A 75 4.95 9.03 27.87
CA GLY A 75 5.66 10.25 28.25
C GLY A 75 7.08 10.37 27.72
N ILE A 76 7.68 11.53 27.98
CA ILE A 76 9.01 11.86 27.52
C ILE A 76 9.91 11.89 28.73
N PHE A 77 10.91 11.01 28.76
CA PHE A 77 11.82 10.91 29.90
C PHE A 77 13.26 10.82 29.42
N LEU A 78 14.06 11.81 29.80
CA LEU A 78 15.47 11.85 29.49
C LEU A 78 16.28 11.56 30.75
N ALA A 79 17.47 10.99 30.58
CA ALA A 79 18.39 10.81 31.68
C ALA A 79 18.68 12.20 32.18
N PRO A 80 19.01 12.33 33.48
CA PRO A 80 19.26 13.69 34.00
C PRO A 80 20.43 14.40 33.30
N GLN A 81 20.33 15.71 33.15
CA GLN A 81 21.38 16.48 32.50
C GLN A 81 22.62 16.64 33.38
N GLU A 82 23.80 16.33 32.84
CA GLU A 82 25.06 16.40 33.58
C GLU A 82 25.63 17.80 33.50
N GLY A 83 26.35 18.19 34.55
CA GLY A 83 26.99 19.49 34.62
C GLY A 83 28.26 19.42 33.81
N GLU A 84 28.38 20.29 32.79
CA GLU A 84 29.60 20.42 31.95
C GLU A 84 30.00 19.14 31.28
N LYS A 85 29.03 18.45 30.69
CA LYS A 85 29.32 17.26 29.94
C LYS A 85 30.12 17.73 28.73
N LYS A 86 31.19 17.00 28.47
CA LYS A 86 32.07 17.23 27.32
C LYS A 86 31.87 16.13 26.26
N ILE A 87 32.11 16.50 25.00
CA ILE A 87 32.17 15.61 23.88
C ILE A 87 33.40 14.71 24.04
N THR A 88 33.23 13.40 23.93
CA THR A 88 34.28 12.46 24.32
C THR A 88 35.02 11.84 23.14
N PHE A 89 34.69 12.25 21.91
CA PHE A 89 35.31 11.62 20.75
C PHE A 89 35.19 12.49 19.52
N GLY A 90 36.08 12.27 18.57
CA GLY A 90 35.99 12.94 17.27
C GLY A 90 36.71 14.26 17.22
N GLU A 91 36.52 15.02 16.15
CA GLU A 91 37.22 16.31 16.04
C GLU A 91 36.82 17.30 17.15
N HIS A 92 35.64 17.12 17.76
CA HIS A 92 35.15 18.00 18.83
C HIS A 92 35.42 17.48 20.24
N LYS A 93 36.21 16.43 20.38
CA LYS A 93 36.60 15.96 21.71
C LYS A 93 37.05 17.16 22.56
N GLY A 94 36.58 17.20 23.80
CA GLY A 94 37.00 18.22 24.76
C GLY A 94 36.07 19.43 24.87
N GLN A 95 35.33 19.71 23.82
CA GLN A 95 34.41 20.84 23.84
C GLN A 95 33.10 20.46 24.56
N ASP A 96 32.32 21.48 24.92
CA ASP A 96 31.02 21.26 25.57
C ASP A 96 30.07 20.50 24.66
N VAL A 97 29.23 19.66 25.24
CA VAL A 97 28.15 19.04 24.45
C VAL A 97 27.15 20.08 23.92
N TRP A 98 26.31 19.67 22.98
CA TRP A 98 25.38 20.57 22.31
C TRP A 98 23.98 20.43 22.86
N GLN A 99 23.36 21.56 23.18
CA GLN A 99 21.96 21.61 23.61
C GLN A 99 21.07 21.84 22.42
N GLU A 100 21.60 22.50 21.41
CA GLU A 100 20.92 22.63 20.13
C GLU A 100 21.76 22.00 19.04
N VAL A 101 21.13 21.75 17.92
CA VAL A 101 21.77 21.02 16.84
C VAL A 101 22.42 21.99 15.85
N PRO A 102 23.75 21.87 15.63
CA PRO A 102 24.45 22.78 14.73
C PRO A 102 23.99 22.61 13.32
N GLY A 103 23.81 23.73 12.59
CA GLY A 103 23.31 23.73 11.23
C GLY A 103 24.00 22.74 10.28
N GLU A 104 25.32 22.69 10.30
CA GLU A 104 26.07 21.76 9.42
C GLU A 104 25.64 20.28 9.59
N TYR A 105 25.17 19.92 10.80
CA TYR A 105 24.81 18.54 11.11
C TYR A 105 23.29 18.29 11.10
N ARG A 106 22.52 19.36 10.94
CA ARG A 106 21.07 19.31 11.13
C ARG A 106 20.42 18.15 10.35
N SER A 107 20.67 18.07 9.05
CA SER A 107 19.96 17.06 8.27
C SER A 107 20.47 15.66 8.55
N THR A 108 21.76 15.53 8.81
CA THR A 108 22.33 14.22 9.13
C THR A 108 21.71 13.66 10.44
N LEU A 109 21.70 14.46 11.49
CA LEU A 109 21.11 14.08 12.78
C LEU A 109 19.59 13.83 12.65
N ARG A 110 18.91 14.59 11.78
CA ARG A 110 17.49 14.40 11.55
C ARG A 110 17.22 13.00 11.01
N ARG A 111 17.98 12.62 9.98
CA ARG A 111 17.82 11.32 9.37
C ARG A 111 18.17 10.18 10.34
N ILE A 112 19.12 10.43 11.22
CA ILE A 112 19.46 9.43 12.21
C ILE A 112 18.27 9.22 13.12
N ILE A 113 17.70 10.31 13.61
CA ILE A 113 16.58 10.27 14.54
C ILE A 113 15.35 9.66 13.88
N VAL A 114 15.06 10.10 12.66
CA VAL A 114 13.91 9.59 11.91
C VAL A 114 14.03 8.09 11.65
N THR A 115 15.21 7.65 11.22
CA THR A 115 15.41 6.22 10.97
C THR A 115 15.24 5.39 12.24
N GLN A 116 15.78 5.88 13.36
CA GLN A 116 15.58 5.20 14.66
C GLN A 116 14.11 5.24 15.00
N GLY A 117 13.47 6.40 14.78
CA GLY A 117 12.05 6.53 15.09
C GLY A 117 11.18 5.50 14.37
N ASP A 118 11.50 5.28 13.10
CA ASP A 118 10.67 4.50 12.18
C ASP A 118 10.61 3.04 12.61
N THR A 119 11.69 2.52 13.20
CA THR A 119 11.71 1.12 13.61
C THR A 119 10.74 0.85 14.76
N GLU A 120 10.40 1.89 15.51
CA GLU A 120 9.60 1.73 16.73
C GLU A 120 8.17 1.33 16.42
N PRO A 121 7.41 2.17 15.69
CA PRO A 121 6.07 1.73 15.32
C PRO A 121 6.09 0.52 14.36
N ALA A 122 7.18 0.35 13.63
CA ALA A 122 7.28 -0.77 12.71
C ALA A 122 7.16 -2.05 13.50
N SER A 123 7.83 -2.10 14.66
CA SER A 123 7.75 -3.35 15.47
C SER A 123 6.34 -3.67 15.93
N VAL A 124 5.62 -2.63 16.34
CA VAL A 124 4.25 -2.82 16.79
C VAL A 124 3.39 -3.30 15.61
N GLU A 125 3.62 -2.72 14.44
CA GLU A 125 2.86 -3.12 13.25
C GLU A 125 3.11 -4.57 12.87
N GLN A 126 4.38 -4.98 12.96
CA GLN A 126 4.74 -6.37 12.71
C GLN A 126 4.15 -7.36 13.70
N GLN A 127 3.90 -6.91 14.92
CA GLN A 127 3.48 -7.80 16.02
C GLN A 127 2.00 -7.70 16.41
N ARG A 128 1.22 -6.89 15.71
CA ARG A 128 -0.18 -6.62 16.10
C ARG A 128 -1.13 -7.81 16.15
N HIS A 129 -0.83 -8.85 15.37
CA HIS A 129 -1.74 -10.02 15.32
C HIS A 129 -1.41 -11.06 16.38
N LEU A 130 -0.20 -11.02 16.92
CA LEU A 130 0.32 -12.05 17.85
C LEU A 130 -0.55 -12.37 19.06
N GLY A 131 -1.26 -11.37 19.58
CA GLY A 131 -2.15 -11.57 20.73
C GLY A 131 -3.16 -12.69 20.57
N LEU A 132 -3.71 -12.83 19.37
CA LEU A 132 -4.72 -13.86 19.10
C LEU A 132 -4.24 -15.27 19.23
N THR A 133 -2.92 -15.50 19.26
CA THR A 133 -2.38 -16.87 19.49
C THR A 133 -1.48 -17.00 20.73
N ALA A 134 -1.65 -16.10 21.70
CA ALA A 134 -0.72 -15.98 22.83
C ALA A 134 -0.70 -17.24 23.65
N PRO A 135 0.49 -17.74 23.98
CA PRO A 135 0.57 -19.03 24.69
C PRO A 135 0.23 -18.97 26.18
N SER A 136 0.01 -17.77 26.73
CA SER A 136 -0.32 -17.59 28.14
C SER A 136 -0.62 -16.14 28.44
N LEU A 137 -1.34 -15.88 29.53
CA LEU A 137 -1.62 -14.49 29.95
C LEU A 137 -0.32 -13.78 30.23
N TYR A 138 0.61 -14.49 30.85
CA TYR A 138 1.94 -13.95 31.11
C TYR A 138 2.58 -13.49 29.81
N ASP A 139 2.51 -14.32 28.77
CA ASP A 139 3.16 -13.97 27.52
C ASP A 139 2.44 -12.80 26.83
N LEU A 140 1.11 -12.79 26.87
CA LEU A 140 0.32 -11.73 26.24
C LEU A 140 0.67 -10.39 26.87
N ARG A 141 0.79 -10.41 28.19
CA ARG A 141 1.13 -9.19 28.89
C ARG A 141 2.53 -8.68 28.52
N ASN A 142 3.48 -9.60 28.41
CA ASN A 142 4.81 -9.24 27.95
C ASN A 142 4.79 -8.64 26.59
N LEU A 143 4.00 -9.20 25.69
CA LEU A 143 3.92 -8.67 24.34
C LEU A 143 3.40 -7.24 24.43
N PHE A 144 2.35 -7.04 25.20
CA PHE A 144 1.74 -5.74 25.30
C PHE A 144 2.67 -4.74 25.95
N GLN A 145 3.43 -5.20 26.94
CA GLN A 145 4.42 -4.32 27.58
C GLN A 145 5.44 -3.87 26.55
N VAL A 146 6.02 -4.80 25.79
CA VAL A 146 6.93 -4.41 24.72
C VAL A 146 6.23 -3.42 23.79
N ASN A 147 5.00 -3.73 23.37
CA ASN A 147 4.30 -2.83 22.42
C ASN A 147 4.14 -1.38 22.92
N VAL A 148 3.73 -1.20 24.17
CA VAL A 148 3.53 0.18 24.68
C VAL A 148 4.86 0.92 24.82
N GLU A 149 5.92 0.19 25.11
CA GLU A 149 7.22 0.81 25.23
C GLU A 149 7.79 1.20 23.88
N GLU A 150 7.56 0.37 22.87
CA GLU A 150 7.97 0.78 21.51
C GLU A 150 7.18 2.03 21.08
N GLY A 151 5.93 2.10 21.52
CA GLY A 151 5.14 3.31 21.35
C GLY A 151 5.85 4.47 21.99
N ARG A 152 6.31 4.28 23.23
CA ARG A 152 6.96 5.37 23.95
C ARG A 152 8.24 5.79 23.26
N HIS A 153 8.90 4.84 22.62
CA HIS A 153 10.10 5.17 21.88
C HIS A 153 9.80 6.04 20.69
N LEU A 154 8.63 5.85 20.05
CA LEU A 154 8.19 6.76 19.00
C LEU A 154 7.98 8.15 19.56
N TRP A 155 7.35 8.25 20.73
CA TRP A 155 7.20 9.54 21.40
C TRP A 155 8.57 10.14 21.69
N ALA A 156 9.53 9.33 22.14
CA ALA A 156 10.88 9.82 22.49
C ALA A 156 11.51 10.56 21.31
N MET A 157 11.38 9.98 20.11
CA MET A 157 12.01 10.55 18.90
C MET A 157 11.18 11.72 18.29
N VAL A 158 9.85 11.59 18.28
CA VAL A 158 9.00 12.67 17.84
C VAL A 158 9.22 13.91 18.75
N TYR A 159 9.52 13.69 20.04
CA TYR A 159 9.82 14.81 20.94
C TYR A 159 11.04 15.55 20.43
N LEU A 160 12.10 14.81 20.11
CA LEU A 160 13.32 15.42 19.62
C LEU A 160 13.07 16.17 18.34
N LEU A 161 12.30 15.56 17.42
CA LEU A 161 11.99 16.19 16.12
C LEU A 161 11.28 17.54 16.33
N HIS A 162 10.21 17.55 17.11
CA HIS A 162 9.50 18.79 17.41
C HIS A 162 10.37 19.79 18.14
N ALA A 163 11.10 19.34 19.15
CA ALA A 163 11.87 20.23 20.02
C ALA A 163 13.05 20.89 19.34
N HIS A 164 13.68 20.21 18.39
CA HIS A 164 14.95 20.65 17.86
C HIS A 164 15.08 20.66 16.32
N PHE A 165 14.02 20.32 15.59
CA PHE A 165 14.11 20.29 14.13
C PHE A 165 13.02 21.03 13.37
N GLY A 166 12.39 22.01 14.03
CA GLY A 166 11.52 22.96 13.35
C GLY A 166 10.42 22.34 12.52
N ARG A 167 10.20 22.98 11.37
CA ARG A 167 9.11 22.66 10.46
C ARG A 167 9.14 21.23 9.98
N ASP A 168 10.31 20.82 9.50
CA ASP A 168 10.43 19.50 8.95
C ASP A 168 10.36 18.43 10.03
N GLY A 169 10.82 18.77 11.24
CA GLY A 169 10.62 17.89 12.38
C GLY A 169 9.15 17.57 12.59
N ARG A 170 8.34 18.61 12.54
CA ARG A 170 6.91 18.47 12.68
C ARG A 170 6.40 17.54 11.56
N GLU A 171 6.81 17.84 10.33
CA GLU A 171 6.47 17.03 9.15
C GLU A 171 6.95 15.57 9.32
N GLU A 172 8.15 15.35 9.87
CA GLU A 172 8.65 13.97 10.12
C GLU A 172 7.81 13.19 11.13
N GLY A 173 7.31 13.87 12.14
CA GLY A 173 6.44 13.26 13.14
C GLY A 173 5.14 12.75 12.53
N GLU A 174 4.63 13.48 11.56
CA GLU A 174 3.45 13.07 10.86
C GLU A 174 3.72 11.83 10.05
N ALA A 175 4.79 11.91 9.28
CA ALA A 175 5.11 10.88 8.29
C ALA A 175 5.42 9.57 8.97
N LEU A 176 6.04 9.65 10.15
CA LEU A 176 6.25 8.46 10.98
C LEU A 176 4.96 7.63 11.22
N LEU A 177 3.79 8.26 11.20
CA LEU A 177 2.52 7.58 11.40
C LEU A 177 1.86 7.15 10.09
N GLU A 178 2.42 7.61 8.98
CA GLU A 178 1.80 7.38 7.68
C GLU A 178 2.46 6.21 6.93
N ARG A 179 3.68 5.85 7.30
CA ARG A 179 4.32 4.67 6.73
C ARG A 179 3.85 3.48 7.52
N ARG A 180 3.95 2.31 6.92
CA ARG A 180 3.31 1.11 7.46
C ARG A 180 4.08 -0.15 7.06
N SER A 181 4.47 -0.95 8.04
CA SER A 181 5.28 -2.16 7.83
C SER A 181 4.71 -3.07 6.75
N GLY A 182 5.53 -3.38 5.77
CA GLY A 182 5.12 -4.21 4.62
C GLY A 182 4.24 -3.56 3.55
N ASP A 183 3.82 -2.32 3.74
CA ASP A 183 2.98 -1.64 2.75
C ASP A 183 3.69 -1.41 1.40
N GLU A 184 2.96 -1.58 0.31
CA GLU A 184 3.56 -1.47 -1.02
C GLU A 184 3.97 -0.02 -1.36
N ASP A 185 3.16 0.94 -0.94
CA ASP A 185 3.32 2.33 -1.30
C ASP A 185 4.08 3.17 -0.27
N ASN A 186 3.89 2.86 1.02
CA ASN A 186 4.60 3.58 2.07
C ASN A 186 5.16 2.64 3.09
N PRO A 187 6.14 1.84 2.68
CA PRO A 187 6.78 0.91 3.57
C PRO A 187 7.66 1.62 4.54
N ARG A 188 7.99 0.93 5.61
CA ARG A 188 8.94 1.41 6.58
C ARG A 188 10.31 1.42 5.93
N ILE A 189 11.25 2.11 6.56
CA ILE A 189 12.49 2.48 5.91
C ILE A 189 13.45 1.31 5.74
N LEU A 190 13.59 0.48 6.76
CA LEU A 190 14.55 -0.62 6.70
C LEU A 190 13.85 -1.97 6.41
N THR A 191 14.55 -2.80 5.62
CA THR A 191 14.01 -4.06 5.16
C THR A 191 13.59 -4.98 6.33
N ALA A 192 14.43 -5.14 7.34
CA ALA A 192 14.06 -5.98 8.48
C ALA A 192 12.74 -5.60 9.14
N PHE A 193 12.34 -4.33 9.05
CA PHE A 193 11.09 -3.84 9.66
C PHE A 193 9.87 -3.88 8.72
N ASN A 194 10.05 -4.45 7.52
CA ASN A 194 8.94 -4.77 6.65
C ASN A 194 8.66 -6.28 6.57
N GLU A 195 9.49 -7.09 7.23
CA GLU A 195 9.27 -8.54 7.31
C GLU A 195 8.05 -8.88 8.16
N LYS A 196 7.39 -9.98 7.81
CA LYS A 196 6.39 -10.60 8.69
C LYS A 196 7.06 -11.10 9.97
N THR A 197 6.33 -10.99 11.09
CA THR A 197 6.68 -11.69 12.34
C THR A 197 5.51 -12.62 12.55
N PRO A 198 5.56 -13.78 11.87
CA PRO A 198 4.37 -14.58 11.65
C PRO A 198 3.95 -15.48 12.79
N ASP A 199 4.80 -15.65 13.81
CA ASP A 199 4.49 -16.52 14.92
C ASP A 199 5.28 -16.14 16.18
N TRP A 200 5.02 -16.81 17.30
CA TRP A 200 5.62 -16.43 18.58
C TRP A 200 7.08 -16.84 18.67
N LEU A 201 7.48 -17.85 17.93
CA LEU A 201 8.89 -18.18 17.91
C LEU A 201 9.65 -17.01 17.24
N SER A 202 9.12 -16.47 16.14
CA SER A 202 9.78 -15.35 15.50
C SER A 202 9.83 -14.14 16.42
N PHE A 203 8.75 -13.93 17.16
CA PHE A 203 8.67 -12.80 18.06
C PHE A 203 9.76 -12.85 19.11
N PHE A 204 9.91 -14.01 19.76
CA PHE A 204 10.96 -14.13 20.76
C PHE A 204 12.36 -13.96 20.15
N MET A 205 12.58 -14.47 18.94
CA MET A 205 13.87 -14.24 18.28
C MET A 205 14.04 -12.80 17.91
N PHE A 206 12.97 -12.17 17.49
CA PHE A 206 13.04 -10.78 17.13
C PHE A 206 13.46 -9.96 18.34
N THR A 207 12.76 -10.13 19.45
CA THR A 207 13.08 -9.33 20.60
C THR A 207 14.42 -9.76 21.16
N PHE A 208 14.88 -10.97 20.89
CA PHE A 208 16.22 -11.37 21.37
C PHE A 208 17.33 -10.81 20.49
N ILE A 209 17.13 -10.78 19.17
CA ILE A 209 18.17 -10.44 18.21
C ILE A 209 18.01 -9.04 17.64
N THR A 210 16.84 -8.72 17.13
CA THR A 210 16.64 -7.46 16.44
C THR A 210 16.49 -6.29 17.40
N ASP A 211 15.78 -6.46 18.51
CA ASP A 211 15.77 -5.42 19.54
C ASP A 211 17.20 -5.20 20.04
N ARG A 212 18.06 -6.22 19.93
CA ARG A 212 19.44 -6.04 20.33
C ARG A 212 20.22 -5.10 19.42
N ASP A 213 19.87 -5.08 18.14
CA ASP A 213 20.37 -4.05 17.24
C ASP A 213 19.94 -2.70 17.73
N GLY A 214 18.70 -2.60 18.21
CA GLY A 214 18.24 -1.40 18.90
C GLY A 214 19.23 -1.04 20.00
N LYS A 215 19.53 -2.01 20.88
CA LYS A 215 20.43 -1.75 22.00
C LYS A 215 21.68 -1.05 21.47
N PHE A 216 22.31 -1.65 20.46
CA PHE A 216 23.64 -1.18 20.08
C PHE A 216 23.62 0.16 19.32
N GLN A 217 22.58 0.39 18.52
CA GLN A 217 22.43 1.65 17.83
C GLN A 217 22.18 2.75 18.86
N LEU A 218 21.30 2.45 19.82
CA LEU A 218 20.98 3.40 20.88
C LEU A 218 22.20 3.68 21.78
N ALA A 219 22.99 2.66 22.10
CA ALA A 219 24.16 2.85 22.96
C ALA A 219 25.18 3.75 22.28
N SER A 220 25.25 3.66 20.96
CA SER A 220 26.14 4.50 20.16
C SER A 220 25.62 5.91 20.10
N LEU A 221 24.32 6.07 19.94
CA LEU A 221 23.71 7.40 19.95
C LEU A 221 23.76 8.00 21.37
N ALA A 222 23.81 7.14 22.41
CA ALA A 222 23.89 7.58 23.80
C ALA A 222 25.19 8.34 24.12
N GLU A 223 26.19 8.19 23.24
CA GLU A 223 27.45 8.91 23.34
C GLU A 223 27.39 10.26 22.61
N SER A 224 26.31 10.53 21.90
CA SER A 224 26.29 11.64 20.97
C SER A 224 26.61 13.00 21.59
N ALA A 225 27.36 13.82 20.86
CA ALA A 225 27.55 15.25 21.19
C ALA A 225 26.21 15.99 21.31
N PHE A 226 25.18 15.49 20.62
CA PHE A 226 23.88 16.12 20.72
C PHE A 226 23.16 15.61 21.94
N ASP A 227 23.29 16.35 23.04
CA ASP A 227 23.04 15.79 24.37
C ASP A 227 21.60 15.42 24.64
N PRO A 228 20.63 16.15 24.09
CA PRO A 228 19.25 15.69 24.25
C PRO A 228 19.00 14.32 23.61
N LEU A 229 19.62 14.07 22.46
CA LEU A 229 19.61 12.71 21.88
C LEU A 229 20.29 11.72 22.84
N ALA A 230 21.46 12.08 23.32
CA ALA A 230 22.23 11.20 24.21
C ALA A 230 21.36 10.78 25.39
N ARG A 231 20.71 11.77 25.97
CA ARG A 231 19.92 11.54 27.17
C ARG A 231 18.64 10.79 26.93
N THR A 232 18.08 10.95 25.74
CA THR A 232 16.90 10.19 25.36
C THR A 232 17.27 8.71 25.32
N CYS A 233 18.38 8.43 24.63
CA CYS A 233 18.80 7.06 24.39
C CYS A 233 19.26 6.33 25.63
N LYS A 234 19.97 7.05 26.51
CA LYS A 234 20.39 6.45 27.77
C LYS A 234 19.20 5.80 28.44
N PHE A 235 18.09 6.52 28.51
CA PHE A 235 16.91 5.97 29.15
C PHE A 235 16.30 4.81 28.35
N MET A 236 16.18 5.01 27.04
CA MET A 236 15.62 4.00 26.20
C MET A 236 16.33 2.66 26.41
N LEU A 237 17.65 2.69 26.65
CA LEU A 237 18.41 1.43 26.86
C LEU A 237 17.86 0.61 28.02
N THR A 238 17.40 1.30 29.07
CA THR A 238 16.76 0.62 30.18
C THR A 238 15.50 -0.13 29.73
N GLU A 239 14.72 0.48 28.85
CA GLU A 239 13.55 -0.18 28.29
C GLU A 239 13.95 -1.34 27.37
N GLU A 240 14.98 -1.11 26.55
CA GLU A 240 15.42 -2.17 25.65
C GLU A 240 15.86 -3.39 26.44
N ALA A 241 16.43 -3.20 27.64
CA ALA A 241 16.81 -4.33 28.48
C ALA A 241 15.64 -5.29 28.73
N HIS A 242 14.44 -4.75 28.93
CA HIS A 242 13.25 -5.59 29.15
CA HIS A 242 13.30 -5.59 29.17
C HIS A 242 12.90 -6.39 27.91
N HIS A 243 13.08 -5.80 26.74
CA HIS A 243 12.71 -6.44 25.50
C HIS A 243 13.61 -7.63 25.24
N LEU A 244 14.90 -7.44 25.49
CA LEU A 244 15.88 -8.51 25.32
C LEU A 244 15.58 -9.64 26.30
N PHE A 245 15.20 -9.28 27.52
CA PHE A 245 14.82 -10.32 28.47
C PHE A 245 13.64 -11.18 27.94
N VAL A 246 12.60 -10.53 27.43
CA VAL A 246 11.46 -11.26 26.88
C VAL A 246 11.92 -12.27 25.80
N GLY A 247 12.81 -11.83 24.94
CA GLY A 247 13.29 -12.67 23.85
C GLY A 247 14.13 -13.81 24.34
N GLU A 248 15.15 -13.51 25.11
CA GLU A 248 16.04 -14.55 25.62
C GLU A 248 15.34 -15.60 26.44
N SER A 249 14.47 -15.22 27.36
CA SER A 249 13.77 -16.20 28.18
C SER A 249 12.63 -16.86 27.42
N GLY A 250 12.08 -16.16 26.42
CA GLY A 250 11.10 -16.77 25.52
C GLY A 250 11.67 -18.07 24.94
N ILE A 251 12.80 -17.92 24.25
CA ILE A 251 13.44 -19.05 23.61
C ILE A 251 13.93 -20.03 24.67
N ALA A 252 14.39 -19.54 25.82
CA ALA A 252 14.88 -20.46 26.86
C ALA A 252 13.77 -21.44 27.26
N ARG A 253 12.57 -20.91 27.41
CA ARG A 253 11.41 -21.64 27.90
C ARG A 253 10.90 -22.60 26.84
N VAL A 254 11.08 -22.23 25.57
CA VAL A 254 10.81 -23.14 24.47
C VAL A 254 11.84 -24.29 24.44
N ILE A 255 13.12 -23.97 24.59
CA ILE A 255 14.16 -25.00 24.66
C ILE A 255 13.91 -25.92 25.87
N GLN A 256 13.58 -25.34 27.02
CA GLN A 256 13.28 -26.13 28.24
C GLN A 256 12.20 -27.17 27.92
N ARG A 257 11.15 -26.70 27.27
CA ARG A 257 10.00 -27.53 27.02
C ARG A 257 10.31 -28.65 26.06
N THR A 258 11.06 -28.32 24.99
CA THR A 258 11.53 -29.34 24.06
C THR A 258 12.46 -30.36 24.74
N CYS A 259 13.37 -29.89 25.59
CA CYS A 259 14.22 -30.80 26.33
C CYS A 259 13.42 -31.69 27.29
N GLU A 260 12.43 -31.12 27.98
CA GLU A 260 11.56 -31.92 28.89
C GLU A 260 10.96 -33.07 28.09
N VAL A 261 10.48 -32.78 26.88
CA VAL A 261 9.82 -33.79 26.07
C VAL A 261 10.82 -34.80 25.45
N MET A 262 12.03 -34.36 25.11
CA MET A 262 13.05 -35.29 24.64
C MET A 262 13.37 -36.35 25.72
N LYS A 263 13.48 -35.91 26.98
CA LYS A 263 13.75 -36.80 28.10
C LYS A 263 12.56 -37.72 28.39
N GLU A 264 11.38 -37.13 28.37
CA GLU A 264 10.13 -37.81 28.67
C GLU A 264 9.83 -38.94 27.69
N LEU A 265 10.16 -38.72 26.41
CA LEU A 265 9.96 -39.73 25.37
C LEU A 265 11.22 -40.53 25.05
N GLY A 266 12.33 -40.25 25.73
CA GLY A 266 13.61 -40.92 25.45
C GLY A 266 14.00 -40.85 23.98
N THR A 267 13.67 -39.75 23.32
CA THR A 267 14.04 -39.60 21.91
C THR A 267 14.53 -38.22 21.47
N ASP A 268 15.14 -38.28 20.30
CA ASP A 268 15.87 -37.22 19.66
C ASP A 268 15.19 -36.83 18.32
N ASP A 269 14.29 -37.70 17.85
CA ASP A 269 13.80 -37.71 16.47
C ASP A 269 12.77 -36.62 16.23
N PRO A 270 13.01 -35.76 15.24
CA PRO A 270 12.11 -34.62 15.00
C PRO A 270 10.69 -35.04 14.77
N ALA A 271 10.49 -36.07 13.97
CA ALA A 271 9.16 -36.57 13.66
C ALA A 271 8.40 -36.85 14.97
N LYS A 272 9.06 -37.57 15.89
CA LYS A 272 8.44 -37.91 17.17
C LYS A 272 8.21 -36.68 18.04
N LEU A 273 9.17 -35.76 18.10
CA LEU A 273 9.02 -34.53 18.88
C LEU A 273 7.85 -33.69 18.37
N ARG A 274 7.72 -33.63 17.05
CA ARG A 274 6.62 -32.89 16.41
C ARG A 274 5.25 -33.56 16.55
N ALA A 275 5.23 -34.88 16.64
CA ALA A 275 4.01 -35.58 16.99
C ALA A 275 3.57 -35.12 18.39
N ALA A 276 4.51 -34.86 19.28
CA ALA A 276 4.19 -34.41 20.66
C ALA A 276 3.99 -32.89 20.77
N GLY A 277 4.07 -32.20 19.64
CA GLY A 277 3.74 -30.79 19.64
C GLY A 277 4.77 -29.84 20.24
N VAL A 278 6.05 -30.21 20.19
CA VAL A 278 7.16 -29.29 20.57
C VAL A 278 7.97 -28.84 19.34
N ILE A 279 8.75 -27.79 19.49
CA ILE A 279 9.60 -27.30 18.39
C ILE A 279 10.98 -27.90 18.56
N ASP A 280 11.36 -28.78 17.62
CA ASP A 280 12.64 -29.49 17.67
C ASP A 280 13.78 -28.49 17.61
N LEU A 281 14.87 -28.83 18.27
CA LEU A 281 15.97 -27.90 18.43
C LEU A 281 16.58 -27.47 17.07
N PRO A 282 16.70 -28.41 16.11
CA PRO A 282 17.27 -28.00 14.81
C PRO A 282 16.42 -26.96 14.11
N THR A 283 15.10 -27.10 14.19
CA THR A 283 14.22 -26.09 13.62
C THR A 283 14.44 -24.73 14.33
N LEU A 284 14.54 -24.75 15.64
CA LEU A 284 14.91 -23.55 16.39
C LEU A 284 16.20 -22.90 15.88
N GLN A 285 17.22 -23.73 15.65
CA GLN A 285 18.48 -23.27 15.11
C GLN A 285 18.28 -22.55 13.78
N LYS A 286 17.36 -23.03 12.94
CA LYS A 286 17.14 -22.35 11.64
C LYS A 286 16.54 -20.96 11.86
N TYR A 287 15.59 -20.86 12.80
CA TYR A 287 15.04 -19.57 13.16
C TYR A 287 16.15 -18.64 13.70
N LEU A 288 17.07 -19.18 14.47
CA LEU A 288 18.16 -18.34 14.98
C LEU A 288 18.96 -17.84 13.79
N ASN A 289 19.32 -18.76 12.90
CA ASN A 289 20.05 -18.39 11.67
C ASN A 289 19.34 -17.30 10.87
N PHE A 290 18.03 -17.39 10.78
CA PHE A 290 17.30 -16.40 9.99
C PHE A 290 17.37 -15.01 10.60
N HIS A 291 16.93 -14.90 11.85
CA HIS A 291 16.84 -13.58 12.48
C HIS A 291 18.21 -12.93 12.71
N TYR A 292 19.19 -13.76 13.03
CA TYR A 292 20.55 -13.30 13.23
C TYR A 292 21.09 -12.66 11.94
N SER A 293 21.06 -13.41 10.86
CA SER A 293 21.61 -12.95 9.59
C SER A 293 20.86 -11.76 9.08
N VAL A 294 19.55 -11.79 9.17
CA VAL A 294 18.77 -10.65 8.66
C VAL A 294 19.04 -9.41 9.49
N THR A 295 19.18 -9.56 10.78
CA THR A 295 19.43 -8.43 11.64
C THR A 295 20.83 -7.89 11.41
N SER A 296 21.79 -8.77 11.11
CA SER A 296 23.18 -8.32 10.92
C SER A 296 23.26 -7.28 9.81
N ASP A 297 22.44 -7.43 8.78
CA ASP A 297 22.44 -6.46 7.71
C ASP A 297 22.20 -4.99 8.21
N LEU A 298 21.46 -4.81 9.30
CA LEU A 298 21.09 -3.48 9.78
C LEU A 298 22.28 -2.63 10.17
N TYR A 299 23.44 -3.25 10.41
CA TYR A 299 24.59 -2.47 10.84
C TYR A 299 25.28 -1.77 9.69
N GLY A 300 24.90 -2.11 8.45
CA GLY A 300 25.43 -1.40 7.28
C GLY A 300 26.69 -2.01 6.67
N ALA A 301 27.24 -1.36 5.66
CA ALA A 301 28.42 -1.88 4.98
C ALA A 301 29.57 -1.97 6.00
N GLU A 302 30.39 -3.02 5.89
CA GLU A 302 31.54 -3.16 6.78
C GLU A 302 32.43 -1.92 6.63
N ILE A 303 32.66 -1.51 5.39
CA ILE A 303 33.50 -0.38 5.08
C ILE A 303 32.63 0.73 4.54
N SER A 304 32.73 1.89 5.18
CA SER A 304 31.78 2.97 4.96
C SER A 304 32.33 4.35 5.33
N SER A 305 32.33 5.25 4.37
CA SER A 305 32.85 6.59 4.63
C SER A 305 31.87 7.44 5.45
N ASN A 306 30.56 7.11 5.37
CA ASN A 306 29.55 7.86 6.13
C ASN A 306 29.66 7.61 7.62
N ALA A 307 29.87 6.35 8.01
CA ALA A 307 30.03 6.04 9.43
C ALA A 307 31.22 6.81 9.99
N ALA A 308 32.29 6.90 9.22
CA ALA A 308 33.48 7.68 9.61
C ALA A 308 33.16 9.15 9.92
N THR A 309 32.36 9.81 9.08
CA THR A 309 32.02 11.19 9.36
C THR A 309 31.10 11.30 10.59
N TYR A 310 30.18 10.35 10.80
CA TYR A 310 29.35 10.42 12.02
C TYR A 310 30.20 10.33 13.30
N TYR A 311 31.27 9.57 13.27
CA TYR A 311 32.19 9.56 14.42
C TYR A 311 32.99 10.88 14.51
N THR A 312 33.68 11.23 13.44
CA THR A 312 34.59 12.35 13.52
C THR A 312 33.83 13.62 13.95
N ASN A 313 32.59 13.75 13.48
CA ASN A 313 31.79 14.93 13.77
C ASN A 313 31.04 14.89 15.07
N GLY A 314 31.24 13.82 15.84
CA GLY A 314 30.64 13.71 17.17
C GLY A 314 29.17 13.30 17.20
N LEU A 315 28.62 12.89 16.05
CA LEU A 315 27.20 12.49 16.00
C LEU A 315 26.89 11.13 16.65
N LYS A 316 27.76 10.16 16.41
CA LYS A 316 27.50 8.78 16.84
C LYS A 316 28.81 8.15 17.27
N GLY A 317 28.89 7.71 18.52
CA GLY A 317 30.13 7.08 19.00
C GLY A 317 30.11 5.56 18.93
N ARG A 318 31.20 4.93 19.37
CA ARG A 318 31.26 3.46 19.42
C ARG A 318 30.59 2.96 20.68
N PHE A 319 30.17 1.71 20.67
CA PHE A 319 29.59 1.11 21.86
C PHE A 319 30.55 1.24 23.02
N GLU A 320 30.07 1.79 24.13
CA GLU A 320 30.89 2.03 25.33
C GLU A 320 32.17 2.75 24.99
N GLU A 321 32.02 3.83 24.21
CA GLU A 321 33.12 4.66 23.77
C GLU A 321 34.09 5.03 24.88
N GLU A 322 33.58 5.42 26.04
CA GLU A 322 34.46 5.92 27.13
C GLU A 322 35.33 4.86 27.79
N LYS A 323 35.01 3.58 27.62
CA LYS A 323 35.83 2.50 28.14
C LYS A 323 36.97 2.11 27.20
N ILE A 324 36.93 2.53 25.95
CA ILE A 324 37.91 2.03 24.99
C ILE A 324 39.21 2.78 25.21
N GLY A 325 40.32 2.04 25.24
CA GLY A 325 41.63 2.65 25.55
C GLY A 325 42.37 3.11 24.29
N ASP A 326 41.88 4.15 23.65
CA ASP A 326 42.63 4.74 22.54
C ASP A 326 42.44 6.24 22.54
N ASP A 327 42.89 6.92 21.49
CA ASP A 327 42.82 8.38 21.45
C ASP A 327 41.40 8.94 21.23
N HIS A 328 40.44 8.09 20.88
CA HIS A 328 39.06 8.51 20.56
C HIS A 328 39.01 9.50 19.38
N LYS A 329 39.90 9.29 18.42
CA LYS A 329 39.91 10.09 17.21
C LYS A 329 40.12 9.15 16.02
N LEU A 330 41.07 8.25 16.18
CA LEU A 330 41.17 7.03 15.37
C LEU A 330 41.80 7.24 13.99
N GLN A 331 42.38 8.41 13.76
CA GLN A 331 43.03 8.70 12.48
C GLN A 331 44.18 7.76 12.24
N ASN A 332 44.82 7.30 13.31
CA ASN A 332 45.94 6.38 13.19
C ASN A 332 45.67 5.01 13.76
N SER A 333 44.41 4.61 13.85
CA SER A 333 44.08 3.29 14.36
C SER A 333 43.59 2.39 13.25
N GLU A 334 43.66 1.09 13.51
CA GLU A 334 43.28 0.07 12.55
C GLU A 334 42.19 -0.78 13.12
N TYR A 335 41.48 -1.49 12.24
CA TYR A 335 40.53 -2.49 12.66
C TYR A 335 40.56 -3.65 11.66
N GLU A 336 40.38 -4.86 12.18
CA GLU A 336 40.47 -6.06 11.36
C GLU A 336 39.07 -6.48 10.90
N VAL A 337 38.91 -6.59 9.58
CA VAL A 337 37.67 -7.02 8.96
C VAL A 337 37.92 -8.17 8.00
N MET A 338 36.86 -8.78 7.50
CA MET A 338 36.98 -9.86 6.54
C MET A 338 37.12 -9.33 5.14
N ASP A 339 37.42 -10.23 4.21
CA ASP A 339 37.67 -9.90 2.83
C ASP A 339 37.42 -11.11 1.96
N VAL A 340 36.59 -10.93 0.93
CA VAL A 340 36.27 -11.98 -0.01
C VAL A 340 37.20 -11.86 -1.20
N ALA A 341 38.16 -12.76 -1.32
CA ALA A 341 39.16 -12.70 -2.38
C ALA A 341 39.21 -14.03 -3.06
N GLY A 342 38.66 -14.06 -4.26
CA GLY A 342 38.63 -15.27 -5.07
C GLY A 342 37.67 -16.22 -4.40
N ASP A 343 38.15 -17.43 -4.13
CA ASP A 343 37.33 -18.47 -3.55
C ASP A 343 37.67 -18.64 -2.06
N LYS A 344 38.12 -17.56 -1.41
CA LYS A 344 38.55 -17.63 -0.01
C LYS A 344 38.07 -16.43 0.78
N ILE A 345 37.79 -16.65 2.07
CA ILE A 345 37.44 -15.56 2.98
C ILE A 345 38.65 -15.30 3.85
N LEU A 346 39.29 -14.15 3.61
CA LEU A 346 40.49 -13.75 4.32
C LEU A 346 40.14 -12.66 5.31
N THR A 347 41.14 -12.16 5.99
CA THR A 347 40.98 -10.99 6.86
C THR A 347 41.98 -9.95 6.43
N ARG A 348 41.66 -8.69 6.67
CA ARG A 348 42.63 -7.63 6.48
C ARG A 348 42.40 -6.51 7.46
N HIS A 349 43.36 -5.59 7.49
CA HIS A 349 43.31 -4.44 8.38
C HIS A 349 42.96 -3.21 7.58
N VAL A 350 42.09 -2.37 8.14
CA VAL A 350 41.68 -1.16 7.45
C VAL A 350 41.69 -0.01 8.46
N PRO A 351 41.62 1.22 7.98
CA PRO A 351 41.59 2.32 8.97
C PRO A 351 40.37 2.15 9.91
N ALA A 352 40.57 2.33 11.20
CA ALA A 352 39.48 2.14 12.15
C ALA A 352 38.25 2.98 11.79
N LEU A 353 38.45 4.20 11.31
CA LEU A 353 37.31 5.11 11.04
C LEU A 353 36.35 4.58 9.96
N SER A 354 36.89 3.83 9.02
CA SER A 354 36.10 3.30 7.93
C SER A 354 35.38 1.99 8.29
N ALA A 355 35.75 1.36 9.44
CA ALA A 355 35.20 0.05 9.87
C ALA A 355 34.32 0.12 11.13
N LEU A 356 33.76 1.29 11.42
CA LEU A 356 32.92 1.47 12.61
C LEU A 356 31.64 0.63 12.58
N ASN A 357 31.00 0.55 11.43
CA ASN A 357 29.84 -0.34 11.34
C ASN A 357 30.20 -1.76 11.74
N GLU A 358 31.36 -2.25 11.31
CA GLU A 358 31.75 -3.61 11.60
C GLU A 358 32.11 -3.81 13.07
N ARG A 359 32.67 -2.77 13.68
CA ARG A 359 32.98 -2.83 15.08
C ARG A 359 31.70 -2.98 15.86
N LEU A 360 30.67 -2.23 15.49
CA LEU A 360 29.41 -2.28 16.21
C LEU A 360 28.71 -3.62 15.93
N ARG A 361 28.82 -4.11 14.70
CA ARG A 361 28.32 -5.44 14.37
C ARG A 361 29.05 -6.47 15.26
N ASP A 362 30.38 -6.40 15.33
CA ASP A 362 31.17 -7.35 16.19
C ASP A 362 30.75 -7.28 17.64
N ASP A 363 30.46 -6.09 18.14
CA ASP A 363 30.02 -5.92 19.53
C ASP A 363 28.68 -6.63 19.75
N TRP A 364 27.76 -6.42 18.82
CA TRP A 364 26.46 -7.11 18.81
C TRP A 364 26.60 -8.66 18.66
N ILE A 365 27.55 -9.12 17.86
CA ILE A 365 27.76 -10.57 17.74
C ILE A 365 28.13 -11.13 19.07
N THR A 366 29.04 -10.46 19.78
CA THR A 366 29.48 -10.91 21.11
C THR A 366 28.31 -11.01 22.05
N ASP A 367 27.45 -10.00 22.05
CA ASP A 367 26.33 -9.93 23.00
C ASP A 367 25.33 -11.08 22.72
N VAL A 368 24.98 -11.28 21.44
CA VAL A 368 24.12 -12.39 21.05
C VAL A 368 24.75 -13.71 21.46
N GLN A 369 26.06 -13.84 21.26
CA GLN A 369 26.72 -15.12 21.58
C GLN A 369 26.61 -15.42 23.06
N ALA A 370 26.72 -14.40 23.91
CA ALA A 370 26.63 -14.63 25.38
C ALA A 370 25.28 -15.22 25.72
N GLY A 371 24.24 -14.74 25.00
CA GLY A 371 22.90 -15.28 25.17
C GLY A 371 22.74 -16.71 24.66
N VAL A 372 23.38 -17.00 23.54
CA VAL A 372 23.34 -18.34 23.00
C VAL A 372 24.02 -19.30 23.97
N ASP A 373 25.11 -18.85 24.57
CA ASP A 373 25.78 -19.65 25.62
C ASP A 373 24.82 -19.97 26.77
N ARG A 374 24.02 -18.99 27.19
CA ARG A 374 23.05 -19.21 28.28
C ARG A 374 21.96 -20.20 27.91
N TRP A 375 21.44 -20.10 26.69
CA TRP A 375 20.52 -21.11 26.18
C TRP A 375 21.14 -22.49 26.19
N ASN A 376 22.41 -22.61 25.79
CA ASN A 376 23.08 -23.92 25.76
C ASN A 376 23.24 -24.60 27.12
N ARG A 377 23.12 -23.86 28.22
CA ARG A 377 23.11 -24.43 29.59
CA ARG A 377 23.18 -24.50 29.53
C ARG A 377 22.01 -25.47 29.74
N ILE A 378 20.91 -25.28 29.00
CA ILE A 378 19.71 -26.09 29.19
C ILE A 378 19.91 -27.51 28.68
N PRO A 379 20.26 -27.68 27.41
CA PRO A 379 20.57 -29.05 27.00
C PRO A 379 21.74 -29.69 27.74
N ALA A 380 22.73 -28.92 28.13
CA ALA A 380 23.83 -29.45 28.98
C ALA A 380 23.27 -30.00 30.30
N LYS A 381 22.33 -29.28 30.90
CA LYS A 381 21.73 -29.66 32.18
C LYS A 381 20.96 -30.96 32.01
N PHE A 382 20.44 -31.21 30.82
CA PHE A 382 19.75 -32.47 30.49
C PHE A 382 20.70 -33.56 30.01
N GLY A 383 21.99 -33.23 29.89
CA GLY A 383 22.99 -34.19 29.40
C GLY A 383 22.92 -34.42 27.90
N PHE A 384 22.34 -33.48 27.14
CA PHE A 384 22.24 -33.62 25.69
C PHE A 384 23.41 -32.96 25.01
N ASP A 385 23.83 -33.53 23.89
CA ASP A 385 24.95 -33.01 23.09
C ASP A 385 24.60 -31.79 22.26
N PHE A 386 23.31 -31.57 22.00
CA PHE A 386 22.93 -30.47 21.14
C PHE A 386 23.43 -29.11 21.66
N ARG A 387 24.01 -28.31 20.75
CA ARG A 387 24.40 -26.92 21.07
C ARG A 387 23.94 -25.97 19.94
N PHE A 388 23.38 -24.82 20.33
CA PHE A 388 23.12 -23.75 19.43
C PHE A 388 24.39 -23.02 19.11
N THR A 389 24.48 -22.55 17.88
CA THR A 389 25.63 -21.83 17.39
C THR A 389 25.15 -20.72 16.49
N LEU A 390 26.06 -19.79 16.23
CA LEU A 390 25.82 -18.68 15.32
C LEU A 390 26.49 -19.01 14.01
N PRO A 391 25.84 -18.75 12.90
CA PRO A 391 26.46 -19.01 11.63
C PRO A 391 27.50 -17.96 11.30
N HIS A 392 28.38 -18.28 10.37
CA HIS A 392 29.41 -17.40 9.93
C HIS A 392 28.79 -16.06 9.53
N LYS A 393 29.46 -14.95 9.88
CA LYS A 393 28.83 -13.65 9.78
C LYS A 393 28.44 -13.31 8.32
N GLY A 394 29.08 -13.99 7.36
CA GLY A 394 28.76 -13.77 5.95
C GLY A 394 27.55 -14.56 5.45
N PHE A 395 27.00 -15.42 6.28
CA PHE A 395 25.88 -16.27 5.87
C PHE A 395 24.61 -15.43 5.70
N HIS A 396 23.97 -15.54 4.52
CA HIS A 396 22.64 -15.03 4.29
C HIS A 396 22.59 -13.53 4.51
N ARG A 397 23.52 -12.83 3.87
CA ARG A 397 23.65 -11.36 3.99
C ARG A 397 23.35 -10.64 2.68
N LYS A 398 22.58 -9.56 2.77
CA LYS A 398 22.27 -8.78 1.57
C LYS A 398 22.94 -7.40 1.58
N ILE A 399 23.53 -7.01 2.72
CA ILE A 399 24.23 -5.76 2.86
C ILE A 399 25.70 -6.00 3.10
N GLY A 400 26.54 -5.37 2.29
CA GLY A 400 27.99 -5.34 2.50
C GLY A 400 28.77 -6.29 1.59
N MET A 401 30.02 -6.55 1.96
CA MET A 401 30.94 -7.33 1.11
C MET A 401 30.43 -8.72 0.80
N PHE A 402 29.56 -9.30 1.63
CA PHE A 402 28.97 -10.62 1.34
C PHE A 402 27.66 -10.62 0.50
N ALA A 403 27.20 -9.44 0.12
CA ALA A 403 25.89 -9.29 -0.51
C ALA A 403 25.73 -10.13 -1.78
N ASP A 404 26.76 -10.21 -2.61
CA ASP A 404 26.58 -10.79 -3.93
C ASP A 404 27.20 -12.17 -3.99
N VAL A 405 27.23 -12.85 -2.86
CA VAL A 405 27.95 -14.09 -2.72
C VAL A 405 27.21 -14.93 -1.66
N HIS A 406 27.43 -16.23 -1.65
CA HIS A 406 26.77 -17.11 -0.69
C HIS A 406 27.80 -17.78 0.21
N VAL A 407 27.47 -17.87 1.51
CA VAL A 407 28.33 -18.47 2.53
C VAL A 407 27.52 -19.43 3.40
N SER A 408 28.02 -20.62 3.60
CA SER A 408 27.38 -21.57 4.49
C SER A 408 27.56 -21.15 5.96
N PRO A 409 26.69 -21.65 6.85
CA PRO A 409 26.86 -21.40 8.27
C PRO A 409 28.25 -21.67 8.79
N ASP A 410 28.92 -22.70 8.26
CA ASP A 410 30.28 -23.03 8.70
C ASP A 410 31.38 -22.26 7.94
N GLY A 411 31.00 -21.28 7.11
CA GLY A 411 31.96 -20.31 6.54
C GLY A 411 32.63 -20.67 5.24
N ARG A 412 32.00 -21.51 4.44
CA ARG A 412 32.48 -21.84 3.11
C ARG A 412 31.79 -20.98 2.08
N LEU A 413 32.55 -20.44 1.13
CA LEU A 413 31.96 -19.81 -0.05
C LEU A 413 31.34 -20.94 -0.85
N ILE A 414 30.08 -20.77 -1.21
CA ILE A 414 29.37 -21.79 -1.95
C ILE A 414 28.67 -21.22 -3.19
N SER A 415 28.45 -22.09 -4.17
CA SER A 415 27.88 -21.71 -5.43
C SER A 415 26.40 -21.46 -5.25
N GLU A 416 25.80 -20.87 -6.26
CA GLU A 416 24.39 -20.56 -6.24
C GLU A 416 23.55 -21.86 -6.16
N ALA A 417 24.05 -22.91 -6.81
CA ALA A 417 23.36 -24.17 -6.86
C ALA A 417 23.33 -24.81 -5.48
N GLU A 418 24.48 -24.83 -4.82
CA GLU A 418 24.57 -25.31 -3.47
C GLU A 418 23.66 -24.55 -2.56
N TRP A 419 23.61 -23.21 -2.70
CA TRP A 419 22.74 -22.42 -1.84
C TRP A 419 21.28 -22.88 -2.07
N THR A 420 20.88 -22.93 -3.32
CA THR A 420 19.51 -23.32 -3.67
C THR A 420 19.17 -24.65 -3.09
N HIS A 421 20.06 -25.62 -3.25
CA HIS A 421 19.79 -26.97 -2.79
C HIS A 421 19.98 -27.24 -1.30
N GLN A 422 20.84 -26.49 -0.63
CA GLN A 422 21.18 -26.75 0.80
C GLN A 422 20.52 -25.79 1.81
N HIS A 423 20.09 -24.60 1.41
CA HIS A 423 19.58 -23.63 2.38
C HIS A 423 18.32 -24.06 3.17
N LYS A 424 17.58 -25.03 2.67
CA LYS A 424 16.50 -25.64 3.46
C LYS A 424 16.95 -26.25 4.79
N ASN A 425 18.25 -26.55 4.92
CA ASN A 425 18.81 -27.09 6.16
C ASN A 425 19.23 -25.99 7.12
N TRP A 426 19.26 -24.76 6.65
CA TRP A 426 19.83 -23.65 7.43
C TRP A 426 18.83 -22.54 7.74
N LEU A 427 17.77 -22.41 6.94
CA LEU A 427 16.74 -21.42 7.22
C LEU A 427 15.35 -22.05 7.18
N PRO A 428 14.37 -21.46 7.89
CA PRO A 428 13.07 -22.16 7.95
C PRO A 428 12.41 -22.31 6.59
N THR A 429 11.96 -23.52 6.30
CA THR A 429 11.16 -23.82 5.10
C THR A 429 9.70 -23.48 5.37
N GLU A 430 8.91 -23.55 4.31
CA GLU A 430 7.47 -23.29 4.40
C GLU A 430 6.86 -24.32 5.29
N SER A 431 7.30 -25.55 5.08
CA SER A 431 6.92 -26.67 5.93
C SER A 431 7.24 -26.37 7.40
N ASP A 432 8.43 -25.85 7.69
CA ASP A 432 8.78 -25.54 9.10
C ASP A 432 7.89 -24.41 9.65
N ARG A 433 7.65 -23.39 8.83
CA ARG A 433 6.78 -22.28 9.24
C ARG A 433 5.33 -22.72 9.44
N LEU A 434 4.83 -23.62 8.58
CA LEU A 434 3.49 -24.16 8.78
C LEU A 434 3.42 -25.00 10.06
N TYR A 435 4.46 -25.77 10.36
CA TYR A 435 4.42 -26.61 11.54
C TYR A 435 4.40 -25.72 12.81
N VAL A 436 5.30 -24.76 12.87
CA VAL A 436 5.38 -23.90 14.05
C VAL A 436 4.04 -23.16 14.26
N HIS A 437 3.48 -22.65 13.16
CA HIS A 437 2.19 -21.97 13.14
C HIS A 437 1.08 -22.87 13.68
N SER A 438 1.10 -24.15 13.35
CA SER A 438 0.06 -25.07 13.80
C SER A 438 0.03 -25.25 15.33
N LEU A 439 1.12 -24.94 16.02
CA LEU A 439 1.19 -25.06 17.49
C LEU A 439 0.64 -23.83 18.17
N MET A 440 0.38 -22.78 17.39
CA MET A 440 0.05 -21.47 17.97
C MET A 440 -1.43 -21.43 18.32
N GLY A 441 -1.78 -21.99 19.44
CA GLY A 441 -3.17 -21.95 19.88
C GLY A 441 -3.15 -21.12 21.12
N ARG A 442 -4.06 -20.15 21.23
CA ARG A 442 -4.08 -19.32 22.41
C ARG A 442 -4.46 -20.12 23.64
N CYS A 443 -3.98 -19.65 24.77
CA CYS A 443 -4.20 -20.26 26.05
C CYS A 443 -4.23 -19.13 27.09
N LEU A 444 -5.44 -18.79 27.54
CA LEU A 444 -5.68 -17.54 28.29
C LEU A 444 -6.11 -17.79 29.73
N GLU A 445 -6.19 -19.04 30.13
CA GLU A 445 -6.54 -19.32 31.51
C GLU A 445 -5.35 -19.06 32.45
N PRO A 446 -5.60 -18.39 33.58
CA PRO A 446 -4.51 -17.99 34.49
C PRO A 446 -3.56 -19.12 34.87
N GLY A 447 -2.26 -18.89 34.75
CA GLY A 447 -1.26 -19.85 35.12
C GLY A 447 -1.03 -21.00 34.18
N LYS A 448 -1.69 -21.01 33.02
CA LYS A 448 -1.56 -22.13 32.07
C LYS A 448 -0.76 -21.73 30.85
N PHE A 449 -0.06 -22.71 30.28
CA PHE A 449 0.84 -22.47 29.17
C PHE A 449 0.63 -23.46 28.03
N ALA A 450 0.63 -22.94 26.79
CA ALA A 450 0.52 -23.81 25.63
C ALA A 450 1.65 -24.83 25.69
N ASN A 451 1.35 -26.04 25.22
CA ASN A 451 2.24 -27.21 25.31
C ASN A 451 3.63 -27.01 24.70
N TRP A 452 3.81 -26.00 23.84
CA TRP A 452 5.10 -25.77 23.20
C TRP A 452 6.07 -24.87 23.95
N ILE A 453 5.65 -24.29 25.07
CA ILE A 453 6.56 -23.44 25.88
C ILE A 453 6.44 -23.76 27.38
N ALA A 454 7.54 -23.68 28.11
CA ALA A 454 7.54 -23.92 29.55
C ALA A 454 7.13 -22.65 30.30
N ALA A 455 6.73 -22.85 31.55
CA ALA A 455 6.40 -21.77 32.47
C ALA A 455 7.64 -20.94 32.72
N PRO A 456 7.48 -19.63 32.94
CA PRO A 456 8.65 -18.83 33.29
C PRO A 456 9.10 -19.13 34.71
N ALA A 457 10.33 -18.75 35.02
CA ALA A 457 10.90 -18.89 36.36
C ALA A 457 10.15 -18.05 37.38
N ARG A 458 9.71 -16.83 37.02
CA ARG A 458 8.91 -16.01 37.95
C ARG A 458 7.92 -15.10 37.24
N GLY A 459 7.09 -14.40 38.03
CA GLY A 459 6.09 -13.47 37.49
C GLY A 459 6.64 -12.08 37.24
N ILE A 460 5.76 -11.08 37.31
CA ILE A 460 6.10 -9.70 37.06
C ILE A 460 5.80 -8.93 38.33
N ASN A 461 6.65 -7.97 38.68
CA ASN A 461 6.46 -7.13 39.86
C ASN A 461 6.08 -7.97 41.06
N ASN A 462 6.71 -9.15 41.20
CA ASN A 462 6.48 -10.05 42.34
C ASN A 462 5.07 -10.64 42.45
N GLN A 463 4.27 -10.52 41.39
CA GLN A 463 2.98 -11.19 41.35
C GLN A 463 3.25 -12.64 40.98
N PRO A 464 2.40 -13.57 41.42
CA PRO A 464 2.63 -14.95 41.03
C PRO A 464 2.42 -15.19 39.54
N VAL A 465 2.92 -16.31 39.04
CA VAL A 465 2.84 -16.64 37.61
C VAL A 465 1.38 -16.84 37.15
N ASN A 466 0.51 -17.27 38.07
CA ASN A 466 -0.91 -17.45 37.75
C ASN A 466 -1.80 -16.22 38.03
N PHE A 467 -1.17 -15.06 38.22
CA PHE A 467 -1.86 -13.78 38.28
C PHE A 467 -2.59 -13.49 36.97
N GLU A 468 -3.64 -12.68 37.09
CA GLU A 468 -4.53 -12.34 35.98
C GLU A 468 -3.91 -11.12 35.28
N TYR A 469 -2.86 -11.39 34.52
CA TYR A 469 -2.08 -10.34 33.88
C TYR A 469 -2.85 -9.53 32.86
N VAL A 470 -3.85 -10.12 32.22
CA VAL A 470 -4.76 -9.37 31.35
C VAL A 470 -6.17 -9.75 31.76
N ARG A 471 -7.04 -8.77 32.01
CA ARG A 471 -8.48 -9.00 32.18
C ARG A 471 -9.18 -8.51 30.90
N PHE A 472 -10.05 -9.33 30.32
CA PHE A 472 -10.62 -9.05 29.00
C PHE A 472 -11.93 -8.29 29.08
N ASN A 473 -12.48 -8.35 30.30
N ASN A 473 -12.48 -8.17 30.29
CA ASN A 473 -13.70 -7.70 30.81
CA ASN A 473 -13.67 -7.34 30.55
C ASN A 473 -14.97 -8.58 30.75
C ASN A 473 -14.81 -7.57 29.53
N TRP A 474 -14.84 -9.78 30.20
N TRP A 474 -15.24 -8.82 29.41
CA TRP A 474 -15.80 -10.85 30.51
CA TRP A 474 -16.30 -9.19 28.48
C TRP A 474 -15.34 -11.46 31.85
C TRP A 474 -17.67 -8.76 29.00
N SER A 475 -14.03 -11.64 31.99
N SER A 475 -17.87 -8.86 30.32
CA SER A 475 -13.36 -11.86 33.30
CA SER A 475 -19.11 -8.41 30.95
C SER A 475 -11.95 -12.46 33.14
C SER A 475 -19.02 -6.92 31.32
N GLU B 6 16.32 -30.99 -35.06
CA GLU B 6 16.52 -32.32 -34.43
C GLU B 6 16.07 -32.24 -32.94
N ARG B 7 16.46 -33.20 -32.09
CA ARG B 7 16.20 -33.11 -30.63
C ARG B 7 16.62 -31.73 -30.11
N ILE B 8 17.86 -31.31 -30.42
CA ILE B 8 18.32 -29.97 -30.05
C ILE B 8 19.01 -29.31 -31.22
N PRO B 9 18.29 -28.47 -31.95
CA PRO B 9 18.88 -27.69 -33.06
C PRO B 9 20.04 -26.84 -32.56
N ASN B 10 21.07 -26.68 -33.40
CA ASN B 10 22.26 -25.94 -33.01
C ASN B 10 23.25 -25.81 -34.13
N ASN B 11 24.13 -24.81 -34.01
CA ASN B 11 25.25 -24.63 -34.92
C ASN B 11 26.59 -24.81 -34.22
N VAL B 12 26.63 -25.67 -33.20
CA VAL B 12 27.87 -25.94 -32.43
C VAL B 12 28.28 -27.41 -32.41
N ASN B 13 27.89 -28.15 -33.47
CA ASN B 13 28.23 -29.56 -33.63
C ASN B 13 27.97 -30.34 -32.34
N LEU B 14 26.82 -30.07 -31.72
CA LEU B 14 26.42 -30.75 -30.49
C LEU B 14 26.41 -32.26 -30.71
N ASN B 15 25.97 -32.64 -31.91
CA ASN B 15 26.01 -34.02 -32.39
C ASN B 15 27.30 -34.79 -32.14
N GLU B 16 28.43 -34.12 -32.26
CA GLU B 16 29.75 -34.76 -32.21
C GLU B 16 30.36 -34.79 -30.81
N ASN B 17 29.62 -34.32 -29.81
CA ASN B 17 30.01 -34.47 -28.41
C ASN B 17 28.88 -35.19 -27.73
N LYS B 18 28.95 -36.52 -27.70
CA LYS B 18 27.85 -37.33 -27.17
C LYS B 18 27.56 -37.02 -25.70
N THR B 19 28.61 -36.93 -24.89
CA THR B 19 28.44 -36.75 -23.45
C THR B 19 27.71 -35.44 -23.15
N LEU B 20 28.06 -34.39 -23.87
CA LEU B 20 27.43 -33.09 -23.75
C LEU B 20 25.99 -33.15 -24.27
N GLN B 21 25.81 -33.74 -25.44
CA GLN B 21 24.47 -33.94 -25.99
C GLN B 21 23.53 -34.65 -24.99
N ARG B 22 23.98 -35.78 -24.43
CA ARG B 22 23.17 -36.54 -23.44
C ARG B 22 22.86 -35.72 -22.18
N ALA B 23 23.84 -34.96 -21.69
CA ALA B 23 23.65 -34.14 -20.50
C ALA B 23 22.54 -33.07 -20.67
N LEU B 24 22.55 -32.40 -21.81
CA LEU B 24 21.49 -31.48 -22.18
C LEU B 24 20.14 -32.14 -22.43
N GLU B 25 20.15 -33.36 -23.00
CA GLU B 25 18.93 -34.11 -23.24
C GLU B 25 18.33 -34.56 -21.92
N GLN B 26 19.20 -34.77 -20.93
CA GLN B 26 18.78 -35.08 -19.55
C GLN B 26 18.10 -33.87 -18.89
N TRP B 27 18.52 -32.68 -19.27
CA TRP B 27 17.97 -31.46 -18.65
C TRP B 27 16.69 -30.98 -19.33
N GLN B 28 16.57 -31.28 -20.63
CA GLN B 28 15.40 -30.93 -21.45
C GLN B 28 14.03 -31.20 -20.79
N PRO B 29 13.78 -32.45 -20.35
CA PRO B 29 12.45 -32.70 -19.79
C PRO B 29 12.13 -31.78 -18.61
N SER B 30 13.15 -31.38 -17.88
CA SER B 30 12.98 -30.52 -16.72
C SER B 30 12.66 -29.10 -17.15
N PHE B 31 13.37 -28.63 -18.17
CA PHE B 31 13.02 -27.40 -18.77
C PHE B 31 11.57 -27.38 -19.21
N LEU B 32 11.14 -28.46 -19.91
CA LEU B 32 9.78 -28.50 -20.42
C LEU B 32 8.80 -28.50 -19.25
N ASN B 33 9.13 -29.19 -18.17
CA ASN B 33 8.27 -29.15 -16.98
C ASN B 33 8.10 -27.69 -16.46
N TRP B 34 9.22 -26.98 -16.39
CA TRP B 34 9.21 -25.58 -16.01
C TRP B 34 8.38 -24.74 -17.00
N TRP B 35 8.53 -25.00 -18.30
CA TRP B 35 7.76 -24.23 -19.25
C TRP B 35 6.26 -24.48 -19.05
N ASP B 36 5.86 -25.72 -18.85
CA ASP B 36 4.44 -26.02 -18.68
C ASP B 36 3.86 -25.41 -17.39
N ASP B 37 4.66 -25.29 -16.34
CA ASP B 37 4.18 -24.77 -15.05
C ASP B 37 4.25 -23.27 -14.97
N MET B 38 5.35 -22.69 -15.42
CA MET B 38 5.61 -21.27 -15.26
C MET B 38 5.56 -20.46 -16.56
N GLY B 39 5.37 -21.11 -17.69
CA GLY B 39 5.22 -20.42 -18.96
C GLY B 39 3.84 -19.78 -19.01
N PRO B 40 3.46 -19.29 -20.18
CA PRO B 40 2.18 -18.58 -20.32
C PRO B 40 0.93 -19.39 -19.95
N GLU B 41 0.11 -18.86 -19.04
CA GLU B 41 -1.05 -19.57 -18.51
C GLU B 41 -1.96 -20.09 -19.62
N ASN B 42 -2.42 -21.34 -19.47
CA ASN B 42 -3.47 -21.95 -20.31
C ASN B 42 -3.13 -22.14 -21.78
N SER B 43 -1.86 -22.08 -22.13
CA SER B 43 -1.42 -21.93 -23.51
C SER B 43 -0.98 -23.26 -24.17
N SER B 44 -1.06 -24.36 -23.44
CA SER B 44 -0.51 -25.59 -23.97
C SER B 44 -1.16 -25.99 -25.32
N ASN B 45 -2.42 -25.62 -25.54
CA ASN B 45 -3.06 -26.00 -26.79
C ASN B 45 -3.27 -24.87 -27.79
N TYR B 46 -2.57 -23.75 -27.63
CA TYR B 46 -2.64 -22.68 -28.62
C TYR B 46 -1.65 -22.92 -29.75
N ASP B 47 -2.04 -22.58 -30.98
CA ASP B 47 -1.10 -22.44 -32.09
C ASP B 47 -0.72 -20.98 -32.18
N VAL B 48 0.57 -20.67 -32.11
CA VAL B 48 1.06 -19.31 -32.12
C VAL B 48 1.98 -19.16 -33.31
N TYR B 49 1.80 -18.06 -34.05
CA TYR B 49 2.65 -17.74 -35.20
C TYR B 49 3.96 -17.18 -34.65
N LEU B 50 5.00 -18.01 -34.64
CA LEU B 50 6.27 -17.64 -34.02
C LEU B 50 7.47 -17.74 -34.95
N ARG B 51 8.45 -16.90 -34.64
CA ARG B 51 9.75 -16.95 -35.23
C ARG B 51 10.58 -17.99 -34.46
N THR B 52 11.24 -18.88 -35.19
CA THR B 52 12.17 -19.84 -34.59
C THR B 52 13.52 -19.64 -35.28
N ALA B 53 14.58 -19.50 -34.49
CA ALA B 53 15.94 -19.46 -35.02
C ALA B 53 16.30 -20.86 -35.49
N VAL B 54 17.08 -20.98 -36.57
CA VAL B 54 17.50 -22.30 -37.13
C VAL B 54 18.94 -22.29 -37.69
N SER B 55 19.40 -21.13 -38.17
CA SER B 55 20.82 -20.87 -38.40
C SER B 55 21.21 -19.50 -37.81
N VAL B 56 22.51 -19.21 -37.85
CA VAL B 56 23.09 -17.95 -37.40
C VAL B 56 23.47 -17.08 -38.59
N ASP B 57 22.70 -17.19 -39.68
CA ASP B 57 23.00 -16.51 -40.95
C ASP B 57 22.18 -15.23 -41.14
N PRO B 58 22.83 -14.04 -41.04
CA PRO B 58 22.27 -12.73 -41.42
C PRO B 58 21.43 -12.64 -42.69
N LYS B 59 21.67 -13.49 -43.70
CA LYS B 59 20.82 -13.45 -44.90
C LYS B 59 19.44 -14.10 -44.65
N GLY B 60 19.44 -15.24 -43.95
CA GLY B 60 18.20 -15.92 -43.57
C GLY B 60 18.39 -16.73 -42.31
N TRP B 61 18.00 -16.15 -41.19
CA TRP B 61 18.32 -16.74 -39.86
C TRP B 61 17.15 -17.43 -39.13
N ALA B 62 15.91 -17.08 -39.47
CA ALA B 62 14.74 -17.69 -38.80
C ALA B 62 13.48 -18.00 -39.66
N ASP B 63 12.81 -19.10 -39.26
CA ASP B 63 11.53 -19.57 -39.80
C ASP B 63 10.37 -18.91 -39.10
N PHE B 64 9.31 -18.63 -39.83
CA PHE B 64 8.04 -18.29 -39.24
C PHE B 64 7.03 -19.41 -39.50
N GLY B 65 6.17 -19.64 -38.53
CA GLY B 65 5.12 -20.62 -38.66
C GLY B 65 4.36 -20.78 -37.37
N TYR B 66 3.21 -21.44 -37.45
CA TYR B 66 2.41 -21.79 -36.28
C TYR B 66 3.08 -22.94 -35.55
N VAL B 67 3.13 -22.86 -34.23
CA VAL B 67 3.57 -23.96 -33.39
C VAL B 67 2.94 -23.86 -32.02
N LYS B 68 2.64 -24.99 -31.42
CA LYS B 68 2.31 -25.05 -30.00
C LYS B 68 3.58 -24.84 -29.22
N MET B 69 3.54 -23.96 -28.23
CA MET B 69 4.76 -23.52 -27.58
C MET B 69 5.51 -24.62 -26.82
N HIS B 70 4.83 -25.67 -26.39
CA HIS B 70 5.51 -26.80 -25.70
C HIS B 70 6.51 -27.46 -26.64
N ASP B 71 6.18 -27.42 -27.95
CA ASP B 71 6.96 -28.03 -29.03
C ASP B 71 7.93 -27.05 -29.70
N TYR B 72 8.12 -25.85 -29.12
CA TYR B 72 9.02 -24.89 -29.73
C TYR B 72 10.42 -25.52 -29.84
N ARG B 73 11.07 -25.28 -30.98
CA ARG B 73 12.41 -25.77 -31.26
C ARG B 73 13.49 -24.89 -30.60
N TRP B 74 13.57 -24.92 -29.28
CA TRP B 74 14.62 -24.24 -28.57
C TRP B 74 15.96 -24.82 -29.03
N GLY B 75 16.91 -23.93 -29.36
CA GLY B 75 18.25 -24.36 -29.77
C GLY B 75 19.40 -23.50 -29.30
N ILE B 76 20.62 -23.97 -29.57
CA ILE B 76 21.87 -23.31 -29.16
C ILE B 76 22.55 -22.73 -30.38
N PHE B 77 22.65 -21.41 -30.45
CA PHE B 77 23.20 -20.74 -31.62
C PHE B 77 24.24 -19.69 -31.24
N LEU B 78 25.48 -19.93 -31.64
CA LEU B 78 26.57 -19.01 -31.35
C LEU B 78 26.93 -18.29 -32.61
N ALA B 79 27.41 -17.05 -32.48
CA ALA B 79 27.94 -16.33 -33.61
C ALA B 79 29.11 -17.15 -34.15
N PRO B 80 29.39 -17.05 -35.47
CA PRO B 80 30.45 -17.89 -36.01
C PRO B 80 31.83 -17.57 -35.42
N GLN B 81 32.63 -18.61 -35.23
CA GLN B 81 33.95 -18.47 -34.63
C GLN B 81 34.92 -17.75 -35.55
N GLU B 82 35.60 -16.76 -35.01
CA GLU B 82 36.57 -15.99 -35.79
C GLU B 82 37.95 -16.64 -35.76
N GLY B 83 38.69 -16.46 -36.85
CA GLY B 83 40.03 -17.00 -36.96
C GLY B 83 40.96 -16.08 -36.20
N GLU B 84 41.64 -16.62 -35.17
CA GLU B 84 42.67 -15.88 -34.38
C GLU B 84 42.13 -14.63 -33.72
N LYS B 85 40.98 -14.78 -33.09
CA LYS B 85 40.40 -13.71 -32.32
C LYS B 85 41.33 -13.45 -31.13
N LYS B 86 41.65 -12.18 -30.91
CA LYS B 86 42.49 -11.78 -29.81
C LYS B 86 41.69 -11.05 -28.73
N ILE B 87 42.16 -11.21 -27.50
CA ILE B 87 41.63 -10.49 -26.34
C ILE B 87 41.92 -9.00 -26.53
N THR B 88 40.90 -8.15 -26.44
CA THR B 88 41.03 -6.75 -26.85
C THR B 88 41.19 -5.74 -25.69
N PHE B 89 41.24 -6.23 -24.46
CA PHE B 89 41.36 -5.37 -23.29
C PHE B 89 41.94 -6.10 -22.09
N GLY B 90 42.42 -5.32 -21.11
CA GLY B 90 42.84 -5.84 -19.82
C GLY B 90 44.29 -6.28 -19.79
N GLU B 91 44.69 -7.00 -18.75
CA GLU B 91 46.07 -7.49 -18.69
C GLU B 91 46.40 -8.52 -19.81
N HIS B 92 45.39 -9.17 -20.39
CA HIS B 92 45.60 -10.19 -21.43
C HIS B 92 45.46 -9.67 -22.85
N LYS B 93 45.33 -8.35 -23.00
CA LYS B 93 45.21 -7.75 -24.33
C LYS B 93 46.29 -8.31 -25.25
N GLY B 94 45.91 -8.70 -26.45
CA GLY B 94 46.87 -9.19 -27.43
C GLY B 94 47.00 -10.70 -27.52
N GLN B 95 46.69 -11.41 -26.44
CA GLN B 95 46.78 -12.88 -26.43
C GLN B 95 45.56 -13.48 -27.14
N ASP B 96 45.65 -14.77 -27.47
CA ASP B 96 44.51 -15.48 -28.08
C ASP B 96 43.36 -15.55 -27.10
N VAL B 97 42.13 -15.50 -27.63
CA VAL B 97 40.93 -15.73 -26.81
C VAL B 97 40.90 -17.15 -26.28
N TRP B 98 40.05 -17.39 -25.29
CA TRP B 98 39.98 -18.68 -24.63
C TRP B 98 38.84 -19.55 -25.18
N GLN B 99 39.14 -20.82 -25.45
CA GLN B 99 38.12 -21.79 -25.83
C GLN B 99 37.65 -22.53 -24.60
N GLU B 100 38.53 -22.67 -23.60
CA GLU B 100 38.15 -23.19 -22.30
C GLU B 100 38.34 -22.13 -21.24
N VAL B 101 37.73 -22.39 -20.09
CA VAL B 101 37.74 -21.44 -19.00
C VAL B 101 38.92 -21.71 -18.08
N PRO B 102 39.83 -20.71 -17.94
CA PRO B 102 40.98 -20.88 -17.03
C PRO B 102 40.56 -21.08 -15.58
N GLY B 103 41.26 -21.98 -14.87
CA GLY B 103 40.95 -22.30 -13.48
C GLY B 103 40.82 -21.10 -12.56
N GLU B 104 41.76 -20.16 -12.64
CA GLU B 104 41.71 -18.96 -11.78
C GLU B 104 40.42 -18.13 -11.96
N TYR B 105 39.79 -18.22 -13.12
CA TYR B 105 38.57 -17.45 -13.39
C TYR B 105 37.30 -18.30 -13.33
N ARG B 106 37.45 -19.60 -13.09
CA ARG B 106 36.32 -20.52 -13.24
C ARG B 106 35.09 -20.07 -12.46
N SER B 107 35.25 -19.82 -11.16
CA SER B 107 34.08 -19.55 -10.33
C SER B 107 33.51 -18.17 -10.59
N THR B 108 34.36 -17.23 -10.93
CA THR B 108 33.88 -15.90 -11.27
C THR B 108 33.02 -15.92 -12.53
N LEU B 109 33.52 -16.60 -13.56
CA LEU B 109 32.81 -16.72 -14.84
C LEU B 109 31.55 -17.59 -14.71
N ARG B 110 31.56 -18.56 -13.80
CA ARG B 110 30.36 -19.32 -13.51
C ARG B 110 29.25 -18.45 -12.94
N ARG B 111 29.59 -17.65 -11.94
CA ARG B 111 28.62 -16.78 -11.29
C ARG B 111 28.07 -15.74 -12.26
N ILE B 112 28.89 -15.27 -13.18
CA ILE B 112 28.44 -14.32 -14.19
C ILE B 112 27.40 -14.97 -15.09
N ILE B 113 27.70 -16.17 -15.58
CA ILE B 113 26.79 -16.90 -16.45
C ILE B 113 25.51 -17.28 -15.74
N VAL B 114 25.62 -17.71 -14.48
CA VAL B 114 24.44 -18.12 -13.71
C VAL B 114 23.51 -16.91 -13.47
N THR B 115 24.10 -15.78 -13.10
CA THR B 115 23.31 -14.57 -12.83
C THR B 115 22.61 -14.10 -14.09
N GLN B 116 23.32 -14.11 -15.20
CA GLN B 116 22.66 -13.79 -16.45
C GLN B 116 21.56 -14.84 -16.71
N GLY B 117 21.89 -16.11 -16.56
CA GLY B 117 20.90 -17.19 -16.79
C GLY B 117 19.63 -17.06 -15.98
N ASP B 118 19.77 -16.59 -14.75
CA ASP B 118 18.66 -16.49 -13.82
C ASP B 118 17.61 -15.48 -14.22
N THR B 119 18.05 -14.41 -14.87
CA THR B 119 17.09 -13.37 -15.26
C THR B 119 16.15 -13.83 -16.37
N GLU B 120 16.57 -14.85 -17.11
CA GLU B 120 15.84 -15.28 -18.30
C GLU B 120 14.51 -15.94 -17.93
N PRO B 121 14.53 -17.03 -17.16
CA PRO B 121 13.26 -17.60 -16.77
C PRO B 121 12.47 -16.70 -15.81
N ALA B 122 13.18 -15.83 -15.10
CA ALA B 122 12.54 -14.90 -14.16
C ALA B 122 11.56 -14.01 -14.95
N SER B 123 11.98 -13.53 -16.10
CA SER B 123 11.10 -12.67 -16.88
C SER B 123 9.83 -13.38 -17.32
N VAL B 124 9.95 -14.65 -17.71
CA VAL B 124 8.79 -15.44 -18.12
C VAL B 124 7.85 -15.60 -16.92
N GLU B 125 8.43 -15.94 -15.77
CA GLU B 125 7.65 -16.14 -14.56
C GLU B 125 6.87 -14.86 -14.18
N GLN B 126 7.51 -13.72 -14.34
CA GLN B 126 6.90 -12.43 -14.06
C GLN B 126 5.76 -12.08 -15.01
N GLN B 127 5.82 -12.61 -16.23
CA GLN B 127 4.87 -12.25 -17.30
C GLN B 127 3.85 -13.30 -17.66
N ARG B 128 3.81 -14.39 -16.90
N ARG B 128 3.78 -14.35 -16.85
CA ARG B 128 3.03 -15.56 -17.33
CA ARG B 128 3.06 -15.56 -17.25
C ARG B 128 1.52 -15.29 -17.36
C ARG B 128 1.52 -15.40 -17.21
N HIS B 129 1.04 -14.38 -16.51
CA HIS B 129 -0.41 -14.16 -16.41
C HIS B 129 -0.93 -13.17 -17.47
N LEU B 130 0.00 -12.42 -18.08
CA LEU B 130 -0.36 -11.31 -18.96
C LEU B 130 -1.29 -11.68 -20.13
N GLY B 131 -1.14 -12.88 -20.66
CA GLY B 131 -1.96 -13.32 -21.77
C GLY B 131 -3.45 -13.18 -21.55
N LEU B 132 -3.90 -13.41 -20.33
CA LEU B 132 -5.32 -13.35 -20.01
C LEU B 132 -5.96 -11.96 -20.16
N THR B 133 -5.14 -10.91 -20.22
CA THR B 133 -5.67 -9.57 -20.44
C THR B 133 -5.08 -8.92 -21.70
N ALA B 134 -4.61 -9.72 -22.65
CA ALA B 134 -3.89 -9.16 -23.82
C ALA B 134 -4.78 -8.20 -24.58
N PRO B 135 -4.24 -7.06 -25.02
CA PRO B 135 -5.06 -6.08 -25.72
C PRO B 135 -5.35 -6.38 -27.20
N SER B 136 -4.74 -7.43 -27.76
CA SER B 136 -4.90 -7.79 -29.17
C SER B 136 -4.16 -9.07 -29.45
N LEU B 137 -4.55 -9.78 -30.51
CA LEU B 137 -3.83 -10.98 -30.94
C LEU B 137 -2.39 -10.62 -31.26
N TYR B 138 -2.20 -9.49 -31.93
CA TYR B 138 -0.86 -9.05 -32.26
C TYR B 138 -0.01 -8.95 -30.99
N ASP B 139 -0.57 -8.38 -29.93
CA ASP B 139 0.18 -8.14 -28.70
C ASP B 139 0.42 -9.48 -27.95
N LEU B 140 -0.59 -10.34 -27.95
CA LEU B 140 -0.43 -11.66 -27.36
C LEU B 140 0.71 -12.41 -28.00
N ARG B 141 0.75 -12.41 -29.32
CA ARG B 141 1.79 -13.09 -30.05
C ARG B 141 3.15 -12.49 -29.74
N ASN B 142 3.26 -11.15 -29.67
CA ASN B 142 4.53 -10.53 -29.28
C ASN B 142 4.96 -10.98 -27.91
N LEU B 143 4.02 -11.03 -26.97
CA LEU B 143 4.34 -11.47 -25.63
C LEU B 143 4.89 -12.88 -25.70
N PHE B 144 4.25 -13.75 -26.47
CA PHE B 144 4.67 -15.14 -26.54
C PHE B 144 6.02 -15.31 -27.22
N GLN B 145 6.29 -14.47 -28.22
CA GLN B 145 7.56 -14.46 -28.91
C GLN B 145 8.67 -14.09 -27.93
N VAL B 146 8.51 -13.01 -27.17
CA VAL B 146 9.47 -12.66 -26.15
C VAL B 146 9.66 -13.87 -25.23
N ASN B 147 8.56 -14.44 -24.73
CA ASN B 147 8.65 -15.53 -23.76
C ASN B 147 9.48 -16.70 -24.28
N VAL B 148 9.26 -17.13 -25.51
CA VAL B 148 10.00 -18.30 -26.02
C VAL B 148 11.46 -17.98 -26.21
N GLU B 149 11.75 -16.73 -26.53
CA GLU B 149 13.13 -16.30 -26.71
C GLU B 149 13.87 -16.21 -25.37
N GLU B 150 13.21 -15.76 -24.32
CA GLU B 150 13.83 -15.75 -23.02
C GLU B 150 14.03 -17.21 -22.58
N GLY B 151 13.12 -18.09 -22.97
CA GLY B 151 13.35 -19.51 -22.79
C GLY B 151 14.64 -19.96 -23.45
N ARG B 152 14.83 -19.54 -24.70
CA ARG B 152 16.04 -19.92 -25.43
C ARG B 152 17.28 -19.33 -24.76
N HIS B 153 17.16 -18.14 -24.15
CA HIS B 153 18.32 -17.56 -23.44
C HIS B 153 18.74 -18.42 -22.26
N LEU B 154 17.78 -19.06 -21.61
CA LEU B 154 18.09 -19.98 -20.54
C LEU B 154 18.87 -21.18 -21.10
N TRP B 155 18.44 -21.71 -22.25
CA TRP B 155 19.15 -22.78 -22.92
C TRP B 155 20.57 -22.32 -23.26
N ALA B 156 20.71 -21.08 -23.72
CA ALA B 156 22.01 -20.52 -24.12
C ALA B 156 23.00 -20.62 -23.00
N MET B 157 22.57 -20.26 -21.79
CA MET B 157 23.46 -20.24 -20.62
C MET B 157 23.67 -21.63 -20.04
N VAL B 158 22.61 -22.43 -20.04
CA VAL B 158 22.71 -23.78 -19.50
C VAL B 158 23.65 -24.56 -20.42
N TYR B 159 23.67 -24.23 -21.71
CA TYR B 159 24.63 -24.88 -22.62
C TYR B 159 26.04 -24.61 -22.16
N LEU B 160 26.33 -23.36 -21.84
CA LEU B 160 27.68 -22.98 -21.43
C LEU B 160 28.05 -23.67 -20.14
N LEU B 161 27.10 -23.71 -19.20
CA LEU B 161 27.33 -24.37 -17.93
C LEU B 161 27.67 -25.86 -18.11
N HIS B 162 26.86 -26.58 -18.88
CA HIS B 162 27.16 -27.99 -19.14
C HIS B 162 28.47 -28.17 -19.91
N ALA B 163 28.70 -27.32 -20.92
CA ALA B 163 29.83 -27.45 -21.84
C ALA B 163 31.19 -27.19 -21.19
N HIS B 164 31.23 -26.29 -20.22
CA HIS B 164 32.51 -25.76 -19.75
C HIS B 164 32.68 -25.72 -18.23
N PHE B 165 31.66 -26.13 -17.47
CA PHE B 165 31.72 -26.01 -16.01
C PHE B 165 31.45 -27.30 -15.24
N GLY B 166 31.56 -28.44 -15.92
CA GLY B 166 31.55 -29.73 -15.23
C GLY B 166 30.32 -29.96 -14.38
N ARG B 167 30.54 -30.60 -13.23
CA ARG B 167 29.47 -31.05 -12.32
C ARG B 167 28.66 -29.91 -11.74
N ASP B 168 29.31 -28.86 -11.30
CA ASP B 168 28.54 -27.79 -10.72
C ASP B 168 27.73 -27.07 -11.81
N GLY B 169 28.27 -27.03 -13.02
CA GLY B 169 27.52 -26.51 -14.18
C GLY B 169 26.24 -27.28 -14.37
N ARG B 170 26.33 -28.58 -14.24
CA ARG B 170 25.17 -29.46 -14.30
C ARG B 170 24.21 -29.09 -13.14
N GLU B 171 24.76 -28.95 -11.96
CA GLU B 171 23.99 -28.55 -10.76
C GLU B 171 23.35 -27.17 -10.95
N GLU B 172 24.10 -26.21 -11.49
CA GLU B 172 23.55 -24.87 -11.76
C GLU B 172 22.37 -24.86 -12.73
N GLY B 173 22.41 -25.74 -13.73
CA GLY B 173 21.32 -25.89 -14.71
C GLY B 173 20.04 -26.37 -14.06
N GLU B 174 20.18 -27.26 -13.10
CA GLU B 174 19.03 -27.72 -12.34
C GLU B 174 18.42 -26.58 -11.54
N ALA B 175 19.29 -25.93 -10.77
CA ALA B 175 18.87 -24.93 -9.79
C ALA B 175 18.23 -23.73 -10.48
N LEU B 176 18.70 -23.40 -11.68
CA LEU B 176 18.03 -22.38 -12.52
C LEU B 176 16.52 -22.62 -12.74
N LEU B 177 16.08 -23.88 -12.69
CA LEU B 177 14.68 -24.22 -12.81
C LEU B 177 13.95 -24.25 -11.47
N GLU B 178 14.69 -24.31 -10.38
CA GLU B 178 14.11 -24.55 -9.05
C GLU B 178 13.86 -23.23 -8.32
N ARG B 179 14.52 -22.16 -8.71
CA ARG B 179 14.20 -20.86 -8.13
C ARG B 179 13.03 -20.29 -8.89
N ARG B 180 12.30 -19.35 -8.29
CA ARG B 180 11.02 -18.90 -8.85
C ARG B 180 10.77 -17.45 -8.44
N SER B 181 10.49 -16.60 -9.43
CA SER B 181 10.29 -15.17 -9.21
C SER B 181 9.30 -14.86 -8.12
N GLY B 182 9.73 -14.07 -7.13
CA GLY B 182 8.88 -13.68 -6.00
C GLY B 182 8.64 -14.74 -4.94
N ASP B 183 9.20 -15.95 -5.10
CA ASP B 183 9.05 -17.01 -4.08
C ASP B 183 9.77 -16.62 -2.75
N GLU B 184 9.18 -17.04 -1.63
CA GLU B 184 9.70 -16.70 -0.33
C GLU B 184 10.94 -17.51 0.01
N ASP B 185 10.97 -18.77 -0.41
CA ASP B 185 12.07 -19.65 -0.08
C ASP B 185 13.16 -19.73 -1.15
N ASN B 186 12.80 -19.71 -2.42
CA ASN B 186 13.78 -19.79 -3.51
C ASN B 186 13.56 -18.73 -4.55
N PRO B 187 13.72 -17.49 -4.14
CA PRO B 187 13.57 -16.39 -5.04
C PRO B 187 14.68 -16.34 -6.08
N ARG B 188 14.41 -15.60 -7.13
CA ARG B 188 15.43 -15.35 -8.12
C ARG B 188 16.44 -14.45 -7.48
N ILE B 189 17.60 -14.33 -8.15
CA ILE B 189 18.79 -13.75 -7.53
C ILE B 189 18.73 -12.20 -7.38
N LEU B 190 18.19 -11.53 -8.38
CA LEU B 190 18.19 -10.07 -8.38
C LEU B 190 16.80 -9.52 -8.04
N THR B 191 16.79 -8.46 -7.25
CA THR B 191 15.56 -7.83 -6.80
C THR B 191 14.56 -7.47 -7.95
N ALA B 192 15.03 -6.76 -8.97
CA ALA B 192 14.18 -6.41 -10.09
C ALA B 192 13.42 -7.60 -10.68
N PHE B 193 13.98 -8.82 -10.55
CA PHE B 193 13.38 -10.04 -11.19
C PHE B 193 12.49 -10.84 -10.25
N ASN B 194 12.25 -10.26 -9.07
CA ASN B 194 11.26 -10.75 -8.13
C ASN B 194 10.05 -9.81 -8.02
N GLU B 195 10.11 -8.67 -8.72
CA GLU B 195 8.97 -7.76 -8.79
C GLU B 195 7.81 -8.36 -9.62
N LYS B 196 6.59 -7.95 -9.26
CA LYS B 196 5.40 -8.17 -10.05
C LYS B 196 5.55 -7.39 -11.35
N THR B 197 5.07 -7.97 -12.45
CA THR B 197 4.79 -7.22 -13.67
C THR B 197 3.29 -7.32 -13.81
N PRO B 198 2.56 -6.44 -13.12
CA PRO B 198 1.14 -6.60 -12.86
C PRO B 198 0.21 -6.22 -14.01
N ASP B 199 0.70 -5.50 -15.01
CA ASP B 199 -0.15 -5.09 -16.13
C ASP B 199 0.64 -4.86 -17.40
N TRP B 200 -0.05 -4.59 -18.50
CA TRP B 200 0.61 -4.49 -19.83
C TRP B 200 1.43 -3.23 -19.96
N LEU B 201 1.05 -2.18 -19.26
CA LEU B 201 1.85 -0.99 -19.27
C LEU B 201 3.22 -1.29 -18.64
N SER B 202 3.24 -2.07 -17.53
CA SER B 202 4.50 -2.47 -16.92
C SER B 202 5.28 -3.37 -17.85
N PHE B 203 4.57 -4.23 -18.55
CA PHE B 203 5.26 -5.13 -19.46
C PHE B 203 6.02 -4.38 -20.53
N PHE B 204 5.37 -3.40 -21.15
CA PHE B 204 6.04 -2.65 -22.22
C PHE B 204 7.20 -1.84 -21.65
N MET B 205 7.04 -1.26 -20.46
CA MET B 205 8.18 -0.55 -19.83
C MET B 205 9.30 -1.52 -19.52
N PHE B 206 8.96 -2.71 -19.06
CA PHE B 206 9.97 -3.66 -18.69
C PHE B 206 10.78 -3.99 -19.92
N THR B 207 10.09 -4.37 -20.99
CA THR B 207 10.80 -4.76 -22.18
C THR B 207 11.49 -3.58 -22.85
N PHE B 208 11.05 -2.38 -22.55
CA PHE B 208 11.73 -1.15 -23.05
C PHE B 208 12.97 -0.77 -22.20
N ILE B 209 12.87 -0.96 -20.89
CA ILE B 209 13.92 -0.53 -19.93
C ILE B 209 14.79 -1.66 -19.37
N THR B 210 14.15 -2.68 -18.80
CA THR B 210 14.87 -3.76 -18.14
C THR B 210 15.52 -4.77 -19.12
N ASP B 211 14.82 -5.14 -20.20
CA ASP B 211 15.47 -5.91 -21.28
C ASP B 211 16.68 -5.10 -21.83
N ARG B 212 16.63 -3.78 -21.72
CA ARG B 212 17.78 -2.96 -22.14
C ARG B 212 18.99 -3.09 -21.22
N ASP B 213 18.78 -3.31 -19.92
CA ASP B 213 19.87 -3.75 -19.09
C ASP B 213 20.41 -5.07 -19.64
N GLY B 214 19.53 -5.96 -20.08
CA GLY B 214 20.02 -7.16 -20.75
C GLY B 214 20.93 -6.85 -21.92
N LYS B 215 20.50 -5.93 -22.80
CA LYS B 215 21.33 -5.52 -23.92
C LYS B 215 22.74 -5.10 -23.45
N PHE B 216 22.81 -4.28 -22.43
CA PHE B 216 24.12 -3.74 -22.08
C PHE B 216 25.03 -4.72 -21.33
N GLN B 217 24.45 -5.59 -20.51
CA GLN B 217 25.24 -6.61 -19.84
C GLN B 217 25.74 -7.59 -20.91
N LEU B 218 24.85 -7.98 -21.82
CA LEU B 218 25.21 -8.89 -22.90
C LEU B 218 26.25 -8.30 -23.85
N ALA B 219 26.14 -7.02 -24.17
CA ALA B 219 27.14 -6.40 -25.04
C ALA B 219 28.50 -6.39 -24.37
N SER B 220 28.53 -6.24 -23.04
CA SER B 220 29.78 -6.29 -22.28
C SER B 220 30.37 -7.69 -22.25
N LEU B 221 29.50 -8.68 -22.07
CA LEU B 221 29.93 -10.04 -22.07
C LEU B 221 30.33 -10.49 -23.50
N ALA B 222 29.74 -9.84 -24.51
CA ALA B 222 30.08 -10.10 -25.91
C ALA B 222 31.53 -9.72 -26.27
N GLU B 223 32.20 -8.98 -25.41
CA GLU B 223 33.62 -8.68 -25.57
C GLU B 223 34.52 -9.67 -24.84
N SER B 224 33.93 -10.60 -24.10
CA SER B 224 34.69 -11.42 -23.18
C SER B 224 35.82 -12.22 -23.85
N ALA B 225 36.94 -12.33 -23.13
CA ALA B 225 38.01 -13.27 -23.48
C ALA B 225 37.53 -14.71 -23.56
N PHE B 226 36.49 -15.05 -22.81
CA PHE B 226 35.95 -16.41 -22.89
C PHE B 226 35.03 -16.51 -24.11
N ASP B 227 35.59 -16.97 -25.22
CA ASP B 227 34.95 -16.74 -26.53
C ASP B 227 33.60 -17.45 -26.74
N PRO B 228 33.43 -18.65 -26.15
CA PRO B 228 32.09 -19.24 -26.26
C PRO B 228 31.00 -18.36 -25.62
N LEU B 229 31.30 -17.75 -24.49
CA LEU B 229 30.41 -16.77 -23.90
C LEU B 229 30.22 -15.60 -24.82
N ALA B 230 31.33 -15.10 -25.38
CA ALA B 230 31.26 -13.91 -26.27
C ALA B 230 30.32 -14.18 -27.42
N ARG B 231 30.49 -15.35 -28.03
CA ARG B 231 29.73 -15.74 -29.20
C ARG B 231 28.29 -16.04 -28.86
N THR B 232 28.05 -16.47 -27.62
CA THR B 232 26.67 -16.74 -27.19
C THR B 232 25.92 -15.44 -27.15
N CYS B 233 26.53 -14.47 -26.50
CA CYS B 233 25.93 -13.15 -26.28
C CYS B 233 25.79 -12.31 -27.57
N LYS B 234 26.76 -12.38 -28.47
CA LYS B 234 26.63 -11.68 -29.75
C LYS B 234 25.31 -12.02 -30.41
N PHE B 235 24.97 -13.31 -30.45
CA PHE B 235 23.69 -13.73 -31.00
C PHE B 235 22.48 -13.32 -30.13
N MET B 236 22.56 -13.52 -28.83
CA MET B 236 21.48 -13.07 -27.97
C MET B 236 21.10 -11.60 -28.22
N LEU B 237 22.09 -10.73 -28.48
CA LEU B 237 21.80 -9.29 -28.71
C LEU B 237 20.80 -9.11 -29.86
N THR B 238 20.90 -9.94 -30.88
CA THR B 238 19.94 -9.87 -31.96
C THR B 238 18.51 -10.17 -31.49
N GLU B 239 18.37 -11.13 -30.59
CA GLU B 239 17.08 -11.40 -29.97
C GLU B 239 16.63 -10.27 -29.05
N GLU B 240 17.55 -9.70 -28.28
CA GLU B 240 17.19 -8.61 -27.40
C GLU B 240 16.66 -7.42 -28.17
N ALA B 241 17.18 -7.15 -29.36
CA ALA B 241 16.64 -6.07 -30.22
C ALA B 241 15.13 -6.21 -30.46
N HIS B 242 14.62 -7.43 -30.59
CA HIS B 242 13.17 -7.58 -30.78
C HIS B 242 12.43 -7.23 -29.50
N HIS B 243 13.02 -7.51 -28.35
CA HIS B 243 12.37 -7.26 -27.08
C HIS B 243 12.22 -5.74 -26.86
N LEU B 244 13.29 -5.01 -27.13
CA LEU B 244 13.30 -3.58 -27.00
C LEU B 244 12.28 -2.97 -27.96
N PHE B 245 12.16 -3.52 -29.16
CA PHE B 245 11.16 -3.05 -30.09
C PHE B 245 9.76 -3.19 -29.52
N VAL B 246 9.46 -4.35 -28.95
CA VAL B 246 8.16 -4.57 -28.38
C VAL B 246 7.83 -3.53 -27.31
N GLY B 247 8.80 -3.24 -26.44
CA GLY B 247 8.63 -2.23 -25.39
C GLY B 247 8.45 -0.81 -25.94
N GLU B 248 9.39 -0.36 -26.76
CA GLU B 248 9.35 0.98 -27.26
C GLU B 248 8.06 1.26 -28.04
N SER B 249 7.68 0.36 -28.94
CA SER B 249 6.46 0.58 -29.71
C SER B 249 5.23 0.28 -28.89
N GLY B 250 5.32 -0.60 -27.90
CA GLY B 250 4.21 -0.74 -26.97
C GLY B 250 3.81 0.62 -26.39
N ILE B 251 4.76 1.29 -25.73
CA ILE B 251 4.50 2.59 -25.12
C ILE B 251 4.15 3.63 -26.19
N ALA B 252 4.81 3.57 -27.35
CA ALA B 252 4.53 4.57 -28.42
C ALA B 252 3.06 4.50 -28.80
N ARG B 253 2.52 3.28 -28.84
CA ARG B 253 1.14 3.05 -29.26
C ARG B 253 0.13 3.46 -28.18
N VAL B 254 0.53 3.32 -26.93
CA VAL B 254 -0.23 3.86 -25.81
C VAL B 254 -0.24 5.39 -25.80
N ILE B 255 0.91 6.01 -26.02
CA ILE B 255 0.99 7.48 -26.14
C ILE B 255 0.15 7.97 -27.30
N GLN B 256 0.22 7.27 -28.43
CA GLN B 256 -0.52 7.64 -29.65
C GLN B 256 -1.99 7.72 -29.31
N ARG B 257 -2.45 6.70 -28.61
CA ARG B 257 -3.86 6.55 -28.29
C ARG B 257 -4.33 7.64 -27.35
N THR B 258 -3.55 7.90 -26.31
CA THR B 258 -3.87 8.97 -25.38
C THR B 258 -3.88 10.31 -26.08
N CYS B 259 -2.90 10.57 -26.96
CA CYS B 259 -2.91 11.81 -27.72
C CYS B 259 -4.11 11.89 -28.69
N GLU B 260 -4.51 10.77 -29.32
CA GLU B 260 -5.69 10.80 -30.18
C GLU B 260 -6.88 11.25 -29.34
N VAL B 261 -6.99 10.74 -28.11
CA VAL B 261 -8.16 11.06 -27.27
C VAL B 261 -8.08 12.47 -26.71
N MET B 262 -6.89 12.97 -26.41
CA MET B 262 -6.74 14.37 -25.95
C MET B 262 -7.22 15.34 -27.04
N LYS B 263 -6.86 15.07 -28.29
CA LYS B 263 -7.29 15.88 -29.41
C LYS B 263 -8.80 15.74 -29.65
N GLU B 264 -9.29 14.50 -29.61
CA GLU B 264 -10.70 14.17 -29.84
C GLU B 264 -11.66 14.81 -28.84
N LEU B 265 -11.21 14.95 -27.58
CA LEU B 265 -12.02 15.58 -26.53
C LEU B 265 -11.65 17.03 -26.24
N GLY B 266 -10.65 17.56 -26.96
CA GLY B 266 -10.15 18.91 -26.72
C GLY B 266 -9.72 19.17 -25.29
N THR B 267 -9.19 18.15 -24.62
CA THR B 267 -8.79 18.32 -23.22
C THR B 267 -7.51 17.63 -22.81
N ASP B 268 -7.08 18.06 -21.65
CA ASP B 268 -5.80 17.76 -21.04
C ASP B 268 -5.99 17.10 -19.67
N ASP B 269 -7.21 17.15 -19.16
CA ASP B 269 -7.55 16.82 -17.77
C ASP B 269 -7.59 15.29 -17.54
N PRO B 270 -6.73 14.78 -16.63
CA PRO B 270 -6.66 13.36 -16.33
C PRO B 270 -8.00 12.74 -15.99
N ALA B 271 -8.81 13.43 -15.19
CA ALA B 271 -10.12 12.92 -14.83
C ALA B 271 -10.93 12.57 -16.10
N LYS B 272 -10.94 13.50 -17.06
CA LYS B 272 -11.67 13.33 -18.31
C LYS B 272 -11.05 12.30 -19.25
N LEU B 273 -9.72 12.26 -19.32
CA LEU B 273 -9.05 11.19 -20.08
C LEU B 273 -9.34 9.79 -19.50
N ARG B 274 -9.36 9.69 -18.19
CA ARG B 274 -9.63 8.41 -17.52
C ARG B 274 -11.09 8.00 -17.63
N ALA B 275 -11.99 8.97 -17.69
CA ALA B 275 -13.39 8.69 -18.01
C ALA B 275 -13.51 8.04 -19.40
N ALA B 276 -12.63 8.41 -20.32
CA ALA B 276 -12.59 7.86 -21.68
C ALA B 276 -11.75 6.60 -21.80
N GLY B 277 -11.17 6.13 -20.69
CA GLY B 277 -10.45 4.85 -20.67
C GLY B 277 -9.08 4.84 -21.31
N VAL B 278 -8.38 5.98 -21.31
CA VAL B 278 -6.97 6.02 -21.75
C VAL B 278 -6.04 6.30 -20.55
N ILE B 279 -4.75 6.01 -20.75
CA ILE B 279 -3.77 6.25 -19.71
C ILE B 279 -3.16 7.63 -19.91
N ASP B 280 -3.44 8.53 -18.97
CA ASP B 280 -2.96 9.91 -19.04
C ASP B 280 -1.43 9.95 -19.02
N LEU B 281 -0.87 10.96 -19.69
CA LEU B 281 0.57 10.98 -19.91
C LEU B 281 1.34 11.07 -18.63
N PRO B 282 0.87 11.87 -17.65
CA PRO B 282 1.60 11.94 -16.36
C PRO B 282 1.68 10.60 -15.63
N THR B 283 0.61 9.81 -15.69
CA THR B 283 0.65 8.49 -15.10
C THR B 283 1.70 7.61 -15.78
N LEU B 284 1.73 7.64 -17.11
CA LEU B 284 2.79 7.01 -17.90
C LEU B 284 4.19 7.42 -17.39
N GLN B 285 4.36 8.71 -17.18
CA GLN B 285 5.65 9.23 -16.70
C GLN B 285 6.04 8.59 -15.36
N LYS B 286 5.08 8.38 -14.48
CA LYS B 286 5.40 7.74 -13.21
C LYS B 286 5.84 6.30 -13.48
N TYR B 287 5.17 5.61 -14.37
CA TYR B 287 5.61 4.26 -14.74
C TYR B 287 7.03 4.27 -15.28
N LEU B 288 7.36 5.25 -16.12
CA LEU B 288 8.73 5.36 -16.64
C LEU B 288 9.70 5.57 -15.47
N ASN B 289 9.34 6.47 -14.55
CA ASN B 289 10.16 6.73 -13.40
C ASN B 289 10.48 5.48 -12.62
N PHE B 290 9.45 4.63 -12.44
CA PHE B 290 9.60 3.41 -11.63
C PHE B 290 10.54 2.41 -12.31
N HIS B 291 10.23 2.06 -13.53
CA HIS B 291 11.01 1.01 -14.17
C HIS B 291 12.43 1.44 -14.46
N TYR B 292 12.59 2.72 -14.81
CA TYR B 292 13.90 3.30 -15.04
C TYR B 292 14.76 3.26 -13.78
N SER B 293 14.25 3.78 -12.67
CA SER B 293 15.04 3.80 -11.43
C SER B 293 15.32 2.41 -10.89
N VAL B 294 14.33 1.53 -10.90
CA VAL B 294 14.51 0.15 -10.43
C VAL B 294 15.53 -0.60 -11.29
N THR B 295 15.47 -0.37 -12.58
CA THR B 295 16.41 -1.03 -13.49
C THR B 295 17.81 -0.49 -13.36
N SER B 296 17.92 0.79 -13.03
CA SER B 296 19.26 1.39 -12.87
C SER B 296 20.05 0.68 -11.80
N ASP B 297 19.40 0.22 -10.74
CA ASP B 297 20.10 -0.47 -9.65
C ASP B 297 20.85 -1.69 -10.13
N LEU B 298 20.38 -2.33 -11.21
CA LEU B 298 21.01 -3.56 -11.72
C LEU B 298 22.45 -3.41 -12.15
N TYR B 299 22.91 -2.19 -12.42
CA TYR B 299 24.30 -2.01 -12.89
C TYR B 299 25.31 -2.08 -11.77
N GLY B 300 24.87 -2.04 -10.52
CA GLY B 300 25.76 -2.19 -9.38
C GLY B 300 26.26 -0.88 -8.81
N ALA B 301 27.14 -0.97 -7.83
CA ALA B 301 27.68 0.20 -7.16
C ALA B 301 28.44 1.05 -8.20
N GLU B 302 28.35 2.37 -8.10
CA GLU B 302 29.09 3.23 -9.02
C GLU B 302 30.58 2.94 -8.92
N ILE B 303 31.05 2.78 -7.69
CA ILE B 303 32.44 2.51 -7.44
C ILE B 303 32.60 1.11 -6.92
N SER B 304 33.41 0.31 -7.58
CA SER B 304 33.44 -1.11 -7.29
C SER B 304 34.73 -1.79 -7.71
N SER B 305 35.39 -2.43 -6.75
CA SER B 305 36.65 -3.08 -7.05
C SER B 305 36.44 -4.35 -7.84
N ASN B 306 35.27 -4.97 -7.72
CA ASN B 306 35.00 -6.21 -8.45
C ASN B 306 34.90 -5.98 -9.95
N ALA B 307 34.16 -4.94 -10.33
CA ALA B 307 34.02 -4.63 -11.75
C ALA B 307 35.40 -4.41 -12.38
N ALA B 308 36.30 -3.78 -11.62
CA ALA B 308 37.69 -3.56 -12.07
C ALA B 308 38.40 -4.89 -12.40
N THR B 309 38.32 -5.86 -11.50
CA THR B 309 39.00 -7.11 -11.77
C THR B 309 38.35 -7.79 -13.00
N TYR B 310 37.03 -7.71 -13.16
CA TYR B 310 36.42 -8.34 -14.35
C TYR B 310 36.94 -7.76 -15.66
N TYR B 311 37.24 -6.48 -15.65
CA TYR B 311 37.85 -5.85 -16.83
C TYR B 311 39.29 -6.25 -17.00
N THR B 312 40.10 -6.04 -15.97
CA THR B 312 41.51 -6.29 -16.08
C THR B 312 41.79 -7.74 -16.47
N ASN B 313 41.00 -8.67 -15.95
CA ASN B 313 41.19 -10.09 -16.22
C ASN B 313 40.54 -10.57 -17.50
N GLY B 314 39.92 -9.67 -18.25
CA GLY B 314 39.36 -9.97 -19.57
C GLY B 314 37.99 -10.63 -19.59
N LEU B 315 37.35 -10.70 -18.43
CA LEU B 315 36.08 -11.41 -18.31
C LEU B 315 34.95 -10.62 -18.95
N LYS B 316 34.93 -9.32 -18.69
CA LYS B 316 33.81 -8.45 -19.08
C LYS B 316 34.35 -7.09 -19.55
N GLY B 317 34.03 -6.72 -20.77
CA GLY B 317 34.53 -5.46 -21.32
C GLY B 317 33.53 -4.33 -21.26
N ARG B 318 33.91 -3.16 -21.75
CA ARG B 318 32.96 -2.04 -21.80
C ARG B 318 32.08 -2.15 -23.03
N PHE B 319 30.93 -1.49 -22.97
CA PHE B 319 30.04 -1.44 -24.10
C PHE B 319 30.80 -0.92 -25.30
N GLU B 320 30.76 -1.67 -26.39
CA GLU B 320 31.48 -1.32 -27.63
C GLU B 320 32.94 -0.97 -27.35
N GLU B 321 33.58 -1.85 -26.58
CA GLU B 321 34.97 -1.73 -26.18
C GLU B 321 35.90 -1.35 -27.32
N GLU B 322 35.74 -1.99 -28.48
CA GLU B 322 36.70 -1.83 -29.58
C GLU B 322 36.60 -0.46 -30.26
N LYS B 323 35.49 0.25 -30.08
CA LYS B 323 35.36 1.61 -30.62
C LYS B 323 35.94 2.70 -29.71
N ILE B 324 36.25 2.37 -28.46
CA ILE B 324 36.72 3.41 -27.53
C ILE B 324 38.19 3.74 -27.82
N GLY B 325 38.51 5.02 -27.89
CA GLY B 325 39.87 5.45 -28.20
C GLY B 325 40.72 5.63 -26.97
N ASP B 326 41.11 4.54 -26.31
CA ASP B 326 42.12 4.64 -25.24
C ASP B 326 43.00 3.38 -25.26
N ASP B 327 43.80 3.19 -24.22
CA ASP B 327 44.72 2.05 -24.18
C ASP B 327 44.07 0.71 -23.89
N HIS B 328 42.79 0.69 -23.54
CA HIS B 328 42.04 -0.53 -23.19
C HIS B 328 42.68 -1.30 -22.02
N LYS B 329 43.25 -0.54 -21.08
CA LYS B 329 43.85 -1.10 -19.87
C LYS B 329 43.42 -0.24 -18.71
N LEU B 330 43.50 1.08 -18.90
CA LEU B 330 42.80 2.04 -18.06
C LEU B 330 43.50 2.34 -16.70
N GLN B 331 44.72 1.85 -16.52
CA GLN B 331 45.41 2.05 -15.25
C GLN B 331 45.61 3.54 -14.98
N ASN B 332 45.72 4.32 -16.05
CA ASN B 332 45.94 5.76 -15.98
C ASN B 332 44.81 6.61 -16.52
N SER B 333 43.61 6.05 -16.57
CA SER B 333 42.45 6.78 -17.06
C SER B 333 41.52 7.17 -15.91
N GLU B 334 40.68 8.16 -16.18
CA GLU B 334 39.74 8.67 -15.20
C GLU B 334 38.36 8.59 -15.74
N TYR B 335 37.40 8.62 -14.82
CA TYR B 335 36.02 8.72 -15.21
C TYR B 335 35.31 9.64 -14.22
N GLU B 336 34.33 10.39 -14.71
CA GLU B 336 33.61 11.31 -13.86
C GLU B 336 32.32 10.66 -13.33
N VAL B 337 32.17 10.67 -12.00
CA VAL B 337 30.97 10.18 -11.34
C VAL B 337 30.43 11.20 -10.35
N MET B 338 29.24 10.94 -9.82
CA MET B 338 28.63 11.86 -8.89
C MET B 338 29.15 11.58 -7.51
N ASP B 339 28.76 12.43 -6.58
CA ASP B 339 29.22 12.36 -5.22
C ASP B 339 28.23 13.10 -4.32
N VAL B 340 27.79 12.41 -3.27
CA VAL B 340 26.89 12.99 -2.27
C VAL B 340 27.75 13.58 -1.19
N ALA B 341 27.85 14.90 -1.13
CA ALA B 341 28.63 15.56 -0.08
C ALA B 341 27.78 16.56 0.65
N GLY B 342 27.38 16.21 1.87
CA GLY B 342 26.57 17.11 2.68
C GLY B 342 25.18 17.14 2.09
N ASP B 343 24.71 18.33 1.76
CA ASP B 343 23.37 18.52 1.23
C ASP B 343 23.43 18.81 -0.26
N LYS B 344 24.50 18.35 -0.91
CA LYS B 344 24.73 18.71 -2.32
C LYS B 344 25.15 17.45 -3.09
N ILE B 345 24.80 17.42 -4.38
CA ILE B 345 25.25 16.37 -5.28
C ILE B 345 26.29 16.95 -6.23
N LEU B 346 27.54 16.59 -6.00
CA LEU B 346 28.68 17.09 -6.74
C LEU B 346 29.14 16.00 -7.69
N THR B 347 30.22 16.27 -8.43
CA THR B 347 30.85 15.30 -9.29
C THR B 347 32.27 15.16 -8.82
N ARG B 348 32.87 13.99 -9.00
N ARG B 348 32.90 14.01 -9.04
CA ARG B 348 34.30 13.76 -8.78
CA ARG B 348 34.34 13.85 -8.78
C ARG B 348 34.87 12.94 -9.92
C ARG B 348 34.92 12.79 -9.69
N HIS B 349 36.20 12.95 -10.05
CA HIS B 349 36.89 12.08 -10.98
C HIS B 349 37.50 10.94 -10.18
N VAL B 350 37.39 9.72 -10.71
CA VAL B 350 37.93 8.53 -10.03
C VAL B 350 38.67 7.69 -11.05
N PRO B 351 39.49 6.76 -10.59
CA PRO B 351 40.11 5.89 -11.61
C PRO B 351 39.07 5.21 -12.51
N ALA B 352 39.32 5.16 -13.81
CA ALA B 352 38.35 4.56 -14.72
C ALA B 352 38.02 3.12 -14.33
N LEU B 353 39.00 2.34 -13.87
CA LEU B 353 38.76 0.92 -13.56
C LEU B 353 37.74 0.71 -12.46
N SER B 354 37.66 1.64 -11.52
CA SER B 354 36.75 1.53 -10.41
C SER B 354 35.34 2.01 -10.75
N ALA B 355 35.16 2.66 -11.89
CA ALA B 355 33.85 3.25 -12.30
C ALA B 355 33.22 2.60 -13.51
N LEU B 356 33.58 1.35 -13.79
CA LEU B 356 33.03 0.64 -14.96
C LEU B 356 31.53 0.38 -14.88
N ASN B 357 31.02 0.06 -13.70
CA ASN B 357 29.58 -0.11 -13.58
C ASN B 357 28.92 1.18 -13.98
N GLU B 358 29.47 2.33 -13.56
CA GLU B 358 28.81 3.61 -13.84
C GLU B 358 28.88 3.98 -15.33
N ARG B 359 29.94 3.57 -15.99
CA ARG B 359 30.08 3.79 -17.40
C ARG B 359 28.99 3.03 -18.11
N LEU B 360 28.79 1.80 -17.70
CA LEU B 360 27.80 0.99 -18.38
C LEU B 360 26.42 1.55 -18.11
N ARG B 361 26.18 2.02 -16.88
CA ARG B 361 24.92 2.66 -16.53
C ARG B 361 24.74 3.86 -17.44
N ASP B 362 25.77 4.70 -17.55
CA ASP B 362 25.70 5.91 -18.36
C ASP B 362 25.40 5.59 -19.83
N ASP B 363 25.96 4.49 -20.34
CA ASP B 363 25.71 4.09 -21.71
C ASP B 363 24.26 3.71 -21.91
N TRP B 364 23.73 2.92 -20.98
CA TRP B 364 22.31 2.58 -20.90
C TRP B 364 21.40 3.81 -20.75
N ILE B 365 21.79 4.80 -19.94
CA ILE B 365 20.99 6.00 -19.81
C ILE B 365 20.86 6.67 -21.18
N THR B 366 21.98 6.78 -21.89
CA THR B 366 21.96 7.39 -23.22
C THR B 366 20.98 6.64 -24.15
N ASP B 367 20.97 5.31 -24.06
CA ASP B 367 20.18 4.51 -24.99
C ASP B 367 18.71 4.63 -24.68
N VAL B 368 18.37 4.60 -23.39
CA VAL B 368 16.99 4.86 -22.95
C VAL B 368 16.54 6.28 -23.42
N GLN B 369 17.40 7.27 -23.25
CA GLN B 369 17.03 8.66 -23.59
C GLN B 369 16.73 8.83 -25.08
N ALA B 370 17.47 8.15 -25.93
CA ALA B 370 17.20 8.20 -27.38
C ALA B 370 15.79 7.65 -27.67
N GLY B 371 15.36 6.61 -26.95
CA GLY B 371 14.02 6.14 -27.04
C GLY B 371 13.00 7.13 -26.54
N VAL B 372 13.27 7.77 -25.42
CA VAL B 372 12.33 8.71 -24.84
C VAL B 372 12.13 9.84 -25.86
N ASP B 373 13.25 10.28 -26.47
CA ASP B 373 13.19 11.30 -27.51
C ASP B 373 12.24 10.86 -28.66
N ARG B 374 12.28 9.59 -29.04
CA ARG B 374 11.39 9.09 -30.09
C ARG B 374 9.94 9.09 -29.65
N TRP B 375 9.66 8.67 -28.41
CA TRP B 375 8.31 8.85 -27.88
C TRP B 375 7.83 10.30 -27.99
N ASN B 376 8.69 11.24 -27.61
CA ASN B 376 8.29 12.64 -27.54
C ASN B 376 7.91 13.24 -28.90
N ARG B 377 8.30 12.62 -30.00
CA ARG B 377 7.86 13.06 -31.31
C ARG B 377 6.33 13.01 -31.42
N ILE B 378 5.69 12.12 -30.66
CA ILE B 378 4.25 11.91 -30.79
C ILE B 378 3.48 13.13 -30.30
N PRO B 379 3.66 13.53 -29.04
CA PRO B 379 2.96 14.74 -28.63
C PRO B 379 3.34 15.99 -29.44
N ALA B 380 4.59 16.08 -29.89
CA ALA B 380 5.05 17.18 -30.75
C ALA B 380 4.28 17.20 -32.08
N LYS B 381 4.01 16.02 -32.62
CA LYS B 381 3.26 15.89 -33.85
C LYS B 381 1.81 16.37 -33.63
N PHE B 382 1.30 16.22 -32.42
CA PHE B 382 -0.05 16.68 -32.07
C PHE B 382 -0.05 18.13 -31.63
N GLY B 383 1.12 18.75 -31.52
CA GLY B 383 1.21 20.10 -31.04
C GLY B 383 1.08 20.26 -29.53
N PHE B 384 1.27 19.18 -28.77
CA PHE B 384 1.15 19.26 -27.32
C PHE B 384 2.50 19.58 -26.72
N ASP B 385 2.46 20.28 -25.58
CA ASP B 385 3.67 20.67 -24.84
C ASP B 385 4.27 19.51 -24.05
N PHE B 386 3.47 18.51 -23.74
CA PHE B 386 3.96 17.46 -22.87
C PHE B 386 5.23 16.77 -23.39
N ARG B 387 6.23 16.62 -22.53
CA ARG B 387 7.41 15.83 -22.86
C ARG B 387 7.74 14.81 -21.76
N PHE B 388 8.10 13.61 -22.17
CA PHE B 388 8.65 12.64 -21.26
C PHE B 388 10.10 12.96 -20.95
N THR B 389 10.49 12.72 -19.70
CA THR B 389 11.84 12.92 -19.26
C THR B 389 12.28 11.78 -18.34
N LEU B 390 13.58 11.71 -18.13
CA LEU B 390 14.16 10.74 -17.24
C LEU B 390 14.46 11.46 -15.96
N PRO B 391 14.19 10.83 -14.82
CA PRO B 391 14.55 11.46 -13.56
C PRO B 391 16.03 11.40 -13.31
N HIS B 392 16.51 12.25 -12.43
CA HIS B 392 17.89 12.26 -12.02
C HIS B 392 18.33 10.88 -11.59
N LYS B 393 19.54 10.50 -11.98
CA LYS B 393 19.94 9.12 -11.84
C LYS B 393 19.93 8.66 -10.40
N GLY B 394 19.99 9.58 -9.45
CA GLY B 394 19.92 9.21 -8.03
C GLY B 394 18.54 8.99 -7.47
N PHE B 395 17.53 9.31 -8.23
CA PHE B 395 16.15 9.18 -7.80
C PHE B 395 15.75 7.71 -7.61
N HIS B 396 15.23 7.39 -6.43
CA HIS B 396 14.59 6.09 -6.17
C HIS B 396 15.55 4.93 -6.41
N ARG B 397 16.72 5.04 -5.79
CA ARG B 397 17.77 4.04 -5.93
C ARG B 397 18.01 3.32 -4.60
N LYS B 398 18.24 2.02 -4.67
CA LYS B 398 18.60 1.22 -3.46
C LYS B 398 19.98 0.61 -3.58
N ILE B 399 20.65 0.75 -4.72
CA ILE B 399 22.02 0.29 -4.90
C ILE B 399 23.00 1.47 -5.15
N GLY B 400 24.04 1.58 -4.34
CA GLY B 400 25.11 2.53 -4.60
C GLY B 400 25.13 3.73 -3.68
N MET B 401 25.80 4.79 -4.13
CA MET B 401 25.99 6.00 -3.32
C MET B 401 24.65 6.63 -2.92
N PHE B 402 23.62 6.47 -3.75
CA PHE B 402 22.30 7.05 -3.45
C PHE B 402 21.38 6.15 -2.62
N ALA B 403 21.88 4.99 -2.18
CA ALA B 403 21.01 3.99 -1.51
C ALA B 403 20.36 4.45 -0.21
N ASP B 404 21.08 5.23 0.62
CA ASP B 404 20.56 5.62 1.93
C ASP B 404 20.03 7.03 1.97
N VAL B 405 19.63 7.56 0.84
CA VAL B 405 19.36 8.98 0.69
C VAL B 405 18.21 9.05 -0.30
N HIS B 406 17.47 10.15 -0.30
CA HIS B 406 16.39 10.39 -1.27
C HIS B 406 16.72 11.58 -2.17
N VAL B 407 16.37 11.41 -3.44
CA VAL B 407 16.55 12.41 -4.47
C VAL B 407 15.28 12.54 -5.27
N SER B 408 14.88 13.78 -5.54
CA SER B 408 13.71 14.06 -6.36
C SER B 408 14.11 13.76 -7.78
N PRO B 409 13.12 13.70 -8.68
CA PRO B 409 13.37 13.62 -10.10
C PRO B 409 14.22 14.74 -10.64
N ASP B 410 14.05 15.94 -10.15
CA ASP B 410 14.82 17.04 -10.65
C ASP B 410 16.18 17.17 -9.90
N GLY B 411 16.54 16.17 -9.10
CA GLY B 411 17.91 16.09 -8.56
C GLY B 411 18.21 16.77 -7.24
N ARG B 412 17.19 17.07 -6.45
CA ARG B 412 17.37 17.66 -5.14
C ARG B 412 17.49 16.55 -4.09
N LEU B 413 18.43 16.72 -3.17
CA LEU B 413 18.47 15.86 -1.97
C LEU B 413 17.36 16.28 -1.04
N ILE B 414 16.49 15.35 -0.71
CA ILE B 414 15.26 15.66 0.01
C ILE B 414 15.14 14.80 1.27
N SER B 415 14.40 15.31 2.23
CA SER B 415 14.26 14.62 3.49
C SER B 415 13.35 13.43 3.33
N GLU B 416 13.33 12.62 4.37
CA GLU B 416 12.48 11.44 4.42
C GLU B 416 11.00 11.81 4.43
N ALA B 417 10.67 12.93 5.07
CA ALA B 417 9.29 13.42 5.13
C ALA B 417 8.84 13.88 3.74
N GLU B 418 9.66 14.68 3.06
CA GLU B 418 9.34 15.09 1.70
C GLU B 418 9.13 13.86 0.80
N TRP B 419 9.99 12.87 0.95
CA TRP B 419 9.87 11.69 0.10
C TRP B 419 8.54 10.99 0.35
N THR B 420 8.22 10.80 1.61
CA THR B 420 6.95 10.15 1.97
C THR B 420 5.76 10.92 1.42
N HIS B 421 5.78 12.24 1.55
CA HIS B 421 4.66 13.09 1.13
C HIS B 421 4.63 13.41 -0.37
N GLN B 422 5.77 13.37 -1.06
CA GLN B 422 5.80 13.79 -2.46
C GLN B 422 5.89 12.63 -3.47
N HIS B 423 6.38 11.46 -3.08
CA HIS B 423 6.63 10.39 -4.05
C HIS B 423 5.39 9.85 -4.77
N LYS B 424 4.20 10.08 -4.24
CA LYS B 424 2.96 9.82 -4.98
C LYS B 424 2.81 10.59 -6.31
N ASN B 425 3.58 11.66 -6.50
CA ASN B 425 3.59 12.41 -7.74
C ASN B 425 4.60 11.87 -8.73
N TRP B 426 5.48 10.99 -8.25
CA TRP B 426 6.62 10.56 -9.04
C TRP B 426 6.59 9.09 -9.40
N LEU B 427 5.91 8.26 -8.59
CA LEU B 427 5.83 6.83 -8.84
C LEU B 427 4.37 6.40 -8.80
N PRO B 428 4.01 5.26 -9.43
CA PRO B 428 2.61 4.86 -9.40
C PRO B 428 2.06 4.53 -8.02
N THR B 429 0.94 5.16 -7.70
CA THR B 429 0.18 4.88 -6.50
C THR B 429 -0.69 3.65 -6.69
N GLU B 430 -1.29 3.20 -5.59
CA GLU B 430 -2.19 2.07 -5.63
C GLU B 430 -3.34 2.42 -6.55
N SER B 431 -3.85 3.62 -6.34
CA SER B 431 -4.93 4.16 -7.14
C SER B 431 -4.58 4.16 -8.63
N ASP B 432 -3.36 4.55 -8.97
CA ASP B 432 -2.90 4.53 -10.36
C ASP B 432 -2.84 3.13 -10.90
N ARG B 433 -2.29 2.20 -10.11
CA ARG B 433 -2.21 0.78 -10.50
C ARG B 433 -3.58 0.19 -10.66
N LEU B 434 -4.52 0.53 -9.78
CA LEU B 434 -5.88 0.01 -9.90
C LEU B 434 -6.56 0.53 -11.16
N TYR B 435 -6.32 1.80 -11.46
CA TYR B 435 -6.93 2.38 -12.65
C TYR B 435 -6.40 1.73 -13.93
N VAL B 436 -5.08 1.58 -14.01
CA VAL B 436 -4.48 0.94 -15.18
C VAL B 436 -4.99 -0.48 -15.32
N HIS B 437 -5.06 -1.20 -14.20
CA HIS B 437 -5.53 -2.57 -14.20
C HIS B 437 -6.95 -2.68 -14.73
N SER B 438 -7.81 -1.72 -14.39
CA SER B 438 -9.20 -1.76 -14.82
C SER B 438 -9.40 -1.62 -16.33
N LEU B 439 -8.39 -1.15 -17.05
CA LEU B 439 -8.47 -1.06 -18.51
C LEU B 439 -8.07 -2.38 -19.18
N MET B 440 -7.51 -3.30 -18.41
CA MET B 440 -6.90 -4.49 -18.98
C MET B 440 -7.97 -5.55 -19.26
N GLY B 441 -8.70 -5.35 -20.34
CA GLY B 441 -9.70 -6.31 -20.77
C GLY B 441 -9.14 -6.94 -22.00
N ARG B 442 -9.15 -8.27 -22.08
CA ARG B 442 -8.64 -8.93 -23.28
C ARG B 442 -9.49 -8.60 -24.54
N CYS B 443 -8.82 -8.65 -25.67
CA CYS B 443 -9.42 -8.39 -26.93
C CYS B 443 -8.71 -9.26 -27.94
N LEU B 444 -9.38 -10.34 -28.34
CA LEU B 444 -8.78 -11.42 -29.10
C LEU B 444 -9.29 -11.53 -30.53
N GLU B 445 -10.24 -10.70 -30.93
CA GLU B 445 -10.74 -10.75 -32.31
C GLU B 445 -9.68 -10.15 -33.24
N PRO B 446 -9.41 -10.84 -34.37
CA PRO B 446 -8.40 -10.40 -35.35
C PRO B 446 -8.50 -8.93 -35.75
N GLY B 447 -7.37 -8.24 -35.66
CA GLY B 447 -7.28 -6.82 -36.06
C GLY B 447 -7.90 -5.79 -35.11
N LYS B 448 -8.34 -6.22 -33.91
CA LYS B 448 -8.99 -5.31 -32.95
C LYS B 448 -8.08 -5.05 -31.77
N PHE B 449 -8.20 -3.84 -31.23
CA PHE B 449 -7.31 -3.42 -30.15
C PHE B 449 -8.09 -2.80 -29.00
N ALA B 450 -7.70 -3.14 -27.78
CA ALA B 450 -8.31 -2.56 -26.62
C ALA B 450 -8.19 -1.06 -26.74
N ASN B 451 -9.21 -0.36 -26.24
CA ASN B 451 -9.33 1.09 -26.34
C ASN B 451 -8.12 1.89 -25.79
N TRP B 452 -7.31 1.30 -24.92
CA TRP B 452 -6.17 2.02 -24.32
C TRP B 452 -4.86 1.98 -25.12
N ILE B 453 -4.83 1.28 -26.24
CA ILE B 453 -3.60 1.20 -27.05
C ILE B 453 -3.97 1.30 -28.54
N ALA B 454 -3.12 1.98 -29.32
CA ALA B 454 -3.35 2.14 -30.76
C ALA B 454 -2.88 0.88 -31.51
N ALA B 455 -3.31 0.73 -32.75
CA ALA B 455 -2.81 -0.33 -33.60
C ALA B 455 -1.34 -0.09 -33.91
N PRO B 456 -0.55 -1.14 -34.10
CA PRO B 456 0.80 -0.95 -34.57
C PRO B 456 0.88 -0.45 -36.02
N ALA B 457 2.03 0.08 -36.40
CA ALA B 457 2.33 0.54 -37.75
C ALA B 457 2.26 -0.62 -38.76
N ARG B 458 2.76 -1.79 -38.38
CA ARG B 458 2.70 -2.96 -39.28
C ARG B 458 2.63 -4.30 -38.56
N GLY B 459 2.46 -5.36 -39.34
CA GLY B 459 2.37 -6.71 -38.77
C GLY B 459 3.73 -7.35 -38.53
N ILE B 460 3.72 -8.70 -38.54
CA ILE B 460 4.91 -9.51 -38.34
C ILE B 460 5.15 -10.31 -39.62
N ASN B 461 6.41 -10.45 -40.01
CA ASN B 461 6.80 -11.21 -41.19
C ASN B 461 5.96 -10.85 -42.41
N ASN B 462 5.61 -9.57 -42.54
CA ASN B 462 4.78 -9.08 -43.67
C ASN B 462 3.37 -9.64 -43.75
N GLN B 463 2.87 -10.17 -42.64
CA GLN B 463 1.48 -10.54 -42.56
C GLN B 463 0.72 -9.30 -42.13
N PRO B 464 -0.56 -9.20 -42.51
CA PRO B 464 -1.30 -8.01 -42.10
C PRO B 464 -1.53 -7.94 -40.58
N VAL B 465 -1.90 -6.77 -40.09
CA VAL B 465 -2.15 -6.56 -38.68
C VAL B 465 -3.35 -7.39 -38.17
N ASN B 466 -4.31 -7.66 -39.04
CA ASN B 466 -5.50 -8.46 -38.65
C ASN B 466 -5.32 -9.98 -38.81
N PHE B 467 -4.11 -10.41 -39.10
CA PHE B 467 -3.75 -11.81 -39.19
C PHE B 467 -4.03 -12.59 -37.89
N GLU B 468 -4.30 -13.86 -38.05
CA GLU B 468 -4.71 -14.68 -36.91
C GLU B 468 -3.45 -15.18 -36.16
N TYR B 469 -2.80 -14.25 -35.43
CA TYR B 469 -1.47 -14.48 -34.87
C TYR B 469 -1.46 -15.58 -33.80
N VAL B 470 -2.58 -15.78 -33.13
CA VAL B 470 -2.73 -16.92 -32.26
C VAL B 470 -4.05 -17.65 -32.51
N ARG B 471 -4.00 -18.97 -32.79
CA ARG B 471 -5.22 -19.80 -32.88
CA ARG B 471 -5.22 -19.80 -32.87
C ARG B 471 -5.41 -20.57 -31.58
N PHE B 472 -6.62 -20.55 -31.04
CA PHE B 472 -6.83 -21.09 -29.70
C PHE B 472 -7.35 -22.55 -29.54
N ASN B 473 -8.13 -23.10 -30.47
CA ASN B 473 -8.58 -24.50 -30.34
C ASN B 473 -9.45 -24.83 -29.10
N TYR C 4 17.71 27.05 16.44
CA TYR C 4 17.06 28.39 16.40
C TYR C 4 16.71 28.90 15.00
N SER C 5 17.39 28.43 13.97
CA SER C 5 17.24 29.01 12.63
C SER C 5 16.81 28.05 11.54
N GLU C 6 15.56 28.20 11.08
CA GLU C 6 14.99 27.39 10.01
C GLU C 6 15.81 27.59 8.74
N ARG C 7 15.97 26.55 7.93
CA ARG C 7 16.70 26.71 6.69
C ARG C 7 15.90 27.58 5.69
N ILE C 8 16.61 28.29 4.86
CA ILE C 8 15.99 29.04 3.80
C ILE C 8 16.31 28.32 2.49
N PRO C 9 15.30 27.67 1.90
CA PRO C 9 15.49 27.01 0.62
C PRO C 9 15.86 28.02 -0.45
N ASN C 10 16.71 27.63 -1.37
CA ASN C 10 17.16 28.53 -2.39
C ASN C 10 18.02 27.86 -3.43
N ASN C 11 18.11 28.48 -4.60
CA ASN C 11 19.06 28.07 -5.64
C ASN C 11 20.14 29.12 -5.91
N VAL C 12 20.50 29.88 -4.88
CA VAL C 12 21.50 30.96 -5.04
C VAL C 12 22.71 30.78 -4.11
N ASN C 13 22.97 29.54 -3.70
CA ASN C 13 24.09 29.24 -2.82
C ASN C 13 24.13 30.18 -1.63
N LEU C 14 22.98 30.40 -1.03
CA LEU C 14 22.88 31.23 0.17
C LEU C 14 23.82 30.69 1.26
N ASN C 15 23.88 29.37 1.36
CA ASN C 15 24.78 28.66 2.26
C ASN C 15 26.20 29.18 2.27
N GLU C 16 26.72 29.59 1.12
CA GLU C 16 28.13 29.96 0.98
C GLU C 16 28.41 31.44 1.18
N ASN C 17 27.39 32.21 1.58
CA ASN C 17 27.58 33.57 2.05
C ASN C 17 27.01 33.67 3.46
N LYS C 18 27.84 33.41 4.46
CA LYS C 18 27.38 33.35 5.84
C LYS C 18 26.79 34.67 6.33
N THR C 19 27.43 35.78 6.02
CA THR C 19 26.94 37.09 6.44
C THR C 19 25.53 37.40 5.90
N LEU C 20 25.30 37.09 4.63
CA LEU C 20 23.99 37.29 3.99
C LEU C 20 22.98 36.31 4.59
N GLN C 21 23.37 35.04 4.73
CA GLN C 21 22.52 34.03 5.34
C GLN C 21 22.02 34.46 6.71
N ARG C 22 22.94 34.88 7.59
CA ARG C 22 22.58 35.34 8.94
C ARG C 22 21.68 36.57 8.96
N ALA C 23 21.91 37.50 8.05
CA ALA C 23 21.11 38.71 7.96
C ALA C 23 19.65 38.36 7.63
N LEU C 24 19.45 37.46 6.67
CA LEU C 24 18.10 36.97 6.34
C LEU C 24 17.46 36.09 7.42
N GLU C 25 18.28 35.37 8.16
CA GLU C 25 17.80 34.60 9.30
C GLU C 25 17.41 35.49 10.46
N GLN C 26 18.04 36.65 10.53
CA GLN C 26 17.65 37.68 11.48
C GLN C 26 16.27 38.28 11.14
N TRP C 27 15.95 38.37 9.86
CA TRP C 27 14.72 39.00 9.39
C TRP C 27 13.55 38.02 9.42
N GLN C 28 13.84 36.74 9.22
CA GLN C 28 12.82 35.71 9.18
C GLN C 28 11.78 35.68 10.32
N PRO C 29 12.21 35.78 11.60
CA PRO C 29 11.21 35.79 12.69
C PRO C 29 10.24 36.99 12.58
N SER C 30 10.74 38.08 12.02
CA SER C 30 9.95 39.30 11.87
C SER C 30 8.91 39.09 10.77
N PHE C 31 9.34 38.43 9.69
CA PHE C 31 8.44 38.06 8.63
C PHE C 31 7.34 37.17 9.15
N LEU C 32 7.71 36.17 9.95
CA LEU C 32 6.74 35.24 10.51
C LEU C 32 5.80 35.93 11.48
N ASN C 33 6.29 36.91 12.24
CA ASN C 33 5.42 37.73 13.08
C ASN C 33 4.41 38.48 12.25
N TRP C 34 4.86 39.09 11.14
CA TRP C 34 3.96 39.71 10.18
C TRP C 34 2.94 38.72 9.61
N TRP C 35 3.39 37.52 9.25
CA TRP C 35 2.47 36.54 8.70
C TRP C 35 1.39 36.14 9.70
N ASP C 36 1.77 35.98 10.95
CA ASP C 36 0.81 35.61 11.96
C ASP C 36 -0.21 36.71 12.28
N ASP C 37 0.20 37.97 12.17
CA ASP C 37 -0.71 39.10 12.43
C ASP C 37 -1.54 39.52 11.24
N MET C 38 -0.94 39.56 10.06
CA MET C 38 -1.61 40.10 8.88
C MET C 38 -1.88 39.07 7.79
N GLY C 39 -1.48 37.81 8.01
CA GLY C 39 -1.84 36.72 7.10
C GLY C 39 -3.29 36.33 7.29
N PRO C 40 -3.72 35.25 6.64
CA PRO C 40 -5.13 34.87 6.63
C PRO C 40 -5.70 34.65 8.04
N GLU C 41 -6.80 35.33 8.37
CA GLU C 41 -7.40 35.24 9.70
C GLU C 41 -7.67 33.80 10.15
N ASN C 42 -7.33 33.51 11.41
CA ASN C 42 -7.67 32.25 12.10
C ASN C 42 -7.08 30.98 11.49
N SER C 43 -6.01 31.11 10.72
CA SER C 43 -5.54 30.02 9.89
C SER C 43 -4.33 29.30 10.43
N SER C 44 -3.86 29.68 11.61
CA SER C 44 -2.60 29.14 12.11
C SER C 44 -2.64 27.63 12.21
N ASN C 45 -3.79 27.05 12.52
CA ASN C 45 -3.87 25.60 12.68
C ASN C 45 -4.54 24.85 11.53
N TYR C 46 -4.69 25.47 10.35
CA TYR C 46 -5.24 24.78 9.18
C TYR C 46 -4.15 24.06 8.41
N ASP C 47 -4.45 22.85 7.91
CA ASP C 47 -3.59 22.16 6.96
C ASP C 47 -4.15 22.53 5.59
N VAL C 48 -3.34 23.14 4.74
CA VAL C 48 -3.74 23.58 3.40
C VAL C 48 -2.92 22.81 2.37
N TYR C 49 -3.58 22.31 1.32
CA TYR C 49 -2.90 21.61 0.24
C TYR C 49 -2.29 22.68 -0.66
N LEU C 50 -0.98 22.88 -0.52
CA LEU C 50 -0.29 23.95 -1.23
C LEU C 50 0.86 23.49 -2.11
N ARG C 51 1.06 24.27 -3.16
CA ARG C 51 2.23 24.17 -4.00
C ARG C 51 3.38 24.95 -3.33
N THR C 52 4.57 24.38 -3.32
CA THR C 52 5.74 25.09 -2.89
C THR C 52 6.75 24.96 -3.99
N ALA C 53 7.40 26.07 -4.35
CA ALA C 53 8.53 26.05 -5.29
C ALA C 53 9.74 25.39 -4.63
N VAL C 54 10.34 24.41 -5.30
CA VAL C 54 11.55 23.76 -4.76
C VAL C 54 12.77 23.97 -5.65
N SER C 55 12.55 24.44 -6.87
CA SER C 55 13.62 24.66 -7.84
C SER C 55 13.05 25.43 -9.05
N VAL C 56 13.79 25.46 -10.15
CA VAL C 56 13.32 26.04 -11.39
C VAL C 56 13.51 25.08 -12.55
N ASP C 57 13.61 23.80 -12.22
CA ASP C 57 13.87 22.73 -13.17
C ASP C 57 12.52 22.11 -13.52
N PRO C 58 11.99 22.37 -14.74
CA PRO C 58 10.62 21.88 -15.11
C PRO C 58 10.34 20.41 -14.75
N LYS C 59 11.36 19.57 -14.94
CA LYS C 59 11.41 18.16 -14.47
C LYS C 59 10.93 17.92 -13.01
N GLY C 60 10.87 18.98 -12.19
CA GLY C 60 10.25 18.92 -10.86
C GLY C 60 10.51 20.17 -10.05
N TRP C 61 9.71 21.21 -10.22
CA TRP C 61 10.02 22.51 -9.62
C TRP C 61 9.09 22.86 -8.48
N ALA C 62 8.05 22.06 -8.30
CA ALA C 62 7.07 22.31 -7.27
C ALA C 62 6.66 21.00 -6.61
N ASP C 63 6.62 21.04 -5.29
CA ASP C 63 5.97 20.03 -4.48
C ASP C 63 4.53 20.43 -4.23
N PHE C 64 3.67 19.43 -4.09
CA PHE C 64 2.35 19.60 -3.54
C PHE C 64 2.19 18.79 -2.27
N GLY C 65 1.52 19.37 -1.29
CA GLY C 65 1.26 18.66 -0.05
C GLY C 65 0.55 19.56 0.96
N TYR C 66 0.03 18.95 2.01
CA TYR C 66 -0.56 19.68 3.10
C TYR C 66 0.53 20.32 3.96
N VAL C 67 0.32 21.56 4.37
CA VAL C 67 1.20 22.21 5.31
C VAL C 67 0.42 23.26 6.06
N LYS C 68 0.75 23.47 7.32
CA LYS C 68 0.30 24.67 8.04
C LYS C 68 1.07 25.86 7.50
N MET C 69 0.37 26.95 7.18
CA MET C 69 0.99 28.06 6.48
C MET C 69 2.12 28.78 7.25
N HIS C 70 2.09 28.74 8.59
CA HIS C 70 3.18 29.33 9.38
C HIS C 70 4.49 28.63 9.03
N ASP C 71 4.40 27.35 8.65
CA ASP C 71 5.56 26.49 8.33
C ASP C 71 5.89 26.43 6.83
N TYR C 72 5.22 27.23 6.02
CA TYR C 72 5.49 27.22 4.59
C TYR C 72 6.95 27.51 4.27
N ARG C 73 7.51 26.74 3.35
CA ARG C 73 8.91 26.82 2.99
C ARG C 73 9.13 27.97 1.99
N TRP C 74 9.06 29.19 2.50
CA TRP C 74 9.36 30.34 1.71
C TRP C 74 10.82 30.29 1.36
N GLY C 75 11.15 30.47 0.09
CA GLY C 75 12.53 30.45 -0.38
C GLY C 75 12.82 31.48 -1.48
N ILE C 76 14.11 31.56 -1.84
CA ILE C 76 14.67 32.45 -2.83
C ILE C 76 15.03 31.61 -4.06
N PHE C 77 14.37 31.87 -5.17
CA PHE C 77 14.60 31.16 -6.43
C PHE C 77 14.74 32.15 -7.60
N LEU C 78 15.94 32.16 -8.20
CA LEU C 78 16.23 32.96 -9.37
C LEU C 78 16.27 32.05 -10.62
N ALA C 79 15.92 32.62 -11.77
CA ALA C 79 16.09 31.93 -13.04
C ALA C 79 17.58 31.68 -13.18
N PRO C 80 17.97 30.62 -13.90
CA PRO C 80 19.39 30.28 -13.95
C PRO C 80 20.22 31.34 -14.66
N GLN C 81 21.43 31.58 -14.18
CA GLN C 81 22.29 32.61 -14.73
C GLN C 81 22.74 32.23 -16.14
N GLU C 82 22.65 33.18 -17.06
CA GLU C 82 23.10 32.94 -18.44
C GLU C 82 24.56 33.31 -18.61
N GLY C 83 25.21 32.62 -19.54
CA GLY C 83 26.61 32.86 -19.83
C GLY C 83 26.69 34.09 -20.73
N GLU C 84 27.39 35.13 -20.26
CA GLU C 84 27.65 36.37 -21.05
C GLU C 84 26.40 37.05 -21.50
N LYS C 85 25.46 37.19 -20.58
CA LYS C 85 24.24 37.93 -20.86
C LYS C 85 24.64 39.38 -21.06
N LYS C 86 24.15 39.95 -22.15
CA LYS C 86 24.40 41.35 -22.50
C LYS C 86 23.18 42.21 -22.22
N ILE C 87 23.43 43.49 -21.91
CA ILE C 87 22.40 44.50 -21.78
C ILE C 87 21.79 44.70 -23.15
N THR C 88 20.47 44.64 -23.26
CA THR C 88 19.80 44.61 -24.56
C THR C 88 19.16 45.92 -24.98
N PHE C 89 19.28 46.97 -24.17
CA PHE C 89 18.67 48.27 -24.49
C PHE C 89 19.34 49.41 -23.76
N GLY C 90 19.16 50.63 -24.27
CA GLY C 90 19.61 51.86 -23.60
C GLY C 90 21.03 52.24 -23.95
N GLU C 91 21.59 53.20 -23.24
CA GLU C 91 22.95 53.66 -23.53
C GLU C 91 23.97 52.54 -23.32
N HIS C 92 23.63 51.53 -22.50
CA HIS C 92 24.55 50.42 -22.20
C HIS C 92 24.32 49.16 -23.05
N LYS C 93 23.50 49.27 -24.08
CA LYS C 93 23.28 48.13 -24.98
C LYS C 93 24.62 47.57 -25.43
N GLY C 94 24.75 46.25 -25.37
CA GLY C 94 25.95 45.55 -25.83
C GLY C 94 26.93 45.16 -24.73
N GLN C 95 26.94 45.93 -23.63
CA GLN C 95 27.87 45.67 -22.54
C GLN C 95 27.39 44.47 -21.72
N ASP C 96 28.27 43.94 -20.86
CA ASP C 96 27.88 42.85 -19.95
C ASP C 96 26.84 43.31 -18.95
N VAL C 97 25.93 42.41 -18.58
CA VAL C 97 24.97 42.68 -17.51
C VAL C 97 25.70 42.85 -16.18
N TRP C 98 25.01 43.41 -15.19
CA TRP C 98 25.63 43.75 -13.91
C TRP C 98 25.31 42.69 -12.87
N GLN C 99 26.32 42.26 -12.13
CA GLN C 99 26.14 41.38 -10.98
C GLN C 99 26.04 42.19 -9.69
N GLU C 100 26.64 43.37 -9.67
CA GLU C 100 26.43 44.30 -8.58
C GLU C 100 25.80 45.55 -9.14
N VAL C 101 25.25 46.35 -8.23
CA VAL C 101 24.54 47.57 -8.59
C VAL C 101 25.49 48.76 -8.64
N PRO C 102 25.61 49.42 -9.80
CA PRO C 102 26.50 50.57 -9.90
C PRO C 102 26.05 51.70 -8.98
N GLY C 103 26.99 52.42 -8.39
CA GLY C 103 26.69 53.52 -7.47
C GLY C 103 25.74 54.56 -8.01
N GLU C 104 25.95 55.00 -9.25
CA GLU C 104 25.09 56.04 -9.84
C GLU C 104 23.62 55.62 -9.89
N TYR C 105 23.37 54.32 -9.94
CA TYR C 105 21.99 53.80 -10.02
C TYR C 105 21.43 53.22 -8.72
N ARG C 106 22.26 53.21 -7.68
CA ARG C 106 21.95 52.53 -6.43
C ARG C 106 20.62 52.93 -5.83
N SER C 107 20.39 54.21 -5.65
CA SER C 107 19.16 54.65 -4.98
C SER C 107 17.96 54.49 -5.89
N THR C 108 18.11 54.71 -7.17
CA THR C 108 17.00 54.52 -8.10
C THR C 108 16.54 53.06 -8.08
N LEU C 109 17.49 52.16 -8.22
CA LEU C 109 17.20 50.72 -8.25
C LEU C 109 16.65 50.25 -6.89
N ARG C 110 17.11 50.86 -5.81
CA ARG C 110 16.60 50.54 -4.48
C ARG C 110 15.13 50.87 -4.38
N ARG C 111 14.76 52.09 -4.82
CA ARG C 111 13.37 52.51 -4.76
C ARG C 111 12.51 51.61 -5.62
N ILE C 112 13.03 51.20 -6.78
CA ILE C 112 12.25 50.34 -7.66
C ILE C 112 11.94 49.05 -6.94
N ILE C 113 12.96 48.44 -6.35
CA ILE C 113 12.80 47.17 -5.65
C ILE C 113 11.89 47.29 -4.42
N VAL C 114 12.05 48.35 -3.66
CA VAL C 114 11.21 48.57 -2.49
C VAL C 114 9.77 48.75 -2.87
N THR C 115 9.51 49.54 -3.92
CA THR C 115 8.13 49.78 -4.40
C THR C 115 7.47 48.50 -4.84
N GLN C 116 8.18 47.70 -5.62
CA GLN C 116 7.69 46.40 -6.02
C GLN C 116 7.49 45.56 -4.77
N GLY C 117 8.47 45.55 -3.87
CA GLY C 117 8.36 44.78 -2.63
C GLY C 117 7.14 45.08 -1.78
N ASP C 118 6.79 46.36 -1.69
CA ASP C 118 5.72 46.83 -0.83
C ASP C 118 4.35 46.34 -1.27
N THR C 119 4.13 46.20 -2.59
CA THR C 119 2.84 45.72 -3.07
C THR C 119 2.56 44.28 -2.63
N GLU C 120 3.62 43.51 -2.38
CA GLU C 120 3.49 42.06 -2.08
C GLU C 120 2.78 41.79 -0.78
N PRO C 121 3.31 42.25 0.36
CA PRO C 121 2.56 42.09 1.62
C PRO C 121 1.27 42.90 1.68
N ALA C 122 1.18 43.98 0.88
CA ALA C 122 -0.02 44.80 0.83
C ALA C 122 -1.18 43.97 0.34
N SER C 123 -0.97 43.14 -0.67
CA SER C 123 -2.07 42.28 -1.17
C SER C 123 -2.55 41.31 -0.09
N VAL C 124 -1.63 40.73 0.67
CA VAL C 124 -2.03 39.79 1.71
C VAL C 124 -2.84 40.52 2.75
N GLU C 125 -2.40 41.72 3.12
CA GLU C 125 -3.12 42.51 4.11
C GLU C 125 -4.53 42.85 3.63
N GLN C 126 -4.66 43.19 2.35
CA GLN C 126 -5.96 43.52 1.78
C GLN C 126 -6.91 42.36 1.74
N GLN C 127 -6.38 41.14 1.68
CA GLN C 127 -7.16 39.92 1.46
C GLN C 127 -7.32 38.99 2.70
N ARG C 128 -6.75 39.40 3.82
CA ARG C 128 -6.70 38.54 5.00
C ARG C 128 -8.05 38.04 5.52
N HIS C 129 -9.09 38.83 5.37
CA HIS C 129 -10.38 38.49 5.94
C HIS C 129 -11.19 37.64 5.00
N LEU C 130 -10.81 37.60 3.72
CA LEU C 130 -11.61 36.86 2.71
C LEU C 130 -11.94 35.39 3.04
N GLY C 131 -11.05 34.68 3.73
CA GLY C 131 -11.26 33.25 4.06
C GLY C 131 -12.58 32.97 4.76
N LEU C 132 -12.99 33.90 5.62
CA LEU C 132 -14.19 33.73 6.41
C LEU C 132 -15.46 33.69 5.59
N THR C 133 -15.40 34.10 4.34
CA THR C 133 -16.56 34.03 3.45
C THR C 133 -16.27 33.27 2.16
N ALA C 134 -15.33 32.32 2.20
CA ALA C 134 -14.89 31.60 1.00
C ALA C 134 -16.03 30.75 0.43
N PRO C 135 -16.23 30.82 -0.89
CA PRO C 135 -17.35 30.12 -1.50
C PRO C 135 -17.14 28.62 -1.74
N SER C 136 -15.96 28.08 -1.43
CA SER C 136 -15.69 26.65 -1.55
C SER C 136 -14.28 26.36 -1.00
N LEU C 137 -14.01 25.12 -0.60
CA LEU C 137 -12.66 24.71 -0.18
C LEU C 137 -11.65 25.00 -1.31
N TYR C 138 -12.06 24.72 -2.54
CA TYR C 138 -11.22 25.00 -3.72
C TYR C 138 -10.81 26.47 -3.80
N ASP C 139 -11.77 27.32 -3.55
CA ASP C 139 -11.51 28.75 -3.61
C ASP C 139 -10.67 29.22 -2.42
N LEU C 140 -10.96 28.71 -1.24
CA LEU C 140 -10.17 29.05 -0.07
C LEU C 140 -8.70 28.69 -0.30
N ARG C 141 -8.46 27.49 -0.86
CA ARG C 141 -7.11 27.02 -1.09
C ARG C 141 -6.39 27.89 -2.12
N ASN C 142 -7.09 28.24 -3.19
CA ASN C 142 -6.53 29.19 -4.17
C ASN C 142 -6.19 30.51 -3.55
N LEU C 143 -7.02 30.98 -2.63
CA LEU C 143 -6.73 32.29 -1.98
C LEU C 143 -5.44 32.15 -1.20
N PHE C 144 -5.32 31.03 -0.47
CA PHE C 144 -4.16 30.83 0.38
C PHE C 144 -2.92 30.68 -0.48
N GLN C 145 -3.04 29.96 -1.59
CA GLN C 145 -1.90 29.77 -2.51
C GLN C 145 -1.42 31.16 -2.95
N VAL C 146 -2.33 31.99 -3.42
CA VAL C 146 -1.93 33.33 -3.81
C VAL C 146 -1.26 34.06 -2.65
N ASN C 147 -1.82 33.94 -1.46
CA ASN C 147 -1.23 34.60 -0.28
C ASN C 147 0.20 34.17 0.00
N VAL C 148 0.46 32.86 0.02
CA VAL C 148 1.81 32.38 0.37
C VAL C 148 2.83 32.80 -0.71
N GLU C 149 2.37 32.87 -1.95
CA GLU C 149 3.25 33.27 -3.03
C GLU C 149 3.60 34.76 -2.99
N GLU C 150 2.63 35.59 -2.61
CA GLU C 150 2.90 37.04 -2.48
C GLU C 150 3.82 37.25 -1.25
N GLY C 151 3.72 36.36 -0.26
CA GLY C 151 4.71 36.30 0.79
C GLY C 151 6.09 36.01 0.23
N ARG C 152 6.18 35.02 -0.66
CA ARG C 152 7.48 34.65 -1.24
C ARG C 152 8.00 35.78 -2.11
N HIS C 153 7.13 36.53 -2.73
CA HIS C 153 7.59 37.70 -3.49
C HIS C 153 8.23 38.77 -2.57
N LEU C 154 7.74 38.87 -1.34
CA LEU C 154 8.37 39.74 -0.38
C LEU C 154 9.77 39.22 -0.07
N TRP C 155 9.89 37.92 0.19
CA TRP C 155 11.20 37.32 0.38
C TRP C 155 12.10 37.60 -0.84
N ALA C 156 11.53 37.47 -2.04
CA ALA C 156 12.29 37.71 -3.28
C ALA C 156 13.00 39.06 -3.28
N MET C 157 12.27 40.10 -2.87
CA MET C 157 12.77 41.46 -2.92
C MET C 157 13.65 41.78 -1.69
N VAL C 158 13.28 41.28 -0.52
CA VAL C 158 14.08 41.49 0.65
C VAL C 158 15.44 40.84 0.45
N TYR C 159 15.48 39.71 -0.28
CA TYR C 159 16.74 39.04 -0.62
C TYR C 159 17.64 39.97 -1.37
N LEU C 160 17.09 40.62 -2.40
CA LEU C 160 17.88 41.56 -3.20
C LEU C 160 18.38 42.68 -2.34
N LEU C 161 17.51 43.22 -1.50
CA LEU C 161 17.86 44.37 -0.62
C LEU C 161 19.04 44.02 0.30
N HIS C 162 18.94 42.90 0.99
CA HIS C 162 20.07 42.45 1.84
C HIS C 162 21.33 42.16 1.03
N ALA C 163 21.16 41.43 -0.08
CA ALA C 163 22.29 40.97 -0.89
C ALA C 163 23.09 42.09 -1.57
N HIS C 164 22.44 43.18 -1.95
CA HIS C 164 23.08 44.17 -2.82
C HIS C 164 22.98 45.63 -2.37
N PHE C 165 22.27 45.89 -1.26
CA PHE C 165 21.98 47.26 -0.84
C PHE C 165 22.40 47.58 0.59
N GLY C 166 23.30 46.79 1.14
CA GLY C 166 23.95 47.16 2.39
C GLY C 166 23.01 47.43 3.55
N ARG C 167 23.35 48.42 4.37
CA ARG C 167 22.61 48.74 5.58
CA ARG C 167 22.59 48.69 5.59
C ARG C 167 21.19 49.24 5.30
N ASP C 168 21.04 50.13 4.32
CA ASP C 168 19.68 50.65 4.09
C ASP C 168 18.78 49.54 3.57
N GLY C 169 19.37 48.63 2.78
CA GLY C 169 18.67 47.44 2.32
C GLY C 169 18.11 46.66 3.50
N ARG C 170 18.93 46.52 4.52
CA ARG C 170 18.55 45.88 5.77
C ARG C 170 17.42 46.68 6.43
N GLU C 171 17.58 48.00 6.48
CA GLU C 171 16.56 48.88 7.00
C GLU C 171 15.27 48.75 6.16
N GLU C 172 15.38 48.73 4.83
CA GLU C 172 14.18 48.63 3.95
C GLU C 172 13.40 47.33 4.20
N GLY C 173 14.11 46.26 4.49
CA GLY C 173 13.48 44.98 4.78
C GLY C 173 12.64 45.01 6.04
N GLU C 174 13.10 45.76 7.02
CA GLU C 174 12.36 45.96 8.25
C GLU C 174 11.10 46.73 7.99
N ALA C 175 11.27 47.86 7.30
CA ALA C 175 10.21 48.83 7.09
C ALA C 175 9.12 48.24 6.22
N LEU C 176 9.49 47.35 5.30
CA LEU C 176 8.48 46.55 4.55
C LEU C 176 7.45 45.80 5.44
N LEU C 177 7.83 45.43 6.64
CA LEU C 177 6.92 44.77 7.58
C LEU C 177 6.19 45.71 8.51
N GLU C 178 6.61 46.98 8.53
CA GLU C 178 6.07 47.97 9.46
C GLU C 178 4.98 48.83 8.85
N ARG C 179 4.92 48.95 7.52
CA ARG C 179 3.82 49.62 6.87
C ARG C 179 2.67 48.65 6.80
N ARG C 180 1.45 49.15 6.61
CA ARG C 180 0.26 48.30 6.70
C ARG C 180 -0.87 48.88 5.84
N SER C 181 -1.44 48.04 4.96
CA SER C 181 -2.45 48.48 4.00
C SER C 181 -3.58 49.27 4.69
N GLY C 182 -3.88 50.45 4.16
CA GLY C 182 -4.94 51.29 4.72
C GLY C 182 -4.68 51.99 6.06
N ASP C 183 -3.52 51.78 6.68
CA ASP C 183 -3.19 52.39 7.94
C ASP C 183 -3.02 53.93 7.80
N GLU C 184 -3.44 54.68 8.80
CA GLU C 184 -3.41 56.15 8.72
C GLU C 184 -1.98 56.71 8.86
N ASP C 185 -1.16 56.05 9.67
CA ASP C 185 0.18 56.53 9.97
C ASP C 185 1.31 55.88 9.17
N ASN C 186 1.19 54.62 8.79
CA ASN C 186 2.18 53.98 7.94
C ASN C 186 1.52 53.18 6.84
N PRO C 187 0.84 53.87 5.92
CA PRO C 187 0.19 53.18 4.82
C PRO C 187 1.21 52.57 3.89
N ARG C 188 0.73 51.71 3.01
CA ARG C 188 1.55 51.21 1.94
C ARG C 188 1.74 52.32 0.92
N ILE C 189 2.68 52.13 0.02
CA ILE C 189 3.19 53.23 -0.82
C ILE C 189 2.20 53.67 -1.90
N LEU C 190 1.55 52.73 -2.57
CA LEU C 190 0.69 53.07 -3.69
C LEU C 190 -0.78 53.06 -3.26
N THR C 191 -1.56 53.96 -3.83
CA THR C 191 -2.97 54.08 -3.51
C THR C 191 -3.77 52.79 -3.70
N ALA C 192 -3.64 52.14 -4.85
CA ALA C 192 -4.36 50.90 -5.15
C ALA C 192 -4.16 49.81 -4.07
N PHE C 193 -3.04 49.89 -3.34
CA PHE C 193 -2.70 48.88 -2.35
C PHE C 193 -3.07 49.30 -0.91
N ASN C 194 -3.76 50.42 -0.79
CA ASN C 194 -4.43 50.81 0.44
C ASN C 194 -5.95 50.70 0.36
N GLU C 195 -6.47 50.40 -0.83
CA GLU C 195 -7.93 50.12 -1.00
C GLU C 195 -8.34 48.86 -0.23
N LYS C 196 -9.61 48.82 0.17
CA LYS C 196 -10.28 47.59 0.65
C LYS C 196 -10.41 46.61 -0.52
N THR C 197 -10.31 45.32 -0.21
CA THR C 197 -10.79 44.24 -1.11
C THR C 197 -11.91 43.54 -0.35
N PRO C 198 -13.12 44.12 -0.41
CA PRO C 198 -14.19 43.85 0.55
C PRO C 198 -14.98 42.60 0.30
N ASP C 199 -14.84 42.00 -0.89
CA ASP C 199 -15.57 40.78 -1.18
C ASP C 199 -14.86 39.92 -2.20
N TRP C 200 -15.41 38.75 -2.50
CA TRP C 200 -14.74 37.81 -3.40
C TRP C 200 -14.80 38.24 -4.84
N LEU C 201 -15.80 39.02 -5.20
CA LEU C 201 -15.88 39.50 -6.56
C LEU C 201 -14.75 40.52 -6.81
N SER C 202 -14.45 41.35 -5.80
CA SER C 202 -13.30 42.24 -5.87
C SER C 202 -11.99 41.44 -5.92
N PHE C 203 -11.89 40.43 -5.08
CA PHE C 203 -10.70 39.60 -5.09
C PHE C 203 -10.39 39.06 -6.49
N PHE C 204 -11.37 38.46 -7.15
CA PHE C 204 -11.10 37.87 -8.46
C PHE C 204 -10.74 38.93 -9.51
N MET C 205 -11.38 40.11 -9.43
CA MET C 205 -11.01 41.22 -10.31
C MET C 205 -9.60 41.72 -10.02
N PHE C 206 -9.27 41.78 -8.73
CA PHE C 206 -7.96 42.22 -8.33
C PHE C 206 -6.91 41.29 -8.91
N THR C 207 -7.07 39.99 -8.68
CA THR C 207 -6.08 39.05 -9.21
C THR C 207 -6.11 38.98 -10.73
N PHE C 208 -7.24 39.32 -11.34
CA PHE C 208 -7.32 39.34 -12.81
C PHE C 208 -6.69 40.61 -13.40
N ILE C 209 -6.88 41.73 -12.71
CA ILE C 209 -6.47 43.04 -13.24
C ILE C 209 -5.22 43.62 -12.59
N THR C 210 -5.21 43.71 -11.27
CA THR C 210 -4.11 44.35 -10.57
C THR C 210 -2.89 43.46 -10.46
N ASP C 211 -3.04 42.16 -10.20
CA ASP C 211 -1.91 41.25 -10.31
C ASP C 211 -1.30 41.34 -11.72
N ARG C 212 -2.11 41.68 -12.74
CA ARG C 212 -1.61 41.81 -14.11
C ARG C 212 -0.72 43.02 -14.28
N ASP C 213 -0.96 44.07 -13.52
CA ASP C 213 0.02 45.17 -13.42
C ASP C 213 1.33 44.63 -12.84
N GLY C 214 1.22 43.67 -11.93
CA GLY C 214 2.40 42.97 -11.45
C GLY C 214 3.12 42.29 -12.60
N LYS C 215 2.37 41.55 -13.43
CA LYS C 215 2.96 40.89 -14.57
C LYS C 215 3.80 41.90 -15.38
N PHE C 216 3.21 43.04 -15.71
CA PHE C 216 3.85 43.90 -16.68
C PHE C 216 5.03 44.68 -16.11
N GLN C 217 4.95 45.07 -14.84
CA GLN C 217 6.08 45.72 -14.17
C GLN C 217 7.20 44.70 -14.05
N LEU C 218 6.85 43.48 -13.66
CA LEU C 218 7.85 42.44 -13.50
C LEU C 218 8.52 42.10 -14.82
N ALA C 219 7.72 42.05 -15.89
CA ALA C 219 8.28 41.66 -17.22
C ALA C 219 9.27 42.72 -17.65
N SER C 220 8.98 43.96 -17.28
CA SER C 220 9.85 45.09 -17.59
C SER C 220 11.13 45.06 -16.81
N LEU C 221 11.01 44.73 -15.52
CA LEU C 221 12.19 44.57 -14.67
C LEU C 221 12.96 43.33 -15.06
N ALA C 222 12.28 42.33 -15.64
CA ALA C 222 12.92 41.07 -16.12
C ALA C 222 13.91 41.29 -17.25
N GLU C 223 13.86 42.48 -17.86
CA GLU C 223 14.83 42.86 -18.88
C GLU C 223 16.01 43.62 -18.27
N SER C 224 15.98 43.88 -16.97
CA SER C 224 16.92 44.81 -16.35
C SER C 224 18.38 44.40 -16.54
N ALA C 225 19.25 45.40 -16.76
CA ALA C 225 20.70 45.23 -16.73
C ALA C 225 21.15 44.65 -15.39
N PHE C 226 20.39 44.94 -14.33
CA PHE C 226 20.77 44.44 -13.04
C PHE C 226 20.29 42.98 -12.98
N ASP C 227 21.21 42.06 -13.26
CA ASP C 227 20.79 40.71 -13.60
C ASP C 227 20.17 39.93 -12.44
N PRO C 228 20.65 40.15 -11.21
CA PRO C 228 19.94 39.46 -10.12
C PRO C 228 18.45 39.84 -10.00
N LEU C 229 18.15 41.12 -10.23
CA LEU C 229 16.78 41.58 -10.33
C LEU C 229 16.08 40.91 -11.51
N ALA C 230 16.74 40.90 -12.67
CA ALA C 230 16.14 40.31 -13.88
C ALA C 230 15.73 38.86 -13.61
N ARG C 231 16.64 38.11 -13.01
CA ARG C 231 16.45 36.70 -12.73
C ARG C 231 15.39 36.46 -11.66
N THR C 232 15.32 37.36 -10.68
CA THR C 232 14.30 37.24 -9.67
C THR C 232 12.96 37.34 -10.34
N CYS C 233 12.77 38.39 -11.12
CA CYS C 233 11.49 38.66 -11.77
C CYS C 233 11.09 37.59 -12.81
N LYS C 234 12.04 37.07 -13.59
CA LYS C 234 11.71 36.01 -14.55
C LYS C 234 10.95 34.89 -13.87
N PHE C 235 11.43 34.47 -12.72
CA PHE C 235 10.77 33.42 -11.98
C PHE C 235 9.43 33.91 -11.42
N MET C 236 9.41 35.09 -10.82
CA MET C 236 8.18 35.62 -10.26
C MET C 236 7.06 35.60 -11.29
N LEU C 237 7.37 35.89 -12.55
CA LEU C 237 6.34 35.87 -13.59
C LEU C 237 5.62 34.54 -13.69
N THR C 238 6.33 33.45 -13.48
CA THR C 238 5.69 32.12 -13.43
C THR C 238 4.64 32.08 -12.32
N GLU C 239 4.98 32.57 -11.14
CA GLU C 239 4.01 32.64 -10.06
C GLU C 239 2.83 33.59 -10.38
N GLU C 240 3.11 34.72 -11.02
CA GLU C 240 2.04 35.63 -11.36
C GLU C 240 1.06 35.04 -12.34
N ALA C 241 1.51 34.16 -13.23
CA ALA C 241 0.59 33.41 -14.11
C ALA C 241 -0.48 32.68 -13.30
N HIS C 242 -0.15 32.12 -12.13
CA HIS C 242 -1.18 31.40 -11.37
CA HIS C 242 -1.10 31.43 -11.28
C HIS C 242 -2.20 32.35 -10.79
N HIS C 243 -1.78 33.58 -10.45
CA HIS C 243 -2.64 34.56 -9.84
C HIS C 243 -3.69 35.06 -10.86
N LEU C 244 -3.22 35.32 -12.07
CA LEU C 244 -4.08 35.75 -13.17
C LEU C 244 -5.06 34.63 -13.49
N PHE C 245 -4.63 33.39 -13.43
CA PHE C 245 -5.56 32.28 -13.65
C PHE C 245 -6.70 32.32 -12.63
N VAL C 246 -6.36 32.43 -11.35
CA VAL C 246 -7.37 32.50 -10.29
C VAL C 246 -8.38 33.62 -10.59
N GLY C 247 -7.91 34.77 -10.99
CA GLY C 247 -8.81 35.89 -11.28
C GLY C 247 -9.69 35.66 -12.49
N GLU C 248 -9.08 35.30 -13.61
CA GLU C 248 -9.81 35.10 -14.85
C GLU C 248 -10.88 34.02 -14.71
N SER C 249 -10.52 32.89 -14.10
CA SER C 249 -11.50 31.82 -13.96
C SER C 249 -12.43 32.05 -12.78
N GLY C 250 -12.02 32.88 -11.84
CA GLY C 250 -12.96 33.32 -10.81
C GLY C 250 -14.16 33.99 -11.47
N ILE C 251 -13.89 35.04 -12.23
CA ILE C 251 -14.98 35.76 -12.87
C ILE C 251 -15.71 34.88 -13.89
N ALA C 252 -14.97 34.01 -14.58
CA ALA C 252 -15.58 33.17 -15.60
C ALA C 252 -16.65 32.28 -14.98
N ARG C 253 -16.33 31.76 -13.81
CA ARG C 253 -17.23 30.85 -13.07
C ARG C 253 -18.43 31.59 -12.49
N VAL C 254 -18.24 32.87 -12.14
CA VAL C 254 -19.33 33.74 -11.73
C VAL C 254 -20.27 34.03 -12.94
N ILE C 255 -19.68 34.37 -14.09
CA ILE C 255 -20.47 34.62 -15.30
C ILE C 255 -21.23 33.34 -15.68
N GLN C 256 -20.55 32.21 -15.61
CA GLN C 256 -21.17 30.94 -15.95
C GLN C 256 -22.43 30.74 -15.13
N ARG C 257 -22.32 31.02 -13.84
CA ARG C 257 -23.39 30.77 -12.90
C ARG C 257 -24.55 31.71 -13.18
N THR C 258 -24.26 32.98 -13.41
CA THR C 258 -25.30 33.97 -13.72
C THR C 258 -25.98 33.61 -15.03
N CYS C 259 -25.21 33.22 -16.04
CA CYS C 259 -25.82 32.79 -17.29
C CYS C 259 -26.67 31.51 -17.11
N GLU C 260 -26.23 30.56 -16.28
CA GLU C 260 -27.06 29.36 -15.99
C GLU C 260 -28.42 29.81 -15.45
N VAL C 261 -28.42 30.79 -14.54
CA VAL C 261 -29.65 31.21 -13.89
C VAL C 261 -30.50 32.10 -14.82
N MET C 262 -29.89 32.87 -15.71
CA MET C 262 -30.67 33.63 -16.68
C MET C 262 -31.46 32.68 -17.60
N LYS C 263 -30.81 31.60 -18.02
CA LYS C 263 -31.45 30.59 -18.88
C LYS C 263 -32.55 29.82 -18.12
N GLU C 264 -32.21 29.42 -16.88
CA GLU C 264 -33.09 28.65 -16.01
C GLU C 264 -34.38 29.41 -15.69
N LEU C 265 -34.29 30.72 -15.52
CA LEU C 265 -35.47 31.55 -15.19
C LEU C 265 -36.09 32.22 -16.43
N GLY C 266 -35.46 32.04 -17.59
CA GLY C 266 -35.90 32.73 -18.81
C GLY C 266 -35.95 34.25 -18.69
N THR C 267 -35.04 34.82 -17.91
CA THR C 267 -35.05 36.27 -17.73
C THR C 267 -33.70 36.93 -17.71
N ASP C 268 -33.79 38.24 -17.84
CA ASP C 268 -32.71 39.17 -18.02
C ASP C 268 -32.66 40.18 -16.86
N ASP C 269 -33.74 40.23 -16.09
CA ASP C 269 -34.04 41.34 -15.18
C ASP C 269 -33.20 41.23 -13.91
N PRO C 270 -32.41 42.28 -13.60
CA PRO C 270 -31.55 42.29 -12.42
C PRO C 270 -32.29 41.98 -11.13
N ALA C 271 -33.45 42.60 -10.93
CA ALA C 271 -34.25 42.37 -9.73
C ALA C 271 -34.49 40.86 -9.54
N LYS C 272 -34.87 40.18 -10.62
CA LYS C 272 -35.16 38.75 -10.59
C LYS C 272 -33.92 37.89 -10.41
N LEU C 273 -32.83 38.25 -11.09
CA LEU C 273 -31.56 37.54 -10.90
C LEU C 273 -31.05 37.68 -9.46
N ARG C 274 -31.21 38.86 -8.88
CA ARG C 274 -30.79 39.09 -7.48
C ARG C 274 -31.69 38.35 -6.48
N ALA C 275 -32.98 38.24 -6.79
CA ALA C 275 -33.89 37.43 -5.97
C ALA C 275 -33.40 35.98 -5.91
N ALA C 276 -32.75 35.52 -6.99
CA ALA C 276 -32.19 34.16 -7.07
C ALA C 276 -30.73 34.09 -6.62
N GLY C 277 -30.19 35.17 -6.07
CA GLY C 277 -28.87 35.14 -5.47
C GLY C 277 -27.68 34.97 -6.42
N VAL C 278 -27.78 35.55 -7.63
CA VAL C 278 -26.62 35.64 -8.54
C VAL C 278 -26.21 37.09 -8.77
N ILE C 279 -25.00 37.29 -9.26
CA ILE C 279 -24.51 38.63 -9.56
C ILE C 279 -24.80 38.94 -11.02
N ASP C 280 -25.72 39.88 -11.24
CA ASP C 280 -26.14 40.28 -12.58
C ASP C 280 -24.95 40.82 -13.35
N LEU C 281 -24.95 40.61 -14.66
CA LEU C 281 -23.81 40.94 -15.49
C LEU C 281 -23.49 42.43 -15.51
N PRO C 282 -24.50 43.31 -15.53
CA PRO C 282 -24.17 44.72 -15.48
C PRO C 282 -23.41 45.11 -14.22
N THR C 283 -23.79 44.56 -13.07
CA THR C 283 -23.08 44.84 -11.83
C THR C 283 -21.62 44.40 -11.94
N LEU C 284 -21.42 43.20 -12.46
CA LEU C 284 -20.08 42.71 -12.79
C LEU C 284 -19.26 43.69 -13.64
N GLN C 285 -19.91 44.24 -14.67
CA GLN C 285 -19.29 45.23 -15.53
C GLN C 285 -18.81 46.44 -14.72
N LYS C 286 -19.60 46.88 -13.75
CA LYS C 286 -19.19 48.03 -12.93
C LYS C 286 -17.94 47.68 -12.13
N TYR C 287 -17.90 46.49 -11.55
CA TYR C 287 -16.71 46.03 -10.87
C TYR C 287 -15.50 46.03 -11.80
N LEU C 288 -15.71 45.57 -13.03
CA LEU C 288 -14.60 45.57 -14.02
C LEU C 288 -14.14 47.01 -14.25
N ASN C 289 -15.08 47.90 -14.47
CA ASN C 289 -14.77 49.33 -14.66
C ASN C 289 -13.98 49.90 -13.51
N PHE C 290 -14.32 49.50 -12.28
CA PHE C 290 -13.63 50.01 -11.10
C PHE C 290 -12.17 49.56 -11.05
N HIS C 291 -11.95 48.25 -11.08
CA HIS C 291 -10.61 47.71 -10.86
C HIS C 291 -9.69 48.00 -12.05
N TYR C 292 -10.27 47.99 -13.24
CA TYR C 292 -9.52 48.37 -14.42
C TYR C 292 -9.00 49.81 -14.32
N SER C 293 -9.89 50.75 -14.08
CA SER C 293 -9.47 52.15 -14.06
C SER C 293 -8.53 52.48 -12.93
N VAL C 294 -8.80 51.93 -11.74
CA VAL C 294 -7.93 52.16 -10.59
C VAL C 294 -6.55 51.55 -10.85
N THR C 295 -6.51 50.37 -11.46
CA THR C 295 -5.23 49.74 -11.71
C THR C 295 -4.47 50.52 -12.77
N SER C 296 -5.17 51.07 -13.74
CA SER C 296 -4.49 51.77 -14.84
C SER C 296 -3.57 52.90 -14.33
N ASP C 297 -4.01 53.57 -13.26
CA ASP C 297 -3.23 54.62 -12.62
C ASP C 297 -1.85 54.16 -12.18
N LEU C 298 -1.68 52.88 -11.86
CA LEU C 298 -0.39 52.38 -11.40
C LEU C 298 0.75 52.55 -12.42
N TYR C 299 0.43 52.70 -13.70
CA TYR C 299 1.47 52.75 -14.72
C TYR C 299 2.13 54.10 -14.84
N GLY C 300 1.57 55.11 -14.16
CA GLY C 300 2.21 56.42 -14.02
C GLY C 300 1.73 57.42 -15.08
N ALA C 301 2.34 58.58 -15.09
CA ALA C 301 1.95 59.59 -16.06
C ALA C 301 2.20 59.04 -17.46
N GLU C 302 1.35 59.39 -18.40
CA GLU C 302 1.59 59.00 -19.79
C GLU C 302 2.92 59.52 -20.28
N ILE C 303 3.20 60.78 -19.97
CA ILE C 303 4.44 61.43 -20.36
C ILE C 303 5.28 61.65 -19.11
N SER C 304 6.51 61.16 -19.14
CA SER C 304 7.33 61.16 -17.95
C SER C 304 8.82 61.09 -18.26
N SER C 305 9.58 62.04 -17.73
CA SER C 305 11.00 62.05 -17.95
C SER C 305 11.72 61.00 -17.11
N ASN C 306 11.13 60.58 -15.99
CA ASN C 306 11.75 59.52 -15.17
C ASN C 306 11.76 58.14 -15.82
N ALA C 307 10.64 57.78 -16.44
CA ALA C 307 10.60 56.50 -17.14
C ALA C 307 11.66 56.48 -18.25
N ALA C 308 11.88 57.62 -18.92
CA ALA C 308 12.91 57.74 -19.94
C ALA C 308 14.28 57.38 -19.39
N THR C 309 14.67 57.96 -18.25
CA THR C 309 15.99 57.67 -17.69
C THR C 309 16.10 56.17 -17.27
N TYR C 310 15.02 55.56 -16.77
CA TYR C 310 15.10 54.13 -16.39
C TYR C 310 15.36 53.22 -17.61
N TYR C 311 14.82 53.60 -18.76
CA TYR C 311 15.12 52.89 -19.99
C TYR C 311 16.55 53.16 -20.41
N THR C 312 16.90 54.43 -20.61
CA THR C 312 18.20 54.76 -21.19
C THR C 312 19.32 54.15 -20.35
N ASN C 313 19.16 54.18 -19.03
CA ASN C 313 20.20 53.69 -18.12
C ASN C 313 20.19 52.20 -17.91
N GLY C 314 19.28 51.52 -18.59
CA GLY C 314 19.23 50.06 -18.54
C GLY C 314 18.55 49.45 -17.35
N LEU C 315 17.87 50.25 -16.53
CA LEU C 315 17.26 49.76 -15.29
C LEU C 315 15.97 48.97 -15.53
N LYS C 316 15.15 49.44 -16.48
CA LYS C 316 13.83 48.90 -16.74
C LYS C 316 13.53 48.95 -18.23
N GLY C 317 13.21 47.80 -18.83
CA GLY C 317 12.97 47.71 -20.27
C GLY C 317 11.50 47.69 -20.62
N ARG C 318 11.18 47.62 -21.91
CA ARG C 318 9.79 47.53 -22.31
C ARG C 318 9.34 46.07 -22.25
N PHE C 319 8.03 45.87 -22.19
CA PHE C 319 7.49 44.56 -22.19
C PHE C 319 8.02 43.85 -23.43
N GLU C 320 8.60 42.65 -23.24
CA GLU C 320 9.15 41.84 -24.33
C GLU C 320 10.06 42.69 -25.22
N GLU C 321 10.96 43.41 -24.55
CA GLU C 321 11.93 44.25 -25.21
C GLU C 321 12.59 43.56 -26.42
N GLU C 322 13.05 42.33 -26.24
CA GLU C 322 13.91 41.70 -27.25
C GLU C 322 13.14 41.30 -28.52
N LYS C 323 11.81 41.29 -28.46
CA LYS C 323 10.99 41.05 -29.67
C LYS C 323 10.66 42.30 -30.48
N ILE C 324 10.91 43.48 -29.93
CA ILE C 324 10.52 44.70 -30.60
C ILE C 324 11.53 45.02 -31.70
N GLY C 325 11.04 45.34 -32.89
CA GLY C 325 11.91 45.60 -34.02
C GLY C 325 12.28 47.06 -34.15
N ASP C 326 13.11 47.56 -33.24
CA ASP C 326 13.72 48.89 -33.41
C ASP C 326 15.17 48.90 -32.89
N ASP C 327 15.77 50.07 -32.76
CA ASP C 327 17.16 50.17 -32.32
C ASP C 327 17.38 49.90 -30.81
N HIS C 328 16.31 49.81 -30.05
CA HIS C 328 16.39 49.64 -28.58
C HIS C 328 17.17 50.77 -27.90
N LYS C 329 17.05 51.97 -28.42
CA LYS C 329 17.63 53.16 -27.82
C LYS C 329 16.58 54.28 -27.82
N LEU C 330 15.91 54.43 -28.97
CA LEU C 330 14.65 55.16 -29.07
C LEU C 330 14.80 56.68 -29.13
N GLN C 331 16.01 57.18 -29.29
CA GLN C 331 16.23 58.62 -29.38
C GLN C 331 15.48 59.22 -30.55
N ASN C 332 15.30 58.43 -31.61
CA ASN C 332 14.62 58.89 -32.82
C ASN C 332 13.32 58.19 -33.09
N SER C 333 12.72 57.62 -32.05
CA SER C 333 11.45 56.94 -32.22
C SER C 333 10.30 57.75 -31.62
N GLU C 334 9.10 57.44 -32.08
CA GLU C 334 7.90 58.14 -31.67
C GLU C 334 6.93 57.14 -31.12
N TYR C 335 5.99 57.62 -30.31
CA TYR C 335 4.90 56.82 -29.82
C TYR C 335 3.65 57.70 -29.76
N GLU C 336 2.50 57.10 -30.07
CA GLU C 336 1.23 57.83 -30.17
C GLU C 336 0.51 57.74 -28.86
N VAL C 337 0.13 58.89 -28.31
CA VAL C 337 -0.62 58.97 -27.06
C VAL C 337 -1.82 59.88 -27.23
N MET C 338 -2.67 59.94 -26.23
CA MET C 338 -3.84 60.79 -26.30
C MET C 338 -3.50 62.18 -25.82
N ASP C 339 -4.45 63.08 -25.97
CA ASP C 339 -4.27 64.48 -25.65
C ASP C 339 -5.62 65.13 -25.40
N VAL C 340 -5.76 65.76 -24.24
CA VAL C 340 -6.97 66.49 -23.89
C VAL C 340 -6.82 67.93 -24.31
N ALA C 341 -7.52 68.30 -25.37
CA ALA C 341 -7.42 69.66 -25.92
C ALA C 341 -8.81 70.23 -26.04
N GLY C 342 -9.12 71.15 -25.12
CA GLY C 342 -10.41 71.82 -25.13
C GLY C 342 -11.45 70.82 -24.66
N ASP C 343 -12.47 70.64 -25.50
CA ASP C 343 -13.56 69.73 -25.20
C ASP C 343 -13.47 68.49 -26.07
N LYS C 344 -12.25 68.11 -26.45
CA LYS C 344 -12.03 66.95 -27.32
C LYS C 344 -10.85 66.11 -26.83
N ILE C 345 -10.94 64.80 -27.07
CA ILE C 345 -9.80 63.89 -26.84
C ILE C 345 -9.18 63.57 -28.19
N LEU C 346 -7.97 64.09 -28.41
CA LEU C 346 -7.24 63.88 -29.64
C LEU C 346 -6.10 62.91 -29.35
N THR C 347 -5.28 62.66 -30.39
CA THR C 347 -4.07 61.87 -30.25
C THR C 347 -2.91 62.72 -30.75
N ARG C 348 -1.71 62.43 -30.28
CA ARG C 348 -0.52 63.12 -30.75
C ARG C 348 0.69 62.20 -30.65
N HIS C 349 1.73 62.54 -31.40
CA HIS C 349 2.94 61.75 -31.41
C HIS C 349 3.94 62.45 -30.49
N VAL C 350 4.66 61.67 -29.69
CA VAL C 350 5.66 62.20 -28.78
C VAL C 350 6.91 61.32 -28.82
N PRO C 351 8.04 61.81 -28.31
CA PRO C 351 9.22 60.93 -28.36
C PRO C 351 8.95 59.63 -27.62
N ALA C 352 9.38 58.51 -28.20
CA ALA C 352 9.10 57.23 -27.58
C ALA C 352 9.63 57.17 -26.11
N LEU C 353 10.79 57.74 -25.85
CA LEU C 353 11.40 57.65 -24.53
C LEU C 353 10.52 58.25 -23.45
N SER C 354 9.76 59.29 -23.81
CA SER C 354 8.90 59.99 -22.86
C SER C 354 7.52 59.32 -22.66
N ALA C 355 7.21 58.32 -23.49
CA ALA C 355 5.89 57.65 -23.44
C ALA C 355 5.94 56.17 -22.99
N LEU C 356 7.00 55.78 -22.29
CA LEU C 356 7.20 54.39 -21.93
C LEU C 356 6.17 53.87 -20.96
N ASN C 357 5.76 54.70 -20.02
CA ASN C 357 4.68 54.29 -19.11
C ASN C 357 3.43 53.98 -19.91
N GLU C 358 3.15 54.76 -20.96
CA GLU C 358 1.93 54.57 -21.75
C GLU C 358 1.99 53.33 -22.63
N ARG C 359 3.19 53.03 -23.12
CA ARG C 359 3.40 51.82 -23.87
C ARG C 359 3.07 50.64 -22.99
N LEU C 360 3.56 50.67 -21.74
CA LEU C 360 3.38 49.52 -20.86
C LEU C 360 1.89 49.42 -20.50
N ARG C 361 1.25 50.57 -20.27
CA ARG C 361 -0.18 50.60 -20.04
C ARG C 361 -0.92 50.01 -21.23
N ASP C 362 -0.57 50.44 -22.44
CA ASP C 362 -1.18 49.88 -23.65
C ASP C 362 -0.98 48.37 -23.76
N ASP C 363 0.18 47.87 -23.35
CA ASP C 363 0.47 46.42 -23.43
C ASP C 363 -0.46 45.68 -22.46
N TRP C 364 -0.57 46.23 -21.25
CA TRP C 364 -1.49 45.71 -20.25
C TRP C 364 -2.96 45.77 -20.71
N ILE C 365 -3.36 46.84 -21.39
CA ILE C 365 -4.74 46.94 -21.88
C ILE C 365 -5.00 45.78 -22.85
N THR C 366 -4.08 45.54 -23.75
CA THR C 366 -4.24 44.45 -24.70
C THR C 366 -4.43 43.10 -23.98
N ASP C 367 -3.67 42.89 -22.92
CA ASP C 367 -3.71 41.61 -22.22
C ASP C 367 -5.04 41.46 -21.50
N VAL C 368 -5.46 42.52 -20.82
CA VAL C 368 -6.74 42.49 -20.15
C VAL C 368 -7.85 42.21 -21.16
N GLN C 369 -7.77 42.85 -22.31
CA GLN C 369 -8.81 42.68 -23.33
C GLN C 369 -8.90 41.23 -23.82
N ALA C 370 -7.75 40.56 -23.94
CA ALA C 370 -7.75 39.16 -24.38
C ALA C 370 -8.53 38.28 -23.40
N GLY C 371 -8.41 38.59 -22.13
CA GLY C 371 -9.18 37.94 -21.08
C GLY C 371 -10.65 38.31 -21.14
N VAL C 372 -10.97 39.57 -21.38
CA VAL C 372 -12.37 39.97 -21.47
C VAL C 372 -13.03 39.23 -22.63
N ASP C 373 -12.28 39.08 -23.72
CA ASP C 373 -12.74 38.35 -24.90
C ASP C 373 -13.09 36.92 -24.58
N ARG C 374 -12.29 36.28 -23.72
CA ARG C 374 -12.53 34.91 -23.25
C ARG C 374 -13.75 34.81 -22.35
N TRP C 375 -13.92 35.73 -21.42
CA TRP C 375 -15.17 35.80 -20.67
C TRP C 375 -16.37 35.91 -21.60
N ASN C 376 -16.29 36.74 -22.64
CA ASN C 376 -17.44 36.96 -23.52
C ASN C 376 -17.88 35.71 -24.32
N ARG C 377 -17.04 34.69 -24.37
CA ARG C 377 -17.46 33.46 -25.01
C ARG C 377 -18.58 32.75 -24.21
N ILE C 378 -18.73 33.08 -22.92
CA ILE C 378 -19.73 32.41 -22.11
C ILE C 378 -21.13 32.86 -22.47
N PRO C 379 -21.43 34.15 -22.37
CA PRO C 379 -22.75 34.55 -22.86
C PRO C 379 -23.03 34.18 -24.32
N ALA C 380 -22.01 34.24 -25.17
CA ALA C 380 -22.18 33.84 -26.59
C ALA C 380 -22.61 32.37 -26.71
N LYS C 381 -22.01 31.54 -25.88
CA LYS C 381 -22.35 30.13 -25.83
C LYS C 381 -23.81 29.91 -25.40
N PHE C 382 -24.33 30.82 -24.57
CA PHE C 382 -25.73 30.78 -24.15
C PHE C 382 -26.66 31.50 -25.14
N GLY C 383 -26.10 32.12 -26.17
CA GLY C 383 -26.88 32.89 -27.11
C GLY C 383 -27.33 34.27 -26.61
N PHE C 384 -26.67 34.80 -25.57
CA PHE C 384 -27.04 36.11 -25.01
C PHE C 384 -26.28 37.21 -25.74
N ASP C 385 -26.90 38.38 -25.81
CA ASP C 385 -26.28 39.54 -26.46
C ASP C 385 -25.23 40.22 -25.58
N PHE C 386 -25.31 40.00 -24.27
CA PHE C 386 -24.45 40.75 -23.35
C PHE C 386 -22.97 40.54 -23.61
N ARG C 387 -22.22 41.66 -23.70
CA ARG C 387 -20.77 41.62 -23.83
C ARG C 387 -20.08 42.52 -22.82
N PHE C 388 -19.04 42.01 -22.19
CA PHE C 388 -18.17 42.82 -21.37
C PHE C 388 -17.25 43.66 -22.23
N THR C 389 -17.05 44.89 -21.80
CA THR C 389 -16.17 45.81 -22.49
C THR C 389 -15.31 46.52 -21.46
N LEU C 390 -14.26 47.17 -21.98
CA LEU C 390 -13.36 47.97 -21.18
C LEU C 390 -13.74 49.40 -21.46
N PRO C 391 -13.79 50.23 -20.42
CA PRO C 391 -14.09 51.65 -20.61
C PRO C 391 -12.90 52.36 -21.22
N HIS C 392 -13.17 53.52 -21.80
CA HIS C 392 -12.13 54.38 -22.38
C HIS C 392 -11.04 54.58 -21.35
N LYS C 393 -9.78 54.59 -21.80
CA LYS C 393 -8.66 54.57 -20.87
C LYS C 393 -8.62 55.81 -19.97
N GLY C 394 -9.33 56.88 -20.35
CA GLY C 394 -9.38 58.10 -19.53
C GLY C 394 -10.48 58.13 -18.50
N PHE C 395 -11.27 57.06 -18.44
CA PHE C 395 -12.36 56.97 -17.48
C PHE C 395 -11.84 56.71 -16.07
N HIS C 396 -12.26 57.53 -15.11
CA HIS C 396 -12.04 57.28 -13.67
C HIS C 396 -10.56 57.18 -13.35
N ARG C 397 -9.80 58.17 -13.82
CA ARG C 397 -8.34 58.17 -13.63
C ARG C 397 -7.95 59.30 -12.70
N LYS C 398 -7.01 59.05 -11.80
CA LYS C 398 -6.46 60.12 -10.93
C LYS C 398 -4.99 60.43 -11.21
N ILE C 399 -4.33 59.61 -12.04
CA ILE C 399 -2.93 59.81 -12.41
C ILE C 399 -2.83 60.13 -13.89
N GLY C 400 -2.19 61.24 -14.25
CA GLY C 400 -1.85 61.56 -15.64
C GLY C 400 -2.73 62.62 -16.25
N MET C 401 -2.72 62.69 -17.59
CA MET C 401 -3.40 63.77 -18.31
C MET C 401 -4.91 63.80 -18.04
N PHE C 402 -5.50 62.67 -17.69
CA PHE C 402 -6.94 62.65 -17.40
C PHE C 402 -7.29 62.93 -15.92
N ALA C 403 -6.29 63.20 -15.08
CA ALA C 403 -6.48 63.31 -13.62
C ALA C 403 -7.50 64.35 -13.20
N ASP C 404 -7.53 65.49 -13.86
CA ASP C 404 -8.34 66.63 -13.39
C ASP C 404 -9.60 66.81 -14.24
N VAL C 405 -10.02 65.73 -14.86
CA VAL C 405 -11.05 65.78 -15.87
C VAL C 405 -11.89 64.51 -15.74
N HIS C 406 -13.11 64.53 -16.25
CA HIS C 406 -13.98 63.35 -16.24
C HIS C 406 -14.30 62.81 -17.63
N VAL C 407 -14.21 61.49 -17.78
CA VAL C 407 -14.48 60.82 -19.05
C VAL C 407 -15.43 59.67 -18.81
N SER C 408 -16.45 59.56 -19.66
CA SER C 408 -17.39 58.45 -19.59
C SER C 408 -16.71 57.20 -20.11
N PRO C 409 -17.28 56.04 -19.82
CA PRO C 409 -16.77 54.79 -20.38
C PRO C 409 -16.72 54.80 -21.91
N ASP C 410 -17.68 55.45 -22.55
CA ASP C 410 -17.66 55.51 -24.00
C ASP C 410 -16.80 56.67 -24.58
N GLY C 411 -16.00 57.34 -23.73
CA GLY C 411 -14.97 58.29 -24.19
C GLY C 411 -15.38 59.74 -24.44
N ARG C 412 -16.44 60.17 -23.78
CA ARG C 412 -16.84 61.57 -23.83
C ARG C 412 -16.28 62.32 -22.61
N LEU C 413 -15.76 63.53 -22.86
CA LEU C 413 -15.43 64.46 -21.79
C LEU C 413 -16.76 64.96 -21.24
N ILE C 414 -16.93 64.81 -19.93
CA ILE C 414 -18.19 65.17 -19.29
C ILE C 414 -17.95 66.10 -18.11
N SER C 415 -18.99 66.85 -17.76
CA SER C 415 -18.91 67.82 -16.71
C SER C 415 -18.90 67.15 -15.36
N GLU C 416 -18.59 67.91 -14.33
CA GLU C 416 -18.55 67.42 -12.97
C GLU C 416 -19.93 66.93 -12.55
N ALA C 417 -20.95 67.67 -12.97
CA ALA C 417 -22.34 67.38 -12.64
C ALA C 417 -22.78 66.04 -13.25
N GLU C 418 -22.52 65.86 -14.55
CA GLU C 418 -22.77 64.58 -15.22
C GLU C 418 -22.09 63.42 -14.51
N TRP C 419 -20.83 63.63 -14.13
CA TRP C 419 -20.11 62.54 -13.43
C TRP C 419 -20.87 62.19 -12.16
N THR C 420 -21.16 63.21 -11.34
CA THR C 420 -21.83 63.02 -10.05
C THR C 420 -23.15 62.28 -10.24
N HIS C 421 -23.93 62.67 -11.25
CA HIS C 421 -25.24 62.09 -11.49
C HIS C 421 -25.22 60.78 -12.27
N GLN C 422 -24.18 60.53 -13.07
CA GLN C 422 -24.17 59.33 -13.92
C GLN C 422 -23.25 58.16 -13.45
N HIS C 423 -22.22 58.43 -12.63
CA HIS C 423 -21.24 57.39 -12.28
C HIS C 423 -21.83 56.20 -11.51
N LYS C 424 -22.98 56.35 -10.89
CA LYS C 424 -23.68 55.19 -10.33
C LYS C 424 -24.03 54.09 -11.35
N ASN C 425 -24.04 54.44 -12.64
CA ASN C 425 -24.27 53.45 -13.70
C ASN C 425 -22.98 52.78 -14.14
N TRP C 426 -21.83 53.33 -13.75
CA TRP C 426 -20.53 52.88 -14.23
C TRP C 426 -19.63 52.22 -13.20
N LEU C 427 -19.80 52.59 -11.92
CA LEU C 427 -19.00 52.03 -10.82
C LEU C 427 -19.90 51.48 -9.71
N PRO C 428 -19.40 50.56 -8.88
CA PRO C 428 -20.32 49.99 -7.88
C PRO C 428 -20.80 50.98 -6.84
N THR C 429 -22.11 50.99 -6.65
CA THR C 429 -22.74 51.79 -5.60
C THR C 429 -22.68 51.05 -4.27
N GLU C 430 -23.02 51.76 -3.21
CA GLU C 430 -23.04 51.17 -1.88
C GLU C 430 -24.06 50.02 -1.92
N SER C 431 -25.19 50.30 -2.55
CA SER C 431 -26.24 49.33 -2.75
C SER C 431 -25.74 48.09 -3.46
N ASP C 432 -24.94 48.26 -4.51
CA ASP C 432 -24.33 47.13 -5.19
C ASP C 432 -23.37 46.37 -4.28
N ARG C 433 -22.52 47.10 -3.55
CA ARG C 433 -21.55 46.48 -2.65
C ARG C 433 -22.24 45.72 -1.51
N LEU C 434 -23.33 46.27 -1.00
CA LEU C 434 -24.09 45.59 0.04
C LEU C 434 -24.75 44.32 -0.50
N TYR C 435 -25.26 44.38 -1.74
CA TYR C 435 -25.91 43.21 -2.32
C TYR C 435 -24.88 42.08 -2.55
N VAL C 436 -23.75 42.40 -3.17
CA VAL C 436 -22.71 41.40 -3.39
C VAL C 436 -22.27 40.80 -2.04
N HIS C 437 -22.06 41.67 -1.06
CA HIS C 437 -21.64 41.27 0.28
C HIS C 437 -22.61 40.29 0.91
N SER C 438 -23.90 40.48 0.68
CA SER C 438 -24.93 39.60 1.23
C SER C 438 -24.90 38.17 0.70
N LEU C 439 -24.31 37.96 -0.47
CA LEU C 439 -24.15 36.62 -1.05
C LEU C 439 -22.94 35.89 -0.51
N MET C 440 -22.08 36.57 0.24
CA MET C 440 -20.82 36.01 0.67
C MET C 440 -20.98 35.15 1.93
N GLY C 441 -21.52 33.96 1.77
CA GLY C 441 -21.63 33.05 2.87
C GLY C 441 -20.58 32.01 2.59
N ARG C 442 -19.82 31.63 3.61
CA ARG C 442 -18.85 30.56 3.42
C ARG C 442 -19.53 29.23 3.12
N CYS C 443 -18.79 28.38 2.42
CA CYS C 443 -19.25 27.06 2.05
C CYS C 443 -17.99 26.18 2.02
N LEU C 444 -17.86 25.32 3.03
CA LEU C 444 -16.63 24.60 3.31
C LEU C 444 -16.71 23.09 3.16
N GLU C 445 -17.88 22.59 2.81
CA GLU C 445 -18.02 21.16 2.60
C GLU C 445 -17.35 20.81 1.27
N PRO C 446 -16.55 19.73 1.24
CA PRO C 446 -15.90 19.25 0.03
C PRO C 446 -16.81 19.16 -1.21
N GLY C 447 -16.35 19.73 -2.30
CA GLY C 447 -17.05 19.68 -3.57
C GLY C 447 -18.27 20.56 -3.71
N LYS C 448 -18.56 21.40 -2.71
CA LYS C 448 -19.75 22.28 -2.77
C LYS C 448 -19.40 23.75 -3.01
N PHE C 449 -20.29 24.45 -3.69
CA PHE C 449 -20.01 25.80 -4.09
C PHE C 449 -21.16 26.75 -3.77
N ALA C 450 -20.83 27.89 -3.21
CA ALA C 450 -21.84 28.90 -2.94
C ALA C 450 -22.65 29.11 -4.22
N ASN C 451 -23.93 29.38 -4.06
CA ASN C 451 -24.85 29.57 -5.18
C ASN C 451 -24.48 30.65 -6.22
N TRP C 452 -23.61 31.59 -5.85
CA TRP C 452 -23.24 32.69 -6.75
C TRP C 452 -22.06 32.39 -7.68
N ILE C 453 -21.41 31.23 -7.52
CA ILE C 453 -20.27 30.85 -8.38
C ILE C 453 -20.39 29.38 -8.87
N ALA C 454 -20.01 29.13 -10.11
CA ALA C 454 -20.03 27.75 -10.65
C ALA C 454 -18.77 27.00 -10.23
N ALA C 455 -18.85 25.67 -10.34
CA ALA C 455 -17.70 24.80 -10.08
C ALA C 455 -16.61 25.07 -11.11
N PRO C 456 -15.34 24.93 -10.71
CA PRO C 456 -14.27 25.04 -11.68
C PRO C 456 -14.22 23.83 -12.61
N ALA C 457 -13.60 24.01 -13.77
CA ALA C 457 -13.42 23.00 -14.79
C ALA C 457 -12.64 21.79 -14.26
N ARG C 458 -11.62 22.05 -13.44
CA ARG C 458 -10.84 20.97 -12.85
C ARG C 458 -10.24 21.33 -11.52
N GLY C 459 -9.59 20.37 -10.88
CA GLY C 459 -8.98 20.57 -9.56
C GLY C 459 -7.53 21.05 -9.62
N ILE C 460 -6.78 20.77 -8.57
CA ILE C 460 -5.40 21.21 -8.45
C ILE C 460 -4.49 20.01 -8.38
N ASN C 461 -3.37 20.05 -9.09
CA ASN C 461 -2.45 18.91 -9.15
C ASN C 461 -3.15 17.58 -9.45
N ASN C 462 -4.17 17.59 -10.32
CA ASN C 462 -4.92 16.40 -10.72
C ASN C 462 -5.74 15.73 -9.61
N GLN C 463 -5.96 16.44 -8.52
CA GLN C 463 -6.88 15.95 -7.51
C GLN C 463 -8.28 16.31 -7.97
N PRO C 464 -9.29 15.55 -7.54
CA PRO C 464 -10.63 15.93 -7.93
C PRO C 464 -11.10 17.27 -7.33
N VAL C 465 -12.19 17.80 -7.87
CA VAL C 465 -12.73 19.08 -7.40
C VAL C 465 -13.24 18.94 -5.95
N ASN C 466 -13.73 17.75 -5.58
CA ASN C 466 -14.25 17.52 -4.22
C ASN C 466 -13.21 17.06 -3.18
N PHE C 467 -11.94 17.11 -3.54
CA PHE C 467 -10.83 16.90 -2.63
C PHE C 467 -10.86 17.90 -1.45
N GLU C 468 -10.29 17.44 -0.35
CA GLU C 468 -10.31 18.17 0.90
C GLU C 468 -9.13 19.14 0.86
N TYR C 469 -9.28 20.23 0.12
CA TYR C 469 -8.17 21.15 -0.15
C TYR C 469 -7.66 21.87 1.09
N VAL C 470 -8.53 22.05 2.09
CA VAL C 470 -8.11 22.60 3.38
C VAL C 470 -8.70 21.74 4.48
N ARG C 471 -7.88 21.27 5.42
CA ARG C 471 -8.43 20.65 6.62
C ARG C 471 -8.26 21.59 7.80
N PHE C 472 -9.28 21.67 8.64
CA PHE C 472 -9.32 22.71 9.66
C PHE C 472 -8.87 22.41 11.11
N ASN C 473 -8.90 21.18 11.58
CA ASN C 473 -8.39 20.87 12.92
C ASN C 473 -8.98 21.72 14.07
N ILE D 8 -19.74 -38.24 -12.79
CA ILE D 8 -20.73 -38.16 -11.67
C ILE D 8 -21.17 -39.56 -11.27
N PRO D 9 -20.61 -40.09 -10.16
CA PRO D 9 -21.03 -41.38 -9.62
C PRO D 9 -22.51 -41.37 -9.28
N ASN D 10 -23.18 -42.50 -9.51
CA ASN D 10 -24.62 -42.57 -9.28
C ASN D 10 -25.18 -43.99 -9.47
N ASN D 11 -26.34 -44.22 -8.86
CA ASN D 11 -27.09 -45.46 -9.08
C ASN D 11 -28.44 -45.19 -9.75
N VAL D 12 -28.51 -44.14 -10.58
CA VAL D 12 -29.74 -43.79 -11.29
C VAL D 12 -29.56 -43.77 -12.81
N ASN D 13 -28.62 -44.58 -13.31
CA ASN D 13 -28.37 -44.69 -14.75
C ASN D 13 -28.33 -43.33 -15.40
N LEU D 14 -27.58 -42.42 -14.79
CA LEU D 14 -27.41 -41.08 -15.33
C LEU D 14 -26.81 -41.17 -16.73
N ASN D 15 -25.87 -42.10 -16.87
CA ASN D 15 -25.24 -42.43 -18.14
C ASN D 15 -26.18 -42.54 -19.34
N GLU D 16 -27.38 -43.08 -19.12
CA GLU D 16 -28.33 -43.37 -20.19
C GLU D 16 -29.32 -42.24 -20.48
N ASN D 17 -29.16 -41.10 -19.81
CA ASN D 17 -29.89 -39.89 -20.16
C ASN D 17 -28.84 -38.81 -20.45
N LYS D 18 -28.46 -38.70 -21.72
CA LYS D 18 -27.40 -37.77 -22.12
C LYS D 18 -27.75 -36.31 -21.82
N THR D 19 -28.97 -35.90 -22.12
CA THR D 19 -29.39 -34.51 -21.89
C THR D 19 -29.29 -34.12 -20.41
N LEU D 20 -29.75 -35.01 -19.54
CA LEU D 20 -29.69 -34.79 -18.10
C LEU D 20 -28.25 -34.80 -17.59
N GLN D 21 -27.47 -35.79 -18.05
CA GLN D 21 -26.05 -35.89 -17.72
C GLN D 21 -25.31 -34.60 -18.07
N ARG D 22 -25.48 -34.09 -19.29
CA ARG D 22 -24.82 -32.84 -19.73
C ARG D 22 -25.25 -31.61 -18.96
N ALA D 23 -26.52 -31.54 -18.60
CA ALA D 23 -27.04 -30.44 -17.83
C ALA D 23 -26.35 -30.37 -16.47
N LEU D 24 -26.24 -31.52 -15.79
CA LEU D 24 -25.53 -31.61 -14.50
C LEU D 24 -24.04 -31.37 -14.60
N GLU D 25 -23.45 -31.79 -15.71
CA GLU D 25 -22.02 -31.54 -15.95
C GLU D 25 -21.77 -30.05 -16.20
N GLN D 26 -22.78 -29.37 -16.74
CA GLN D 26 -22.74 -27.92 -16.93
C GLN D 26 -22.75 -27.20 -15.59
N TRP D 27 -23.45 -27.78 -14.61
CA TRP D 27 -23.63 -27.16 -13.29
C TRP D 27 -22.44 -27.45 -12.35
N GLN D 28 -21.81 -28.60 -12.56
CA GLN D 28 -20.68 -29.04 -11.75
C GLN D 28 -19.55 -28.02 -11.50
N PRO D 29 -19.04 -27.35 -12.57
CA PRO D 29 -17.96 -26.38 -12.33
C PRO D 29 -18.41 -25.24 -11.41
N SER D 30 -19.70 -24.91 -11.47
CA SER D 30 -20.26 -23.84 -10.67
C SER D 30 -20.32 -24.28 -9.22
N PHE D 31 -20.72 -25.54 -9.01
CA PHE D 31 -20.70 -26.11 -7.67
C PHE D 31 -19.30 -26.10 -7.07
N LEU D 32 -18.31 -26.47 -7.87
CA LEU D 32 -16.93 -26.49 -7.42
C LEU D 32 -16.41 -25.08 -7.13
N ASN D 33 -16.85 -24.10 -7.91
CA ASN D 33 -16.52 -22.71 -7.62
C ASN D 33 -17.07 -22.31 -6.25
N TRP D 34 -18.32 -22.67 -6.01
CA TRP D 34 -18.95 -22.45 -4.71
C TRP D 34 -18.19 -23.16 -3.57
N TRP D 35 -17.79 -24.40 -3.79
CA TRP D 35 -17.06 -25.13 -2.78
C TRP D 35 -15.73 -24.46 -2.45
N ASP D 36 -15.02 -24.01 -3.47
CA ASP D 36 -13.73 -23.36 -3.25
C ASP D 36 -13.87 -22.01 -2.53
N ASP D 37 -14.96 -21.26 -2.77
CA ASP D 37 -15.17 -19.97 -2.12
C ASP D 37 -15.80 -20.09 -0.74
N MET D 38 -16.82 -20.93 -0.60
CA MET D 38 -17.60 -20.96 0.63
C MET D 38 -17.43 -22.25 1.42
N GLY D 39 -16.63 -23.18 0.92
CA GLY D 39 -16.28 -24.38 1.66
C GLY D 39 -15.26 -24.07 2.73
N PRO D 40 -14.74 -25.10 3.39
CA PRO D 40 -13.87 -24.90 4.56
C PRO D 40 -12.63 -24.08 4.23
N GLU D 41 -12.40 -23.02 5.01
CA GLU D 41 -11.29 -22.10 4.79
C GLU D 41 -9.95 -22.84 4.64
N ASN D 42 -9.14 -22.39 3.66
CA ASN D 42 -7.73 -22.79 3.52
C ASN D 42 -7.51 -24.27 3.29
N SER D 43 -8.54 -24.98 2.87
CA SER D 43 -8.50 -26.44 2.90
C SER D 43 -8.20 -27.09 1.56
N SER D 44 -8.00 -26.30 0.51
CA SER D 44 -7.86 -26.84 -0.83
C SER D 44 -6.75 -27.90 -0.92
N ASN D 45 -5.66 -27.72 -0.15
CA ASN D 45 -4.53 -28.64 -0.21
C ASN D 45 -4.41 -29.63 0.98
N TYR D 46 -5.49 -29.84 1.74
CA TYR D 46 -5.47 -30.83 2.82
C TYR D 46 -5.92 -32.19 2.30
N ASP D 47 -5.25 -33.26 2.75
CA ASP D 47 -5.75 -34.63 2.55
C ASP D 47 -6.57 -35.02 3.78
N VAL D 48 -7.85 -35.31 3.57
CA VAL D 48 -8.75 -35.62 4.67
C VAL D 48 -9.22 -37.07 4.54
N TYR D 49 -9.23 -37.78 5.66
CA TYR D 49 -9.71 -39.16 5.69
C TYR D 49 -11.23 -39.16 5.71
N LEU D 50 -11.83 -39.34 4.54
CA LEU D 50 -13.28 -39.23 4.39
C LEU D 50 -13.96 -40.50 3.91
N ARG D 51 -15.22 -40.59 4.33
CA ARG D 51 -16.16 -41.55 3.80
C ARG D 51 -16.74 -40.99 2.50
N THR D 52 -16.67 -41.75 1.42
CA THR D 52 -17.38 -41.43 0.19
C THR D 52 -18.37 -42.55 -0.08
N ALA D 53 -19.61 -42.19 -0.34
CA ALA D 53 -20.61 -43.16 -0.80
C ALA D 53 -20.35 -43.48 -2.27
N VAL D 54 -20.37 -44.78 -2.60
CA VAL D 54 -20.24 -45.25 -3.98
C VAL D 54 -21.40 -46.17 -4.45
N SER D 55 -22.11 -46.78 -3.49
CA SER D 55 -23.33 -47.57 -3.76
C SER D 55 -24.40 -47.27 -2.71
N VAL D 56 -25.41 -48.15 -2.61
CA VAL D 56 -26.46 -48.02 -1.57
C VAL D 56 -26.63 -49.27 -0.68
N ASP D 57 -25.82 -50.31 -0.89
CA ASP D 57 -25.95 -51.58 -0.14
C ASP D 57 -25.41 -51.46 1.30
N PRO D 58 -26.25 -51.79 2.32
CA PRO D 58 -25.81 -51.69 3.72
C PRO D 58 -24.36 -52.19 3.93
N LYS D 59 -24.11 -53.46 3.60
CA LYS D 59 -22.76 -54.05 3.61
C LYS D 59 -21.91 -53.47 2.48
N GLY D 60 -21.21 -52.37 2.77
CA GLY D 60 -20.32 -51.71 1.81
C GLY D 60 -21.02 -50.64 0.98
N TRP D 61 -21.66 -49.71 1.66
CA TRP D 61 -22.25 -48.53 1.00
C TRP D 61 -21.30 -47.32 0.93
N ALA D 62 -20.07 -47.47 1.42
CA ALA D 62 -19.10 -46.37 1.38
C ALA D 62 -17.60 -46.72 1.62
N ASP D 63 -16.76 -46.10 0.78
CA ASP D 63 -15.29 -46.17 0.85
C ASP D 63 -14.76 -45.21 1.89
N PHE D 64 -13.66 -45.59 2.53
CA PHE D 64 -12.84 -44.66 3.31
C PHE D 64 -11.48 -44.50 2.68
N GLY D 65 -10.96 -43.28 2.74
CA GLY D 65 -9.65 -42.98 2.21
C GLY D 65 -9.37 -41.50 2.29
N TYR D 66 -8.10 -41.14 2.09
CA TYR D 66 -7.68 -39.74 2.02
C TYR D 66 -8.09 -39.16 0.67
N VAL D 67 -8.62 -37.94 0.69
CA VAL D 67 -8.88 -37.20 -0.54
C VAL D 67 -8.81 -35.70 -0.25
N LYS D 68 -8.34 -34.93 -1.22
CA LYS D 68 -8.49 -33.48 -1.19
C LYS D 68 -9.95 -33.18 -1.50
N MET D 69 -10.56 -32.32 -0.68
CA MET D 69 -12.00 -32.14 -0.74
C MET D 69 -12.51 -31.55 -2.05
N HIS D 70 -11.69 -30.80 -2.77
CA HIS D 70 -12.07 -30.29 -4.10
C HIS D 70 -12.39 -31.46 -5.06
N ASP D 71 -11.69 -32.56 -4.84
CA ASP D 71 -11.80 -33.78 -5.65
C ASP D 71 -12.78 -34.83 -5.09
N TYR D 72 -13.55 -34.48 -4.07
CA TYR D 72 -14.50 -35.42 -3.50
C TYR D 72 -15.47 -35.90 -4.56
N ARG D 73 -15.76 -37.19 -4.52
CA ARG D 73 -16.67 -37.83 -5.48
C ARG D 73 -18.15 -37.62 -5.06
N TRP D 74 -18.62 -36.39 -5.19
CA TRP D 74 -20.02 -36.11 -4.99
C TRP D 74 -20.85 -36.88 -6.01
N GLY D 75 -21.87 -37.60 -5.55
CA GLY D 75 -22.74 -38.40 -6.42
C GLY D 75 -24.23 -38.38 -6.09
N ILE D 76 -25.02 -38.98 -6.97
CA ILE D 76 -26.47 -39.07 -6.82
C ILE D 76 -26.85 -40.49 -6.47
N PHE D 77 -27.38 -40.70 -5.27
CA PHE D 77 -27.76 -42.04 -4.78
C PHE D 77 -29.17 -42.08 -4.21
N LEU D 78 -30.04 -42.84 -4.86
CA LEU D 78 -31.41 -43.02 -4.42
C LEU D 78 -31.54 -44.38 -3.79
N ALA D 79 -32.48 -44.51 -2.86
CA ALA D 79 -32.85 -45.81 -2.35
C ALA D 79 -33.41 -46.64 -3.53
N PRO D 80 -33.23 -47.98 -3.49
CA PRO D 80 -33.66 -48.75 -4.66
C PRO D 80 -35.16 -48.65 -4.91
N GLN D 81 -35.55 -48.62 -6.17
CA GLN D 81 -36.96 -48.48 -6.54
C GLN D 81 -37.74 -49.74 -6.17
N GLU D 82 -38.88 -49.55 -5.52
CA GLU D 82 -39.74 -50.68 -5.14
C GLU D 82 -40.70 -51.01 -6.25
N GLY D 83 -41.09 -52.29 -6.31
CA GLY D 83 -42.05 -52.76 -7.30
C GLY D 83 -43.44 -52.38 -6.81
N GLU D 84 -44.19 -51.64 -7.63
CA GLU D 84 -45.61 -51.28 -7.34
C GLU D 84 -45.80 -50.60 -6.00
N LYS D 85 -44.93 -49.63 -5.72
CA LYS D 85 -45.07 -48.84 -4.52
C LYS D 85 -46.36 -48.04 -4.67
N LYS D 86 -47.16 -48.05 -3.62
CA LYS D 86 -48.42 -47.31 -3.59
C LYS D 86 -48.31 -46.08 -2.70
N ILE D 87 -49.12 -45.07 -3.01
CA ILE D 87 -49.25 -43.87 -2.18
C ILE D 87 -50.00 -44.23 -0.91
N THR D 88 -49.42 -43.94 0.25
CA THR D 88 -49.88 -44.50 1.53
C THR D 88 -50.73 -43.52 2.34
N PHE D 89 -51.01 -42.35 1.81
CA PHE D 89 -51.81 -41.38 2.56
C PHE D 89 -52.45 -40.33 1.65
N GLY D 90 -53.51 -39.70 2.14
CA GLY D 90 -54.13 -38.57 1.46
C GLY D 90 -55.22 -38.97 0.51
N GLU D 91 -55.68 -38.04 -0.32
CA GLU D 91 -56.73 -38.36 -1.26
C GLU D 91 -56.30 -39.40 -2.29
N HIS D 92 -54.99 -39.56 -2.51
CA HIS D 92 -54.47 -40.53 -3.49
C HIS D 92 -54.02 -41.87 -2.89
N LYS D 93 -54.31 -42.11 -1.62
CA LYS D 93 -53.99 -43.38 -0.97
C LYS D 93 -54.47 -44.52 -1.87
N GLY D 94 -53.60 -45.51 -2.07
CA GLY D 94 -53.94 -46.70 -2.86
C GLY D 94 -53.48 -46.68 -4.30
N GLN D 95 -53.33 -45.49 -4.89
CA GLN D 95 -52.89 -45.36 -6.28
C GLN D 95 -51.38 -45.57 -6.38
N ASP D 96 -50.89 -45.82 -7.59
CA ASP D 96 -49.45 -45.95 -7.83
C ASP D 96 -48.73 -44.65 -7.47
N VAL D 97 -47.51 -44.75 -6.97
CA VAL D 97 -46.64 -43.59 -6.77
C VAL D 97 -46.29 -42.97 -8.12
N TRP D 98 -45.75 -41.76 -8.06
CA TRP D 98 -45.46 -40.98 -9.26
C TRP D 98 -43.99 -41.04 -9.60
N GLN D 99 -43.71 -41.30 -10.87
CA GLN D 99 -42.34 -41.22 -11.38
C GLN D 99 -42.06 -39.82 -11.91
N GLU D 100 -43.10 -39.17 -12.43
CA GLU D 100 -43.01 -37.77 -12.85
C GLU D 100 -43.91 -36.94 -11.97
N VAL D 101 -43.69 -35.64 -12.00
CA VAL D 101 -44.40 -34.70 -11.14
C VAL D 101 -45.64 -34.18 -11.85
N PRO D 102 -46.84 -34.41 -11.28
CA PRO D 102 -48.07 -33.92 -11.89
C PRO D 102 -48.10 -32.39 -11.98
N GLY D 103 -48.63 -31.86 -13.08
CA GLY D 103 -48.71 -30.41 -13.31
C GLY D 103 -49.32 -29.62 -12.17
N GLU D 104 -50.47 -30.06 -11.66
CA GLU D 104 -51.13 -29.37 -10.55
C GLU D 104 -50.23 -29.21 -9.32
N TYR D 105 -49.26 -30.10 -9.13
CA TYR D 105 -48.38 -30.03 -7.95
C TYR D 105 -46.98 -29.47 -8.24
N ARG D 106 -46.73 -29.18 -9.51
CA ARG D 106 -45.38 -28.88 -9.97
C ARG D 106 -44.70 -27.80 -9.13
N SER D 107 -45.33 -26.64 -9.02
CA SER D 107 -44.69 -25.53 -8.34
C SER D 107 -44.60 -25.74 -6.83
N THR D 108 -45.59 -26.40 -6.24
CA THR D 108 -45.55 -26.68 -4.81
C THR D 108 -44.35 -27.60 -4.49
N LEU D 109 -44.23 -28.69 -5.23
CA LEU D 109 -43.12 -29.64 -5.07
C LEU D 109 -41.77 -28.97 -5.37
N ARG D 110 -41.74 -28.07 -6.33
CA ARG D 110 -40.51 -27.36 -6.65
C ARG D 110 -40.00 -26.51 -5.48
N ARG D 111 -40.93 -25.77 -4.88
CA ARG D 111 -40.60 -24.96 -3.73
C ARG D 111 -40.15 -25.81 -2.55
N ILE D 112 -40.76 -26.98 -2.38
CA ILE D 112 -40.38 -27.86 -1.29
C ILE D 112 -38.93 -28.28 -1.48
N ILE D 113 -38.63 -28.76 -2.69
CA ILE D 113 -37.27 -29.23 -3.02
C ILE D 113 -36.22 -28.11 -2.94
N VAL D 114 -36.58 -26.92 -3.45
CA VAL D 114 -35.66 -25.79 -3.40
C VAL D 114 -35.38 -25.38 -1.97
N THR D 115 -36.41 -25.32 -1.13
CA THR D 115 -36.26 -24.92 0.28
C THR D 115 -35.36 -25.92 1.03
N GLN D 116 -35.59 -27.20 0.80
CA GLN D 116 -34.75 -28.23 1.38
C GLN D 116 -33.33 -28.04 0.83
N GLY D 117 -33.23 -27.84 -0.48
CA GLY D 117 -31.93 -27.66 -1.11
C GLY D 117 -31.12 -26.50 -0.56
N ASP D 118 -31.79 -25.42 -0.22
CA ASP D 118 -31.14 -24.20 0.21
C ASP D 118 -30.46 -24.34 1.58
N THR D 119 -31.02 -25.15 2.48
CA THR D 119 -30.44 -25.32 3.80
C THR D 119 -29.07 -26.02 3.73
N GLU D 120 -28.87 -26.78 2.66
CA GLU D 120 -27.68 -27.65 2.56
C GLU D 120 -26.39 -26.85 2.41
N PRO D 121 -26.24 -26.08 1.33
CA PRO D 121 -25.09 -25.20 1.28
C PRO D 121 -25.06 -24.13 2.37
N ALA D 122 -26.21 -23.74 2.90
CA ALA D 122 -26.24 -22.72 3.94
C ALA D 122 -25.46 -23.22 5.17
N SER D 123 -25.60 -24.49 5.53
CA SER D 123 -24.87 -25.04 6.68
C SER D 123 -23.36 -25.00 6.45
N VAL D 124 -22.93 -25.29 5.24
CA VAL D 124 -21.51 -25.23 4.95
C VAL D 124 -21.00 -23.82 5.04
N GLU D 125 -21.80 -22.86 4.56
CA GLU D 125 -21.44 -21.46 4.65
C GLU D 125 -21.33 -21.01 6.10
N GLN D 126 -22.27 -21.42 6.93
CA GLN D 126 -22.27 -21.06 8.35
C GLN D 126 -21.06 -21.61 9.12
N GLN D 127 -20.54 -22.74 8.66
CA GLN D 127 -19.50 -23.50 9.37
C GLN D 127 -18.09 -23.40 8.76
N ARG D 128 -17.94 -22.71 7.63
CA ARG D 128 -16.65 -22.69 6.94
C ARG D 128 -15.45 -22.29 7.79
N HIS D 129 -15.61 -21.35 8.72
CA HIS D 129 -14.47 -20.82 9.48
C HIS D 129 -14.04 -21.79 10.61
N LEU D 130 -14.93 -22.68 11.01
CA LEU D 130 -14.72 -23.49 12.20
C LEU D 130 -13.41 -24.28 12.24
N GLY D 131 -12.92 -24.70 11.07
CA GLY D 131 -11.66 -25.45 11.00
C GLY D 131 -10.50 -24.78 11.70
N LEU D 132 -10.41 -23.47 11.60
CA LEU D 132 -9.29 -22.73 12.15
C LEU D 132 -9.16 -22.85 13.67
N THR D 133 -10.23 -23.25 14.37
CA THR D 133 -10.19 -23.40 15.83
C THR D 133 -10.50 -24.84 16.28
N ALA D 134 -10.34 -25.80 15.39
CA ALA D 134 -10.76 -27.17 15.65
C ALA D 134 -10.06 -27.72 16.88
N PRO D 135 -10.81 -28.42 17.77
CA PRO D 135 -10.21 -28.90 19.02
C PRO D 135 -9.36 -30.16 18.91
N SER D 136 -9.35 -30.80 17.73
CA SER D 136 -8.60 -32.04 17.49
C SER D 136 -8.69 -32.40 16.02
N LEU D 137 -7.76 -33.21 15.55
CA LEU D 137 -7.82 -33.72 14.17
C LEU D 137 -9.09 -34.52 13.97
N TYR D 138 -9.46 -35.30 14.97
CA TYR D 138 -10.70 -36.07 14.94
C TYR D 138 -11.91 -35.16 14.71
N ASP D 139 -11.95 -34.04 15.42
CA ASP D 139 -13.08 -33.13 15.30
C ASP D 139 -13.07 -32.38 13.97
N LEU D 140 -11.88 -32.01 13.50
CA LEU D 140 -11.75 -31.36 12.21
C LEU D 140 -12.28 -32.26 11.09
N ARG D 141 -11.88 -33.51 11.14
CA ARG D 141 -12.31 -34.45 10.13
C ARG D 141 -13.84 -34.64 10.14
N ASN D 142 -14.43 -34.73 11.33
CA ASN D 142 -15.89 -34.84 11.45
C ASN D 142 -16.55 -33.63 10.84
N LEU D 143 -16.00 -32.46 11.12
CA LEU D 143 -16.56 -31.25 10.55
C LEU D 143 -16.56 -31.36 9.03
N PHE D 144 -15.44 -31.85 8.48
CA PHE D 144 -15.28 -31.90 7.04
C PHE D 144 -16.22 -32.94 6.45
N GLN D 145 -16.38 -34.05 7.15
CA GLN D 145 -17.30 -35.10 6.71
C GLN D 145 -18.74 -34.57 6.63
N VAL D 146 -19.18 -33.90 7.67
CA VAL D 146 -20.47 -33.24 7.61
C VAL D 146 -20.54 -32.27 6.42
N ASN D 147 -19.51 -31.41 6.25
CA ASN D 147 -19.49 -30.47 5.14
C ASN D 147 -19.63 -31.13 3.75
N VAL D 148 -18.84 -32.16 3.45
CA VAL D 148 -18.93 -32.79 2.13
C VAL D 148 -20.27 -33.51 1.91
N GLU D 149 -20.87 -34.02 2.97
CA GLU D 149 -22.17 -34.65 2.86
C GLU D 149 -23.29 -33.63 2.61
N GLU D 150 -23.22 -32.45 3.25
CA GLU D 150 -24.20 -31.39 3.00
C GLU D 150 -24.03 -30.88 1.56
N GLY D 151 -22.80 -30.93 1.08
CA GLY D 151 -22.55 -30.69 -0.33
C GLY D 151 -23.30 -31.69 -1.19
N ARG D 152 -23.21 -32.98 -0.82
CA ARG D 152 -23.89 -34.02 -1.58
C ARG D 152 -25.39 -33.84 -1.50
N HIS D 153 -25.88 -33.32 -0.39
CA HIS D 153 -27.32 -33.07 -0.30
C HIS D 153 -27.76 -32.03 -1.29
N LEU D 154 -26.91 -31.07 -1.55
CA LEU D 154 -27.21 -30.07 -2.57
C LEU D 154 -27.29 -30.77 -3.94
N TRP D 155 -26.33 -31.65 -4.21
CA TRP D 155 -26.36 -32.41 -5.48
C TRP D 155 -27.65 -33.25 -5.57
N ALA D 156 -28.03 -33.86 -4.44
CA ALA D 156 -29.24 -34.65 -4.36
C ALA D 156 -30.46 -33.87 -4.89
N MET D 157 -30.63 -32.64 -4.41
CA MET D 157 -31.79 -31.83 -4.76
C MET D 157 -31.65 -31.22 -6.16
N VAL D 158 -30.45 -30.80 -6.51
CA VAL D 158 -30.20 -30.23 -7.82
C VAL D 158 -30.48 -31.28 -8.87
N TYR D 159 -30.16 -32.53 -8.56
CA TYR D 159 -30.49 -33.62 -9.46
C TYR D 159 -32.00 -33.65 -9.74
N LEU D 160 -32.80 -33.62 -8.69
CA LEU D 160 -34.24 -33.68 -8.85
C LEU D 160 -34.71 -32.52 -9.70
N LEU D 161 -34.19 -31.33 -9.40
CA LEU D 161 -34.59 -30.11 -10.10
C LEU D 161 -34.31 -30.25 -11.60
N HIS D 162 -33.10 -30.66 -11.97
CA HIS D 162 -32.77 -30.87 -13.40
C HIS D 162 -33.60 -32.01 -13.99
N ALA D 163 -33.75 -33.10 -13.27
CA ALA D 163 -34.39 -34.31 -13.81
C ALA D 163 -35.88 -34.14 -14.09
N HIS D 164 -36.56 -33.36 -13.25
CA HIS D 164 -38.03 -33.36 -13.24
C HIS D 164 -38.67 -31.96 -13.35
N PHE D 165 -37.89 -30.90 -13.34
CA PHE D 165 -38.46 -29.55 -13.30
C PHE D 165 -38.03 -28.61 -14.43
N GLY D 166 -37.51 -29.17 -15.51
CA GLY D 166 -37.30 -28.39 -16.73
C GLY D 166 -36.42 -27.16 -16.56
N ARG D 167 -36.78 -26.08 -17.26
CA ARG D 167 -35.93 -24.88 -17.34
C ARG D 167 -35.84 -24.16 -16.00
N ASP D 168 -36.94 -24.07 -15.24
CA ASP D 168 -36.84 -23.37 -13.97
C ASP D 168 -36.02 -24.18 -12.99
N GLY D 169 -36.11 -25.51 -13.09
CA GLY D 169 -35.26 -26.41 -12.29
C GLY D 169 -33.78 -26.10 -12.51
N ARG D 170 -33.45 -25.88 -13.77
CA ARG D 170 -32.10 -25.51 -14.16
C ARG D 170 -31.74 -24.16 -13.52
N GLU D 171 -32.66 -23.21 -13.65
CA GLU D 171 -32.52 -21.90 -13.06
C GLU D 171 -32.38 -22.02 -11.52
N GLU D 172 -33.18 -22.88 -10.87
CA GLU D 172 -33.11 -23.05 -9.41
C GLU D 172 -31.76 -23.58 -8.93
N GLY D 173 -31.16 -24.44 -9.73
CA GLY D 173 -29.86 -25.01 -9.43
C GLY D 173 -28.76 -23.98 -9.43
N GLU D 174 -28.89 -23.02 -10.33
CA GLU D 174 -27.99 -21.89 -10.37
C GLU D 174 -28.14 -21.03 -9.12
N ALA D 175 -29.39 -20.67 -8.85
CA ALA D 175 -29.70 -19.71 -7.81
C ALA D 175 -29.30 -20.26 -6.44
N LEU D 176 -29.40 -21.59 -6.28
CA LEU D 176 -28.92 -22.25 -5.07
C LEU D 176 -27.45 -21.96 -4.71
N LEU D 177 -26.65 -21.64 -5.72
CA LEU D 177 -25.24 -21.27 -5.52
C LEU D 177 -25.02 -19.76 -5.40
N GLU D 178 -26.03 -18.96 -5.72
CA GLU D 178 -25.91 -17.51 -5.74
C GLU D 178 -26.35 -16.86 -4.42
N ARG D 179 -27.23 -17.52 -3.67
CA ARG D 179 -27.59 -17.03 -2.36
C ARG D 179 -26.47 -17.37 -1.40
N ARG D 180 -26.41 -16.70 -0.26
CA ARG D 180 -25.27 -16.85 0.65
C ARG D 180 -25.70 -16.52 2.09
N SER D 181 -25.44 -17.45 3.01
CA SER D 181 -25.86 -17.34 4.40
C SER D 181 -25.47 -16.00 4.95
N GLY D 182 -26.44 -15.27 5.52
CA GLY D 182 -26.21 -13.97 6.18
C GLY D 182 -26.01 -12.79 5.25
N ASP D 183 -25.98 -13.01 3.94
CA ASP D 183 -25.81 -11.91 2.99
C ASP D 183 -27.00 -10.95 3.00
N GLU D 184 -26.73 -9.65 2.85
CA GLU D 184 -27.77 -8.62 2.92
C GLU D 184 -28.69 -8.63 1.68
N ASP D 185 -28.13 -8.92 0.51
CA ASP D 185 -28.87 -8.86 -0.74
C ASP D 185 -29.42 -10.21 -1.24
N ASN D 186 -28.69 -11.31 -0.99
CA ASN D 186 -29.18 -12.64 -1.37
C ASN D 186 -29.01 -13.64 -0.26
N PRO D 187 -29.76 -13.44 0.82
CA PRO D 187 -29.66 -14.34 1.95
C PRO D 187 -30.30 -15.65 1.61
N ARG D 188 -30.01 -16.64 2.42
CA ARG D 188 -30.66 -17.91 2.32
C ARG D 188 -32.11 -17.72 2.73
N ILE D 189 -32.92 -18.73 2.48
CA ILE D 189 -34.38 -18.60 2.56
C ILE D 189 -34.89 -18.59 4.00
N LEU D 190 -34.37 -19.45 4.86
CA LEU D 190 -34.85 -19.54 6.23
C LEU D 190 -33.96 -18.74 7.17
N THR D 191 -34.58 -18.13 8.19
CA THR D 191 -33.87 -17.40 9.20
C THR D 191 -32.77 -18.23 9.90
N ALA D 192 -33.09 -19.39 10.44
CA ALA D 192 -32.08 -20.22 11.13
C ALA D 192 -30.78 -20.42 10.34
N PHE D 193 -30.87 -20.37 9.00
CA PHE D 193 -29.74 -20.65 8.13
C PHE D 193 -28.98 -19.42 7.66
N ASN D 194 -29.37 -18.27 8.23
CA ASN D 194 -28.61 -17.03 8.11
C ASN D 194 -27.91 -16.64 9.42
N GLU D 195 -28.17 -17.40 10.49
CA GLU D 195 -27.50 -17.18 11.79
C GLU D 195 -26.01 -17.49 11.66
N LYS D 196 -25.22 -16.82 12.48
CA LYS D 196 -23.81 -17.21 12.71
C LYS D 196 -23.79 -18.57 13.40
N THR D 197 -22.77 -19.37 13.09
CA THR D 197 -22.38 -20.53 13.94
C THR D 197 -20.98 -20.19 14.41
N PRO D 198 -20.89 -19.36 15.48
CA PRO D 198 -19.67 -18.66 15.84
C PRO D 198 -18.60 -19.50 16.56
N ASP D 199 -18.96 -20.66 17.07
CA ASP D 199 -18.01 -21.47 17.80
C ASP D 199 -18.35 -22.97 17.71
N TRP D 200 -17.48 -23.80 18.27
CA TRP D 200 -17.68 -25.27 18.20
C TRP D 200 -18.82 -25.77 19.09
N LEU D 201 -19.12 -25.02 20.16
CA LEU D 201 -20.24 -25.39 21.00
C LEU D 201 -21.52 -25.21 20.21
N SER D 202 -21.61 -24.14 19.45
CA SER D 202 -22.78 -23.91 18.58
C SER D 202 -22.85 -24.93 17.46
N PHE D 203 -21.70 -25.28 16.91
CA PHE D 203 -21.66 -26.31 15.87
C PHE D 203 -22.26 -27.65 16.33
N PHE D 204 -21.80 -28.13 17.49
CA PHE D 204 -22.32 -29.41 18.01
C PHE D 204 -23.80 -29.34 18.35
N MET D 205 -24.28 -28.20 18.86
CA MET D 205 -25.72 -28.01 19.11
C MET D 205 -26.49 -27.94 17.82
N PHE D 206 -25.90 -27.29 16.82
CA PHE D 206 -26.54 -27.19 15.52
C PHE D 206 -26.71 -28.55 14.90
N THR D 207 -25.65 -29.34 14.86
CA THR D 207 -25.77 -30.67 14.27
C THR D 207 -26.63 -31.59 15.15
N PHE D 208 -26.71 -31.33 16.46
CA PHE D 208 -27.57 -32.12 17.34
C PHE D 208 -29.03 -31.76 17.21
N ILE D 209 -29.33 -30.47 17.02
CA ILE D 209 -30.71 -29.96 17.05
C ILE D 209 -31.25 -29.58 15.68
N THR D 210 -30.50 -28.78 14.93
CA THR D 210 -30.99 -28.26 13.67
C THR D 210 -30.90 -29.27 12.53
N ASP D 211 -29.80 -30.04 12.48
CA ASP D 211 -29.74 -31.15 11.54
C ASP D 211 -30.92 -32.10 11.84
N ARG D 212 -31.36 -32.18 13.08
CA ARG D 212 -32.49 -33.06 13.42
C ARG D 212 -33.78 -32.56 12.79
N ASP D 213 -33.96 -31.26 12.67
CA ASP D 213 -35.04 -30.74 11.84
C ASP D 213 -34.93 -31.26 10.42
N GLY D 214 -33.70 -31.32 9.91
CA GLY D 214 -33.43 -32.03 8.65
C GLY D 214 -33.99 -33.44 8.68
N LYS D 215 -33.65 -34.19 9.72
CA LYS D 215 -34.10 -35.61 9.82
C LYS D 215 -35.60 -35.67 9.58
N PHE D 216 -36.33 -34.86 10.34
CA PHE D 216 -37.79 -34.97 10.36
C PHE D 216 -38.48 -34.42 9.10
N GLN D 217 -37.94 -33.36 8.50
CA GLN D 217 -38.46 -32.89 7.22
C GLN D 217 -38.20 -33.94 6.13
N LEU D 218 -37.00 -34.49 6.14
CA LEU D 218 -36.64 -35.52 5.18
C LEU D 218 -37.51 -36.77 5.38
N ALA D 219 -37.72 -37.19 6.62
CA ALA D 219 -38.51 -38.38 6.91
C ALA D 219 -39.92 -38.22 6.39
N SER D 220 -40.44 -37.01 6.46
CA SER D 220 -41.76 -36.66 5.96
C SER D 220 -41.80 -36.64 4.43
N LEU D 221 -40.76 -36.12 3.82
CA LEU D 221 -40.64 -36.16 2.37
C LEU D 221 -40.35 -37.59 1.89
N ALA D 222 -39.75 -38.42 2.75
CA ALA D 222 -39.45 -39.82 2.44
C ALA D 222 -40.70 -40.66 2.22
N GLU D 223 -41.86 -40.12 2.64
CA GLU D 223 -43.16 -40.75 2.42
C GLU D 223 -43.80 -40.28 1.12
N SER D 224 -43.19 -39.33 0.44
CA SER D 224 -43.88 -38.62 -0.64
C SER D 224 -44.35 -39.50 -1.76
N ALA D 225 -45.54 -39.22 -2.29
CA ALA D 225 -46.05 -39.79 -3.54
C ALA D 225 -45.10 -39.57 -4.71
N PHE D 226 -44.31 -38.51 -4.65
CA PHE D 226 -43.32 -38.28 -5.69
C PHE D 226 -42.08 -39.11 -5.41
N ASP D 227 -42.03 -40.31 -6.01
CA ASP D 227 -41.13 -41.34 -5.52
C ASP D 227 -39.64 -40.99 -5.67
N PRO D 228 -39.24 -40.34 -6.77
CA PRO D 228 -37.83 -39.96 -6.83
C PRO D 228 -37.40 -39.06 -5.66
N LEU D 229 -38.28 -38.18 -5.22
CA LEU D 229 -38.06 -37.43 -3.98
C LEU D 229 -38.00 -38.35 -2.77
N ALA D 230 -38.97 -39.26 -2.68
CA ALA D 230 -39.02 -40.20 -1.56
C ALA D 230 -37.70 -40.95 -1.44
N ARG D 231 -37.23 -41.46 -2.58
CA ARG D 231 -36.03 -42.28 -2.60
C ARG D 231 -34.76 -41.49 -2.31
N THR D 232 -34.76 -40.22 -2.75
CA THR D 232 -33.63 -39.35 -2.50
C THR D 232 -33.48 -39.20 -1.00
N CYS D 233 -34.59 -38.86 -0.33
CA CYS D 233 -34.59 -38.58 1.10
C CYS D 233 -34.34 -39.82 1.96
N LYS D 234 -34.88 -40.98 1.58
CA LYS D 234 -34.59 -42.20 2.34
C LYS D 234 -33.10 -42.30 2.54
N PHE D 235 -32.33 -42.15 1.47
CA PHE D 235 -30.89 -42.28 1.57
C PHE D 235 -30.26 -41.11 2.39
N MET D 236 -30.72 -39.91 2.12
CA MET D 236 -30.21 -38.80 2.87
C MET D 236 -30.31 -39.04 4.39
N LEU D 237 -31.39 -39.65 4.84
CA LEU D 237 -31.57 -39.87 6.27
C LEU D 237 -30.39 -40.62 6.87
N THR D 238 -29.86 -41.59 6.12
CA THR D 238 -28.68 -42.32 6.53
C THR D 238 -27.52 -41.38 6.78
N GLU D 239 -27.34 -40.41 5.90
CA GLU D 239 -26.30 -39.38 6.09
C GLU D 239 -26.59 -38.46 7.27
N GLU D 240 -27.86 -38.12 7.45
CA GLU D 240 -28.23 -37.26 8.56
C GLU D 240 -27.94 -37.92 9.89
N ALA D 241 -28.06 -39.26 9.97
CA ALA D 241 -27.72 -39.99 11.20
C ALA D 241 -26.30 -39.71 11.65
N HIS D 242 -25.36 -39.60 10.71
CA HIS D 242 -23.98 -39.26 11.09
C HIS D 242 -23.88 -37.85 11.69
N HIS D 243 -24.66 -36.93 11.16
CA HIS D 243 -24.58 -35.52 11.58
C HIS D 243 -25.10 -35.36 13.02
N LEU D 244 -26.20 -36.07 13.31
CA LEU D 244 -26.76 -36.11 14.66
C LEU D 244 -25.77 -36.74 15.64
N PHE D 245 -25.09 -37.81 15.21
CA PHE D 245 -24.07 -38.43 16.06
C PHE D 245 -22.96 -37.39 16.41
N VAL D 246 -22.46 -36.69 15.40
CA VAL D 246 -21.42 -35.73 15.66
C VAL D 246 -21.87 -34.74 16.74
N GLY D 247 -23.12 -34.25 16.62
CA GLY D 247 -23.68 -33.27 17.56
C GLY D 247 -23.89 -33.82 18.95
N GLU D 248 -24.57 -34.96 19.04
CA GLU D 248 -24.85 -35.55 20.35
C GLU D 248 -23.55 -35.85 21.09
N SER D 249 -22.59 -36.50 20.45
CA SER D 249 -21.35 -36.89 21.15
C SER D 249 -20.42 -35.68 21.32
N GLY D 250 -20.54 -34.71 20.43
CA GLY D 250 -19.83 -33.47 20.64
C GLY D 250 -20.14 -32.90 22.03
N ILE D 251 -21.43 -32.68 22.30
CA ILE D 251 -21.86 -32.14 23.58
C ILE D 251 -21.57 -33.12 24.72
N ALA D 252 -21.72 -34.40 24.44
CA ALA D 252 -21.47 -35.43 25.50
C ALA D 252 -20.04 -35.29 26.02
N ARG D 253 -19.13 -35.06 25.07
CA ARG D 253 -17.70 -35.00 25.34
C ARG D 253 -17.32 -33.71 26.04
N VAL D 254 -18.10 -32.67 25.77
CA VAL D 254 -17.96 -31.41 26.49
C VAL D 254 -18.47 -31.54 27.93
N ILE D 255 -19.64 -32.16 28.09
CA ILE D 255 -20.17 -32.44 29.43
C ILE D 255 -19.19 -33.32 30.24
N GLN D 256 -18.72 -34.40 29.61
CA GLN D 256 -17.77 -35.31 30.26
C GLN D 256 -16.62 -34.49 30.85
N ARG D 257 -16.07 -33.61 30.03
CA ARG D 257 -14.90 -32.86 30.39
C ARG D 257 -15.15 -31.90 31.55
N THR D 258 -16.28 -31.20 31.49
CA THR D 258 -16.68 -30.32 32.55
C THR D 258 -16.95 -31.10 33.85
N CYS D 259 -17.58 -32.27 33.75
CA CYS D 259 -17.79 -33.10 34.92
C CYS D 259 -16.46 -33.62 35.47
N GLU D 260 -15.53 -34.02 34.61
CA GLU D 260 -14.19 -34.46 35.08
C GLU D 260 -13.58 -33.35 35.93
N VAL D 261 -13.67 -32.11 35.45
CA VAL D 261 -13.06 -30.98 36.14
C VAL D 261 -13.83 -30.58 37.41
N MET D 262 -15.15 -30.73 37.43
CA MET D 262 -15.91 -30.46 38.65
C MET D 262 -15.49 -31.42 39.80
N LYS D 263 -15.29 -32.68 39.44
CA LYS D 263 -14.82 -33.69 40.39
C LYS D 263 -13.38 -33.43 40.83
N GLU D 264 -12.53 -33.12 39.86
CA GLU D 264 -11.10 -32.87 40.05
C GLU D 264 -10.83 -31.67 40.98
N LEU D 265 -11.66 -30.64 40.89
CA LEU D 265 -11.53 -29.45 41.73
C LEU D 265 -12.48 -29.44 42.93
N GLY D 266 -13.31 -30.47 43.07
CA GLY D 266 -14.30 -30.53 44.15
C GLY D 266 -15.21 -29.30 44.19
N THR D 267 -15.55 -28.77 43.02
CA THR D 267 -16.42 -27.60 42.99
C THR D 267 -17.44 -27.57 41.88
N ASP D 268 -18.37 -26.66 42.10
CA ASP D 268 -19.59 -26.45 41.35
C ASP D 268 -19.62 -25.05 40.72
N ASP D 269 -18.71 -24.18 41.18
CA ASP D 269 -18.78 -22.73 40.97
C ASP D 269 -18.29 -22.32 39.58
N PRO D 270 -19.17 -21.69 38.77
CA PRO D 270 -18.83 -21.29 37.40
C PRO D 270 -17.53 -20.51 37.29
N ALA D 271 -17.32 -19.55 38.20
CA ALA D 271 -16.11 -18.75 38.19
C ALA D 271 -14.88 -19.65 38.23
N LYS D 272 -14.90 -20.65 39.11
CA LYS D 272 -13.78 -21.58 39.25
C LYS D 272 -13.65 -22.52 38.06
N LEU D 273 -14.77 -23.03 37.56
CA LEU D 273 -14.74 -23.89 36.36
C LEU D 273 -14.19 -23.13 35.14
N ARG D 274 -14.57 -21.86 35.02
CA ARG D 274 -14.08 -21.03 33.91
C ARG D 274 -12.62 -20.66 34.04
N ALA D 275 -12.14 -20.52 35.28
CA ALA D 275 -10.73 -20.31 35.52
C ALA D 275 -9.93 -21.52 35.02
N ALA D 276 -10.53 -22.72 35.10
CA ALA D 276 -9.91 -23.96 34.59
C ALA D 276 -10.17 -24.23 33.11
N GLY D 277 -10.85 -23.29 32.43
CA GLY D 277 -11.06 -23.38 31.00
C GLY D 277 -12.05 -24.42 30.48
N VAL D 278 -13.09 -24.72 31.26
CA VAL D 278 -14.17 -25.63 30.82
C VAL D 278 -15.46 -24.82 30.72
N ILE D 279 -16.43 -25.38 30.01
CA ILE D 279 -17.73 -24.73 29.81
C ILE D 279 -18.71 -25.25 30.86
N ASP D 280 -19.07 -24.37 31.77
CA ASP D 280 -19.96 -24.74 32.88
C ASP D 280 -21.30 -25.22 32.35
N LEU D 281 -21.92 -26.13 33.08
CA LEU D 281 -23.12 -26.80 32.59
C LEU D 281 -24.30 -25.83 32.42
N PRO D 282 -24.40 -24.81 33.30
CA PRO D 282 -25.50 -23.86 33.07
C PRO D 282 -25.38 -23.11 31.75
N THR D 283 -24.16 -22.72 31.40
CA THR D 283 -23.91 -22.04 30.12
C THR D 283 -24.28 -22.97 28.95
N LEU D 284 -23.88 -24.23 29.07
CA LEU D 284 -24.30 -25.24 28.10
C LEU D 284 -25.83 -25.26 27.93
N GLN D 285 -26.52 -25.25 29.06
CA GLN D 285 -28.00 -25.22 29.07
C GLN D 285 -28.54 -24.04 28.29
N LYS D 286 -27.91 -22.87 28.41
CA LYS D 286 -28.37 -21.69 27.66
C LYS D 286 -28.19 -21.93 26.15
N TYR D 287 -27.07 -22.51 25.76
CA TYR D 287 -26.88 -22.86 24.36
C TYR D 287 -27.95 -23.80 23.88
N LEU D 288 -28.31 -24.78 24.70
CA LEU D 288 -29.36 -25.74 24.32
C LEU D 288 -30.67 -24.99 24.12
N ASN D 289 -30.99 -24.12 25.06
CA ASN D 289 -32.19 -23.30 24.97
C ASN D 289 -32.23 -22.52 23.67
N PHE D 290 -31.09 -21.94 23.28
CA PHE D 290 -31.06 -21.12 22.10
C PHE D 290 -31.35 -21.93 20.84
N HIS D 291 -30.57 -22.99 20.62
CA HIS D 291 -30.65 -23.74 19.36
C HIS D 291 -31.96 -24.53 19.25
N TYR D 292 -32.40 -25.03 20.40
CA TYR D 292 -33.67 -25.72 20.46
C TYR D 292 -34.82 -24.80 20.03
N SER D 293 -34.94 -23.64 20.68
CA SER D 293 -36.07 -22.72 20.38
C SER D 293 -36.00 -22.15 18.98
N VAL D 294 -34.81 -21.76 18.54
CA VAL D 294 -34.65 -21.24 17.19
C VAL D 294 -35.01 -22.31 16.16
N THR D 295 -34.57 -23.54 16.37
CA THR D 295 -34.87 -24.60 15.44
C THR D 295 -36.37 -24.96 15.44
N SER D 296 -37.01 -24.86 16.59
CA SER D 296 -38.41 -25.18 16.67
C SER D 296 -39.24 -24.35 15.69
N ASP D 297 -38.86 -23.09 15.51
CA ASP D 297 -39.54 -22.24 14.53
C ASP D 297 -39.62 -22.84 13.11
N LEU D 298 -38.61 -23.62 12.72
CA LEU D 298 -38.55 -24.16 11.36
C LEU D 298 -39.76 -25.00 10.96
N TYR D 299 -40.48 -25.56 11.94
CA TYR D 299 -41.59 -26.47 11.66
C TYR D 299 -42.87 -25.76 11.23
N GLY D 300 -42.89 -24.44 11.34
CA GLY D 300 -43.99 -23.63 10.81
C GLY D 300 -45.09 -23.37 11.81
N ALA D 301 -46.13 -22.67 11.39
CA ALA D 301 -47.23 -22.32 12.28
C ALA D 301 -47.88 -23.61 12.80
N GLU D 302 -48.25 -23.63 14.08
CA GLU D 302 -48.91 -24.85 14.65
C GLU D 302 -50.12 -25.23 13.84
N ILE D 303 -50.91 -24.21 13.49
CA ILE D 303 -52.13 -24.41 12.70
C ILE D 303 -51.96 -23.78 11.33
N SER D 304 -52.12 -24.58 10.29
CA SER D 304 -51.72 -24.19 8.96
C SER D 304 -52.49 -24.94 7.90
N SER D 305 -53.16 -24.21 7.02
CA SER D 305 -53.92 -24.83 5.95
C SER D 305 -53.01 -25.38 4.85
N ASN D 306 -51.83 -24.81 4.67
CA ASN D 306 -50.88 -25.31 3.65
C ASN D 306 -50.36 -26.70 3.97
N ALA D 307 -49.98 -26.93 5.22
CA ALA D 307 -49.52 -28.24 5.61
C ALA D 307 -50.61 -29.29 5.33
N ALA D 308 -51.87 -28.91 5.55
CA ALA D 308 -53.00 -29.77 5.26
C ALA D 308 -53.06 -30.21 3.79
N THR D 309 -52.91 -29.27 2.88
CA THR D 309 -52.97 -29.61 1.47
C THR D 309 -51.79 -30.48 1.08
N TYR D 310 -50.60 -30.24 1.64
CA TYR D 310 -49.43 -31.11 1.32
C TYR D 310 -49.68 -32.54 1.74
N TYR D 311 -50.37 -32.76 2.85
CA TYR D 311 -50.74 -34.13 3.25
C TYR D 311 -51.80 -34.71 2.34
N THR D 312 -52.92 -34.01 2.20
CA THR D 312 -54.06 -34.54 1.43
C THR D 312 -53.67 -34.84 -0.02
N ASN D 313 -52.80 -34.01 -0.59
CA ASN D 313 -52.34 -34.21 -1.97
C ASN D 313 -51.17 -35.17 -2.13
N GLY D 314 -50.74 -35.80 -1.04
CA GLY D 314 -49.71 -36.84 -1.10
C GLY D 314 -48.28 -36.33 -1.23
N LEU D 315 -48.09 -35.03 -1.05
CA LEU D 315 -46.75 -34.45 -1.24
C LEU D 315 -45.81 -34.71 -0.06
N LYS D 316 -46.33 -34.60 1.15
CA LYS D 316 -45.53 -34.72 2.37
C LYS D 316 -46.31 -35.44 3.45
N GLY D 317 -45.79 -36.55 3.95
CA GLY D 317 -46.52 -37.33 4.95
C GLY D 317 -46.07 -37.00 6.35
N ARG D 318 -46.64 -37.69 7.34
CA ARG D 318 -46.18 -37.56 8.72
C ARG D 318 -44.98 -38.47 8.96
N PHE D 319 -44.22 -38.14 10.00
CA PHE D 319 -43.08 -38.93 10.41
C PHE D 319 -43.53 -40.36 10.65
N GLU D 320 -42.87 -41.31 10.00
CA GLU D 320 -43.24 -42.73 10.09
C GLU D 320 -44.73 -42.94 9.87
N GLU D 321 -45.21 -42.37 8.78
CA GLU D 321 -46.62 -42.44 8.38
C GLU D 321 -47.18 -43.86 8.42
N GLU D 322 -46.44 -44.83 7.91
CA GLU D 322 -46.98 -46.18 7.76
C GLU D 322 -47.16 -46.92 9.09
N LYS D 323 -46.50 -46.47 10.16
CA LYS D 323 -46.68 -47.07 11.50
C LYS D 323 -47.89 -46.50 12.27
N ILE D 324 -48.45 -45.38 11.82
CA ILE D 324 -49.53 -44.74 12.58
C ILE D 324 -50.84 -45.49 12.35
N GLY D 325 -51.54 -45.80 13.43
CA GLY D 325 -52.76 -46.59 13.34
C GLY D 325 -53.99 -45.71 13.18
N ASP D 326 -54.14 -45.09 12.00
CA ASP D 326 -55.41 -44.41 11.66
C ASP D 326 -55.72 -44.58 10.17
N ASP D 327 -56.70 -43.86 9.66
CA ASP D 327 -57.12 -44.03 8.26
C ASP D 327 -56.16 -43.40 7.22
N HIS D 328 -55.15 -42.67 7.68
CA HIS D 328 -54.21 -41.99 6.78
C HIS D 328 -54.91 -41.04 5.79
N LYS D 329 -55.96 -40.38 6.27
CA LYS D 329 -56.68 -39.37 5.50
C LYS D 329 -57.00 -38.20 6.42
N LEU D 330 -57.48 -38.53 7.62
CA LEU D 330 -57.48 -37.62 8.78
C LEU D 330 -58.60 -36.60 8.81
N GLN D 331 -59.52 -36.70 7.86
CA GLN D 331 -60.67 -35.76 7.78
C GLN D 331 -61.46 -35.77 9.10
N ASN D 332 -61.48 -36.91 9.79
CA ASN D 332 -62.22 -37.04 11.04
C ASN D 332 -61.36 -37.25 12.26
N SER D 333 -60.09 -36.87 12.17
CA SER D 333 -59.18 -37.05 13.29
C SER D 333 -58.89 -35.71 13.94
N GLU D 334 -58.43 -35.79 15.18
CA GLU D 334 -58.11 -34.62 15.98
C GLU D 334 -56.68 -34.69 16.42
N TYR D 335 -56.14 -33.53 16.78
CA TYR D 335 -54.83 -33.45 17.40
C TYR D 335 -54.85 -32.35 18.46
N GLU D 336 -54.12 -32.56 19.53
CA GLU D 336 -54.11 -31.65 20.66
C GLU D 336 -52.95 -30.69 20.52
N VAL D 337 -53.24 -29.39 20.56
CA VAL D 337 -52.21 -28.34 20.50
C VAL D 337 -52.40 -27.34 21.64
N MET D 338 -51.47 -26.43 21.78
CA MET D 338 -51.59 -25.43 22.83
C MET D 338 -52.42 -24.25 22.35
N ASP D 339 -52.72 -23.35 23.28
CA ASP D 339 -53.56 -22.20 23.01
C ASP D 339 -53.24 -21.11 24.02
N VAL D 340 -52.90 -19.92 23.54
CA VAL D 340 -52.66 -18.78 24.41
C VAL D 340 -53.96 -18.02 24.57
N ALA D 341 -54.55 -18.11 25.75
CA ALA D 341 -55.83 -17.46 26.02
C ALA D 341 -55.71 -16.62 27.26
N GLY D 342 -55.67 -15.30 27.05
CA GLY D 342 -55.55 -14.37 28.14
C GLY D 342 -54.16 -14.51 28.71
N ASP D 343 -54.09 -14.76 30.02
CA ASP D 343 -52.82 -14.86 30.73
C ASP D 343 -52.52 -16.32 31.07
N LYS D 344 -53.01 -17.23 30.23
CA LYS D 344 -52.85 -18.66 30.46
C LYS D 344 -52.53 -19.42 29.18
N ILE D 345 -51.76 -20.49 29.33
CA ILE D 345 -51.47 -21.41 28.25
C ILE D 345 -52.30 -22.68 28.47
N LEU D 346 -53.31 -22.82 27.63
CA LEU D 346 -54.24 -23.94 27.69
C LEU D 346 -53.90 -24.89 26.56
N THR D 347 -54.67 -25.95 26.47
CA THR D 347 -54.58 -26.87 25.34
C THR D 347 -55.96 -26.99 24.72
N ARG D 348 -56.00 -27.54 23.54
CA ARG D 348 -57.25 -27.73 22.85
C ARG D 348 -57.06 -28.70 21.69
N HIS D 349 -58.19 -29.12 21.15
CA HIS D 349 -58.22 -30.08 20.06
C HIS D 349 -58.59 -29.35 18.76
N VAL D 350 -57.90 -29.70 17.68
CA VAL D 350 -58.15 -29.12 16.38
C VAL D 350 -58.14 -30.23 15.36
N PRO D 351 -58.68 -30.00 14.15
CA PRO D 351 -58.64 -31.08 13.15
C PRO D 351 -57.22 -31.52 12.90
N ALA D 352 -56.97 -32.82 12.82
CA ALA D 352 -55.60 -33.31 12.65
C ALA D 352 -54.90 -32.66 11.45
N LEU D 353 -55.62 -32.48 10.34
CA LEU D 353 -55.02 -31.99 9.08
C LEU D 353 -54.41 -30.60 9.24
N SER D 354 -55.02 -29.80 10.09
CA SER D 354 -54.56 -28.44 10.28
C SER D 354 -53.36 -28.36 11.27
N ALA D 355 -53.08 -29.45 11.99
CA ALA D 355 -52.03 -29.48 13.01
C ALA D 355 -50.81 -30.31 12.67
N LEU D 356 -50.57 -30.55 11.39
CA LEU D 356 -49.49 -31.46 10.98
C LEU D 356 -48.10 -30.92 11.33
N ASN D 357 -47.90 -29.61 11.14
CA ASN D 357 -46.64 -28.99 11.54
C ASN D 357 -46.37 -29.26 13.03
N GLU D 358 -47.41 -29.18 13.85
CA GLU D 358 -47.21 -29.35 15.28
C GLU D 358 -46.91 -30.80 15.64
N ARG D 359 -47.48 -31.72 14.86
CA ARG D 359 -47.22 -33.12 15.07
C ARG D 359 -45.77 -33.39 14.78
N LEU D 360 -45.26 -32.81 13.72
CA LEU D 360 -43.88 -33.07 13.35
C LEU D 360 -42.94 -32.43 14.38
N ARG D 361 -43.31 -31.22 14.82
CA ARG D 361 -42.57 -30.54 15.88
C ARG D 361 -42.55 -31.40 17.15
N ASP D 362 -43.71 -31.97 17.51
CA ASP D 362 -43.79 -32.87 18.69
C ASP D 362 -42.95 -34.11 18.54
N ASP D 363 -42.86 -34.63 17.32
CA ASP D 363 -42.04 -35.82 17.06
C ASP D 363 -40.57 -35.49 17.24
N TRP D 364 -40.18 -34.34 16.71
CA TRP D 364 -38.84 -33.82 16.90
C TRP D 364 -38.51 -33.51 18.36
N ILE D 365 -39.48 -32.99 19.11
CA ILE D 365 -39.23 -32.71 20.53
C ILE D 365 -38.88 -34.02 21.23
N THR D 366 -39.64 -35.08 20.93
CA THR D 366 -39.43 -36.38 21.55
C THR D 366 -38.03 -36.90 21.26
N ASP D 367 -37.57 -36.72 20.04
CA ASP D 367 -36.26 -37.22 19.63
C ASP D 367 -35.14 -36.41 20.33
N VAL D 368 -35.26 -35.10 20.34
CA VAL D 368 -34.29 -34.27 21.05
C VAL D 368 -34.23 -34.67 22.53
N GLN D 369 -35.40 -34.92 23.13
CA GLN D 369 -35.47 -35.28 24.55
C GLN D 369 -34.72 -36.58 24.83
N ALA D 370 -34.84 -37.54 23.92
CA ALA D 370 -34.15 -38.83 24.10
C ALA D 370 -32.65 -38.61 24.19
N GLY D 371 -32.16 -37.67 23.38
CA GLY D 371 -30.75 -37.28 23.39
C GLY D 371 -30.36 -36.57 24.67
N VAL D 372 -31.21 -35.69 25.15
CA VAL D 372 -30.96 -34.96 26.39
C VAL D 372 -30.90 -35.96 27.56
N ASP D 373 -31.79 -36.95 27.54
CA ASP D 373 -31.75 -38.03 28.53
C ASP D 373 -30.42 -38.79 28.53
N ARG D 374 -29.84 -38.98 27.35
CA ARG D 374 -28.54 -39.64 27.24
C ARG D 374 -27.39 -38.76 27.77
N TRP D 375 -27.42 -37.47 27.45
CA TRP D 375 -26.47 -36.58 28.06
C TRP D 375 -26.52 -36.65 29.59
N ASN D 376 -27.75 -36.68 30.13
CA ASN D 376 -27.93 -36.63 31.58
C ASN D 376 -27.39 -37.85 32.32
N ARG D 377 -27.09 -38.93 31.59
CA ARG D 377 -26.40 -40.09 32.18
C ARG D 377 -25.06 -39.67 32.76
N ILE D 378 -24.44 -38.65 32.16
CA ILE D 378 -23.07 -38.31 32.50
C ILE D 378 -22.96 -37.70 33.90
N PRO D 379 -23.69 -36.61 34.17
CA PRO D 379 -23.66 -36.12 35.55
C PRO D 379 -24.18 -37.15 36.57
N ALA D 380 -25.17 -37.96 36.20
CA ALA D 380 -25.65 -39.01 37.09
C ALA D 380 -24.52 -39.97 37.45
N LYS D 381 -23.71 -40.33 36.45
CA LYS D 381 -22.60 -41.25 36.65
C LYS D 381 -21.56 -40.63 37.60
N PHE D 382 -21.45 -39.31 37.61
CA PHE D 382 -20.57 -38.58 38.54
C PHE D 382 -21.21 -38.31 39.90
N GLY D 383 -22.50 -38.66 40.05
CA GLY D 383 -23.24 -38.37 41.27
C GLY D 383 -23.65 -36.92 41.43
N PHE D 384 -23.70 -36.17 40.32
CA PHE D 384 -24.12 -34.74 40.35
C PHE D 384 -25.62 -34.60 40.15
N ASP D 385 -26.20 -33.58 40.78
CA ASP D 385 -27.64 -33.31 40.68
C ASP D 385 -28.04 -32.64 39.37
N PHE D 386 -27.08 -31.99 38.71
CA PHE D 386 -27.40 -31.24 37.51
C PHE D 386 -28.09 -32.09 36.43
N ARG D 387 -29.18 -31.56 35.89
CA ARG D 387 -29.84 -32.17 34.75
C ARG D 387 -30.15 -31.13 33.65
N PHE D 388 -29.85 -31.51 32.41
CA PHE D 388 -30.32 -30.77 31.25
C PHE D 388 -31.80 -31.00 31.02
N THR D 389 -32.49 -29.93 30.65
CA THR D 389 -33.91 -29.95 30.35
C THR D 389 -34.16 -29.14 29.09
N LEU D 390 -35.33 -29.34 28.52
CA LEU D 390 -35.79 -28.57 27.37
C LEU D 390 -36.76 -27.53 27.89
N PRO D 391 -36.68 -26.32 27.36
CA PRO D 391 -37.62 -25.30 27.79
C PRO D 391 -38.98 -25.48 27.15
N HIS D 392 -39.99 -24.96 27.80
CA HIS D 392 -41.35 -25.02 27.31
C HIS D 392 -41.34 -24.64 25.83
N LYS D 393 -42.14 -25.33 25.03
CA LYS D 393 -42.06 -25.19 23.58
C LYS D 393 -42.38 -23.80 23.10
N GLY D 394 -43.08 -23.00 23.92
CA GLY D 394 -43.38 -21.62 23.60
C GLY D 394 -42.30 -20.59 23.93
N PHE D 395 -41.21 -21.03 24.53
CA PHE D 395 -40.10 -20.17 24.91
C PHE D 395 -39.31 -19.71 23.69
N HIS D 396 -39.13 -18.40 23.56
CA HIS D 396 -38.21 -17.83 22.55
C HIS D 396 -38.60 -18.25 21.14
N ARG D 397 -39.87 -18.05 20.80
CA ARG D 397 -40.38 -18.42 19.48
C ARG D 397 -40.80 -17.21 18.69
N LYS D 398 -40.48 -17.19 17.40
CA LYS D 398 -40.91 -16.08 16.52
C LYS D 398 -41.92 -16.56 15.47
N ILE D 399 -42.12 -17.86 15.33
CA ILE D 399 -43.07 -18.41 14.37
C ILE D 399 -44.23 -19.09 15.11
N GLY D 400 -45.45 -18.66 14.80
CA GLY D 400 -46.66 -19.35 15.32
C GLY D 400 -47.37 -18.62 16.44
N MET D 401 -48.20 -19.35 17.18
CA MET D 401 -49.05 -18.77 18.21
C MET D 401 -48.29 -18.09 19.34
N PHE D 402 -47.03 -18.46 19.55
CA PHE D 402 -46.21 -17.82 20.58
C PHE D 402 -45.35 -16.65 20.08
N ALA D 403 -45.50 -16.29 18.80
CA ALA D 403 -44.64 -15.29 18.16
C ALA D 403 -44.69 -13.92 18.85
N ASP D 404 -45.87 -13.49 19.27
CA ASP D 404 -46.02 -12.11 19.73
C ASP D 404 -46.17 -12.08 21.23
N VAL D 405 -45.55 -13.05 21.89
CA VAL D 405 -45.72 -13.25 23.32
C VAL D 405 -44.44 -13.86 23.88
N HIS D 406 -44.20 -13.69 25.18
CA HIS D 406 -43.00 -14.23 25.83
C HIS D 406 -43.32 -15.34 26.84
N VAL D 407 -42.52 -16.40 26.79
CA VAL D 407 -42.71 -17.54 27.69
C VAL D 407 -41.39 -17.97 28.32
N SER D 408 -41.39 -18.13 29.63
CA SER D 408 -40.19 -18.56 30.32
C SER D 408 -39.94 -20.05 30.01
N PRO D 409 -38.72 -20.53 30.27
CA PRO D 409 -38.42 -21.94 30.11
C PRO D 409 -39.34 -22.88 30.90
N ASP D 410 -39.80 -22.44 32.06
CA ASP D 410 -40.72 -23.23 32.85
C ASP D 410 -42.21 -23.04 32.50
N GLY D 411 -42.51 -22.32 31.40
CA GLY D 411 -43.87 -22.22 30.87
C GLY D 411 -44.80 -21.15 31.44
N ARG D 412 -44.27 -20.07 31.97
CA ARG D 412 -45.07 -18.92 32.37
C ARG D 412 -45.10 -17.90 31.25
N LEU D 413 -46.27 -17.31 31.01
CA LEU D 413 -46.40 -16.11 30.19
C LEU D 413 -45.85 -14.98 31.01
N ILE D 414 -44.90 -14.24 30.42
CA ILE D 414 -44.22 -13.18 31.14
C ILE D 414 -44.26 -11.95 30.30
N SER D 415 -44.11 -10.80 30.97
CA SER D 415 -44.19 -9.50 30.38
C SER D 415 -42.93 -9.22 29.61
N GLU D 416 -42.96 -8.14 28.83
CA GLU D 416 -41.81 -7.73 28.05
C GLU D 416 -40.64 -7.37 28.97
N ALA D 417 -40.97 -6.75 30.10
CA ALA D 417 -39.97 -6.27 31.05
C ALA D 417 -39.24 -7.44 31.66
N GLU D 418 -39.99 -8.42 32.10
CA GLU D 418 -39.41 -9.64 32.63
C GLU D 418 -38.51 -10.36 31.63
N TRP D 419 -38.96 -10.45 30.37
CA TRP D 419 -38.16 -11.07 29.34
C TRP D 419 -36.83 -10.30 29.24
N THR D 420 -36.91 -8.97 29.12
CA THR D 420 -35.71 -8.13 28.97
C THR D 420 -34.75 -8.35 30.13
N HIS D 421 -35.28 -8.33 31.34
CA HIS D 421 -34.45 -8.43 32.52
C HIS D 421 -34.01 -9.86 32.88
N GLN D 422 -34.76 -10.88 32.45
CA GLN D 422 -34.46 -12.26 32.84
C GLN D 422 -33.81 -13.17 31.76
N HIS D 423 -33.94 -12.82 30.48
CA HIS D 423 -33.47 -13.72 29.41
C HIS D 423 -31.97 -13.97 29.42
N LYS D 424 -31.17 -13.07 30.02
CA LYS D 424 -29.75 -13.36 30.25
C LYS D 424 -29.48 -14.69 31.04
N ASN D 425 -30.47 -15.16 31.78
CA ASN D 425 -30.32 -16.40 32.52
C ASN D 425 -30.66 -17.61 31.69
N TRP D 426 -31.27 -17.37 30.52
CA TRP D 426 -31.86 -18.44 29.69
C TRP D 426 -31.22 -18.58 28.31
N LEU D 427 -30.60 -17.55 27.81
CA LEU D 427 -29.92 -17.62 26.51
C LEU D 427 -28.52 -17.04 26.62
N PRO D 428 -27.59 -17.44 25.74
CA PRO D 428 -26.22 -16.94 25.91
C PRO D 428 -26.09 -15.44 25.77
N THR D 429 -25.40 -14.85 26.74
CA THR D 429 -25.06 -13.43 26.71
C THR D 429 -23.80 -13.20 25.88
N GLU D 430 -23.49 -11.93 25.65
CA GLU D 430 -22.28 -11.59 24.90
C GLU D 430 -21.10 -12.10 25.69
N SER D 431 -21.16 -11.87 26.99
CA SER D 431 -20.15 -12.36 27.92
C SER D 431 -19.97 -13.89 27.81
N ASP D 432 -21.05 -14.62 27.76
CA ASP D 432 -20.97 -16.09 27.59
C ASP D 432 -20.33 -16.49 26.26
N ARG D 433 -20.75 -15.81 25.19
CA ARG D 433 -20.20 -16.04 23.85
C ARG D 433 -18.71 -15.66 23.75
N LEU D 434 -18.31 -14.58 24.40
CA LEU D 434 -16.90 -14.24 24.43
C LEU D 434 -16.08 -15.30 25.23
N TYR D 435 -16.62 -15.76 26.35
CA TYR D 435 -15.89 -16.72 27.15
C TYR D 435 -15.70 -18.00 26.34
N VAL D 436 -16.79 -18.52 25.77
CA VAL D 436 -16.71 -19.77 25.01
C VAL D 436 -15.73 -19.61 23.85
N HIS D 437 -15.78 -18.46 23.18
CA HIS D 437 -14.88 -18.16 22.07
C HIS D 437 -13.41 -18.17 22.49
N SER D 438 -13.13 -17.67 23.69
CA SER D 438 -11.76 -17.65 24.22
C SER D 438 -11.11 -19.03 24.43
N LEU D 439 -11.93 -20.07 24.55
CA LEU D 439 -11.44 -21.43 24.71
C LEU D 439 -11.08 -22.07 23.36
N MET D 440 -11.49 -21.41 22.27
CA MET D 440 -11.41 -22.02 20.95
C MET D 440 -10.01 -21.84 20.38
N GLY D 441 -9.08 -22.68 20.83
CA GLY D 441 -7.72 -22.68 20.33
C GLY D 441 -7.53 -24.00 19.60
N ARG D 442 -7.04 -23.93 18.37
CA ARG D 442 -6.86 -25.16 17.61
C ARG D 442 -5.85 -26.09 18.26
N CYS D 443 -6.03 -27.37 18.01
CA CYS D 443 -5.17 -28.42 18.54
C CYS D 443 -5.15 -29.54 17.49
N LEU D 444 -4.04 -29.62 16.75
CA LEU D 444 -3.94 -30.42 15.52
C LEU D 444 -2.97 -31.59 15.64
N GLU D 445 -2.36 -31.76 16.79
CA GLU D 445 -1.43 -32.86 16.98
C GLU D 445 -2.21 -34.16 17.18
N PRO D 446 -1.83 -35.22 16.46
CA PRO D 446 -2.57 -36.49 16.52
C PRO D 446 -2.89 -37.01 17.94
N GLY D 447 -4.17 -37.35 18.16
CA GLY D 447 -4.62 -37.87 19.44
C GLY D 447 -4.74 -36.87 20.58
N LYS D 448 -4.59 -35.57 20.32
CA LYS D 448 -4.67 -34.58 21.39
C LYS D 448 -5.97 -33.79 21.27
N PHE D 449 -6.46 -33.33 22.41
CA PHE D 449 -7.72 -32.63 22.46
C PHE D 449 -7.64 -31.35 23.28
N ALA D 450 -8.22 -30.27 22.76
CA ALA D 450 -8.30 -29.01 23.50
C ALA D 450 -8.90 -29.30 24.88
N ASN D 451 -8.43 -28.56 25.88
CA ASN D 451 -8.81 -28.76 27.27
C ASN D 451 -10.32 -28.70 27.57
N TRP D 452 -11.12 -28.07 26.70
CA TRP D 452 -12.55 -27.96 26.92
C TRP D 452 -13.41 -29.12 26.42
N ILE D 453 -12.81 -30.12 25.78
CA ILE D 453 -13.57 -31.30 25.30
C ILE D 453 -12.84 -32.61 25.60
N ALA D 454 -13.57 -33.66 25.96
CA ALA D 454 -12.94 -34.96 26.22
C ALA D 454 -12.69 -35.71 24.92
N ALA D 455 -11.84 -36.73 25.01
CA ALA D 455 -11.59 -37.61 23.87
C ALA D 455 -12.86 -38.40 23.53
N PRO D 456 -13.11 -38.66 22.23
CA PRO D 456 -14.24 -39.53 21.91
C PRO D 456 -14.03 -40.97 22.40
N ALA D 457 -15.13 -41.73 22.48
CA ALA D 457 -15.12 -43.13 22.85
C ALA D 457 -14.35 -43.99 21.84
N ARG D 458 -14.46 -43.67 20.56
CA ARG D 458 -13.71 -44.38 19.53
C ARG D 458 -13.44 -43.55 18.28
N GLY D 459 -12.61 -44.08 17.38
CA GLY D 459 -12.23 -43.42 16.12
C GLY D 459 -13.24 -43.59 15.01
N ILE D 460 -12.75 -43.52 13.78
CA ILE D 460 -13.57 -43.64 12.58
C ILE D 460 -13.09 -44.83 11.77
N ASN D 461 -14.03 -45.58 11.20
CA ASN D 461 -13.69 -46.76 10.39
C ASN D 461 -12.70 -47.70 11.09
N ASN D 462 -12.78 -47.79 12.42
CA ASN D 462 -11.86 -48.64 13.22
C ASN D 462 -10.41 -48.18 13.25
N GLN D 463 -10.13 -46.96 12.84
CA GLN D 463 -8.79 -46.42 13.02
C GLN D 463 -8.70 -45.97 14.48
N PRO D 464 -7.50 -45.97 15.07
CA PRO D 464 -7.39 -45.42 16.42
C PRO D 464 -7.69 -43.91 16.52
N VAL D 465 -7.93 -43.43 17.73
CA VAL D 465 -8.27 -42.03 17.98
C VAL D 465 -7.10 -41.10 17.64
N ASN D 466 -5.88 -41.61 17.74
CA ASN D 466 -4.67 -40.82 17.42
C ASN D 466 -4.18 -40.97 15.96
N PHE D 467 -5.03 -41.54 15.10
CA PHE D 467 -4.83 -41.55 13.66
C PHE D 467 -4.77 -40.12 13.08
N GLU D 468 -4.06 -40.01 11.96
CA GLU D 468 -3.78 -38.74 11.28
C GLU D 468 -4.97 -38.47 10.35
N TYR D 469 -6.08 -38.05 10.96
CA TYR D 469 -7.34 -37.90 10.23
C TYR D 469 -7.32 -36.81 9.16
N VAL D 470 -6.48 -35.80 9.35
CA VAL D 470 -6.24 -34.81 8.32
C VAL D 470 -4.72 -34.65 8.17
N ARG D 471 -4.20 -34.73 6.95
CA ARG D 471 -2.80 -34.41 6.64
C ARG D 471 -2.78 -33.07 5.89
N PHE D 472 -1.97 -32.13 6.34
CA PHE D 472 -2.06 -30.74 5.85
C PHE D 472 -1.15 -30.49 4.66
N ASN D 473 -0.38 -31.55 4.36
CA ASN D 473 0.74 -31.53 3.45
C ASN D 473 1.76 -30.45 3.84
N TRP D 474 2.32 -30.64 5.04
CA TRP D 474 3.55 -29.95 5.51
C TRP D 474 4.38 -30.93 6.34
S SO4 E . 13.60 23.69 9.14
O1 SO4 E . 12.73 24.43 10.05
O2 SO4 E . 13.76 24.38 7.86
O3 SO4 E . 14.96 23.61 9.67
O4 SO4 E . 13.01 22.37 8.92
CL CL F . 27.74 -19.66 -8.48
FE FE G . 12.56 0.44 20.65
FE FE H . 12.67 -2.91 21.61
O OH I . 12.75 -0.93 22.10
S SO4 J . -9.97 -20.40 -32.64
O1 SO4 J . -11.26 -20.39 -31.92
O2 SO4 J . -9.05 -19.48 -31.98
O3 SO4 J . -9.22 -21.65 -32.68
O4 SO4 J . -10.27 -19.90 -33.97
S SO4 K . -5.55 -24.78 -41.49
O1 SO4 K . -6.63 -25.38 -40.70
O2 SO4 K . -5.06 -23.61 -40.79
O3 SO4 K . -4.41 -25.70 -41.66
O4 SO4 K . -6.08 -24.41 -42.81
CL CL L . 15.29 12.87 6.71
FE FE M . 17.06 -12.35 -22.31
FE FE N . 14.97 -9.84 -23.22
O OH O . 16.52 -10.99 -23.74
S SO4 P . 22.36 26.50 -0.18
O1 SO4 P . 21.95 25.84 1.07
O2 SO4 P . 22.02 27.91 -0.03
O3 SO4 P . 23.79 26.35 -0.45
O4 SO4 P . 21.67 25.89 -1.32
CL CL Q . 14.22 53.92 -0.99
FE FE R . 3.37 39.52 -6.50
FE FE S . 0.34 38.49 -7.69
O OH T . 2.31 38.44 -7.83
CL CL U . -39.68 -22.11 -6.29
FE FE V . -28.50 -32.00 4.87
FE FE W . -27.38 -32.41 8.07
O OH X . -27.67 -33.05 6.26
#